data_8ZQD
#
_entry.id   8ZQD
#
_cell.length_a   1.00
_cell.length_b   1.00
_cell.length_c   1.00
_cell.angle_alpha   90.00
_cell.angle_beta   90.00
_cell.angle_gamma   90.00
#
_symmetry.space_group_name_H-M   'P 1'
#
loop_
_entity.id
_entity.type
_entity.pdbx_description
1 polymer [FeFe]-hydrogenase
2 non-polymer 'ZINC ION'
3 non-polymer 'IRON/SULFUR CLUSTER'
4 non-polymer dicarbonyl[bis(cyanide-kappaC)]-mu-(iminodimethanethiolatato-1kappaS:2kappaS)-mu-(oxomethylidene)diiron(2+)
#
_entity_poly.entity_id   1
_entity_poly.type   'polypeptide(L)'
_entity_poly.pdbx_seq_one_letter_code
;MGDNKKSFIQSALGSVFSVFSEEELKELSNGRKIAICGKVNNPGIIEVPEGATLNEIIQLCGGLINKSNFKAAQIGLPFG
GFLTEDSLDKEFDFGIFYENIARTIIVLSQEDCIIQFEKFYIEYLLAKIKDGSYKNYEVVKEDITEMFNILNRISKGVSN
MREIYLLRNLAVTVKSKMNQKHNIMEEIIDKFYEEIEEHIEEKKCYTSQCNHLVKLTITKKCIGCGACKRACPVDCINGE
LKKKHEIDYNRCTHCGACVSACPVDAISAGDNTMLFLRDLATPNKVVITQMAPAVRVAIGEAFGFEPGENVEKKIAAGLR
KLGVDYVFDTSWGADLTIMEEAAELQERLERHLAGDESVKLPILTSCCPSWIKFIEQNYGDMLDVPSSAKSPMEMFAIVA
KEIWAKEKGLSRDEVTSVAIMPCIAKKYEASRAEFSVDMNYDVDYVITTRELIKIFENSGINLKEIEDEEIDTVMGEYTG
AGIIFGRTGGVIEAATRTALEKMTGERFDNIEFEGLRGWDGFRVCELEAGDIKLRIGVAHGLREAAKMLDKIRSGEEFFH
AIEIMACVGGCIGGGGQPKTKGNKQAALQKRAEGLNNIDRSKTLRRSNENPEVLAIYEKYLDHPLSNKAHELLHTVYFPR
VKKDDIWSVGVKLFGGGSGGGSGGGSWSHPQFEK
;
_entity_poly.pdbx_strand_id   A,B
#
loop_
_chem_comp.id
_chem_comp.type
_chem_comp.name
_chem_comp.formula
402 non-polymer dicarbonyl[bis(cyanide-kappaC)]-mu-(iminodimethanethiolatato-1kappaS:2kappaS)-mu-(oxomethylidene)diiron(2+) 'C7 H5 Fe2 N3 O3 S2 2'
SF4 non-polymer 'IRON/SULFUR CLUSTER' 'Fe4 S4'
ZN non-polymer 'ZINC ION' 'Zn 2'
#
# COMPACT_ATOMS: atom_id res chain seq x y z
N SER A 15 -29.60 -1.84 5.26
CA SER A 15 -30.95 -1.47 5.69
C SER A 15 -31.99 -1.99 4.71
N VAL A 16 -31.55 -2.26 3.48
CA VAL A 16 -32.46 -2.76 2.45
C VAL A 16 -32.94 -4.17 2.78
N PHE A 17 -32.17 -4.91 3.60
CA PHE A 17 -32.53 -6.27 3.97
C PHE A 17 -33.43 -6.35 5.19
N SER A 18 -33.74 -5.22 5.82
CA SER A 18 -34.60 -5.19 7.00
C SER A 18 -35.91 -4.45 6.74
N VAL A 19 -36.33 -4.37 5.48
CA VAL A 19 -37.55 -3.63 5.14
C VAL A 19 -38.79 -4.38 5.64
N PHE A 20 -38.84 -5.70 5.45
CA PHE A 20 -39.99 -6.50 5.80
C PHE A 20 -39.67 -7.40 6.99
N SER A 21 -40.63 -7.55 7.89
CA SER A 21 -40.44 -8.41 9.05
C SER A 21 -40.64 -9.87 8.67
N GLU A 22 -40.12 -10.75 9.52
CA GLU A 22 -40.21 -12.19 9.26
C GLU A 22 -41.65 -12.68 9.28
N GLU A 23 -42.49 -12.13 10.17
CA GLU A 23 -43.89 -12.55 10.23
C GLU A 23 -44.61 -12.21 8.93
N GLU A 24 -44.44 -10.98 8.44
CA GLU A 24 -45.10 -10.59 7.20
C GLU A 24 -44.45 -11.20 5.96
N LEU A 25 -43.21 -11.68 6.07
CA LEU A 25 -42.63 -12.46 4.98
C LEU A 25 -43.17 -13.89 4.95
N LYS A 26 -43.34 -14.51 6.13
CA LYS A 26 -43.84 -15.88 6.20
C LYS A 26 -45.36 -15.94 6.00
N GLU A 27 -46.07 -14.83 6.18
CA GLU A 27 -47.50 -14.83 5.86
C GLU A 27 -47.75 -15.01 4.36
N LEU A 28 -46.72 -14.85 3.53
CA LEU A 28 -46.81 -15.07 2.10
C LEU A 28 -46.35 -16.46 1.69
N SER A 29 -46.52 -17.47 2.55
CA SER A 29 -46.08 -18.82 2.21
C SER A 29 -46.80 -19.36 0.99
N ASN A 30 -48.09 -19.07 0.87
CA ASN A 30 -48.89 -19.48 -0.29
C ASN A 30 -49.90 -18.40 -0.60
N GLY A 31 -50.30 -18.35 -1.88
CA GLY A 31 -51.25 -17.34 -2.31
C GLY A 31 -50.71 -16.41 -3.37
N ARG A 32 -49.48 -16.69 -3.85
CA ARG A 32 -48.82 -15.99 -4.94
C ARG A 32 -48.39 -14.57 -4.57
N LYS A 33 -48.70 -14.10 -3.37
CA LYS A 33 -48.26 -12.77 -2.95
C LYS A 33 -46.78 -12.78 -2.61
N ILE A 34 -46.07 -11.76 -3.09
CA ILE A 34 -44.63 -11.64 -2.90
C ILE A 34 -44.31 -10.26 -2.35
N ALA A 35 -43.21 -10.17 -1.59
CA ALA A 35 -42.75 -8.89 -1.08
C ALA A 35 -41.62 -8.36 -1.97
N ILE A 36 -41.63 -7.07 -2.24
CA ILE A 36 -40.67 -6.45 -3.14
C ILE A 36 -40.11 -5.20 -2.49
N CYS A 37 -38.78 -5.08 -2.50
CA CYS A 37 -38.09 -3.90 -1.97
C CYS A 37 -36.86 -3.65 -2.83
N GLY A 38 -35.99 -2.77 -2.36
CA GLY A 38 -34.78 -2.45 -3.09
C GLY A 38 -34.83 -1.09 -3.75
N LYS A 39 -34.79 -1.07 -5.09
CA LYS A 39 -34.82 0.17 -5.85
C LYS A 39 -36.19 0.45 -6.46
N VAL A 40 -37.22 -0.24 -5.99
CA VAL A 40 -38.58 0.00 -6.49
C VAL A 40 -39.12 1.28 -5.89
N ASN A 41 -39.92 2.01 -6.67
CA ASN A 41 -40.46 3.28 -6.21
C ASN A 41 -41.38 3.09 -5.00
N ASN A 42 -42.18 2.02 -5.01
CA ASN A 42 -43.16 1.75 -3.96
C ASN A 42 -42.93 0.34 -3.44
N PRO A 43 -41.97 0.17 -2.54
CA PRO A 43 -41.76 -1.16 -1.94
C PRO A 43 -42.99 -1.61 -1.17
N GLY A 44 -43.27 -2.91 -1.23
CA GLY A 44 -44.42 -3.45 -0.54
C GLY A 44 -44.71 -4.87 -1.01
N ILE A 45 -45.87 -5.35 -0.58
CA ILE A 45 -46.34 -6.70 -0.91
C ILE A 45 -47.48 -6.58 -1.92
N ILE A 46 -47.30 -7.20 -3.08
CA ILE A 46 -48.29 -7.18 -4.14
C ILE A 46 -48.51 -8.60 -4.65
N GLU A 47 -49.66 -8.80 -5.30
CA GLU A 47 -50.00 -10.09 -5.88
C GLU A 47 -49.69 -10.05 -7.37
N VAL A 48 -48.74 -10.88 -7.80
CA VAL A 48 -48.39 -10.93 -9.22
C VAL A 48 -49.51 -11.64 -9.99
N PRO A 49 -49.97 -11.10 -11.11
CA PRO A 49 -51.03 -11.77 -11.87
C PRO A 49 -50.52 -13.02 -12.57
N GLU A 50 -51.44 -13.70 -13.25
CA GLU A 50 -51.11 -14.94 -13.93
C GLU A 50 -50.05 -14.71 -15.01
N GLY A 51 -50.37 -13.92 -16.02
CA GLY A 51 -49.41 -13.59 -17.06
C GLY A 51 -48.67 -12.32 -16.75
N ALA A 52 -47.46 -12.45 -16.20
CA ALA A 52 -46.68 -11.30 -15.79
C ALA A 52 -45.20 -11.67 -15.77
N THR A 53 -44.37 -10.76 -16.27
CA THR A 53 -42.92 -10.93 -16.26
C THR A 53 -42.30 -10.11 -15.13
N LEU A 54 -40.97 -10.21 -15.02
CA LEU A 54 -40.26 -9.44 -14.01
C LEU A 54 -40.40 -7.94 -14.25
N ASN A 55 -40.30 -7.53 -15.52
CA ASN A 55 -40.49 -6.11 -15.84
C ASN A 55 -41.89 -5.64 -15.51
N GLU A 56 -42.90 -6.47 -15.77
CA GLU A 56 -44.26 -6.11 -15.39
C GLU A 56 -44.42 -6.01 -13.88
N ILE A 57 -43.72 -6.86 -13.13
CA ILE A 57 -43.72 -6.74 -11.67
C ILE A 57 -43.11 -5.42 -11.24
N ILE A 58 -41.98 -5.05 -11.84
CA ILE A 58 -41.34 -3.78 -11.50
C ILE A 58 -42.27 -2.61 -11.82
N GLN A 59 -42.95 -2.67 -12.97
CA GLN A 59 -43.92 -1.63 -13.32
C GLN A 59 -45.06 -1.59 -12.30
N LEU A 60 -45.51 -2.76 -11.85
CA LEU A 60 -46.53 -2.79 -10.80
C LEU A 60 -46.03 -2.15 -9.51
N CYS A 61 -44.72 -2.19 -9.28
CA CYS A 61 -44.10 -1.52 -8.15
C CYS A 61 -43.83 -0.04 -8.41
N GLY A 62 -44.15 0.45 -9.60
CA GLY A 62 -43.89 1.84 -9.94
C GLY A 62 -42.55 2.11 -10.58
N GLY A 63 -41.85 1.09 -11.07
CA GLY A 63 -40.57 1.29 -11.70
C GLY A 63 -39.45 1.39 -10.68
N LEU A 64 -38.35 2.01 -11.11
CA LEU A 64 -37.18 2.20 -10.28
C LEU A 64 -37.01 3.68 -9.94
N ILE A 65 -36.14 3.96 -8.97
CA ILE A 65 -36.05 5.26 -8.30
C ILE A 65 -35.84 6.40 -9.28
N ASN A 66 -34.87 6.26 -10.18
CA ASN A 66 -34.52 7.33 -11.09
C ASN A 66 -34.47 6.86 -12.53
N LYS A 67 -35.41 6.00 -12.93
CA LYS A 67 -35.48 5.42 -14.27
C LYS A 67 -34.21 4.68 -14.64
N SER A 68 -33.46 4.22 -13.63
CA SER A 68 -32.24 3.47 -13.89
C SER A 68 -32.57 2.10 -14.48
N ASN A 69 -31.64 1.56 -15.25
CA ASN A 69 -31.84 0.23 -15.82
C ASN A 69 -31.76 -0.85 -14.74
N PHE A 70 -32.45 -1.95 -14.98
CA PHE A 70 -32.45 -3.07 -14.05
C PHE A 70 -31.11 -3.77 -14.09
N LYS A 71 -30.54 -4.05 -12.91
CA LYS A 71 -29.25 -4.71 -12.80
C LYS A 71 -29.35 -6.16 -12.35
N ALA A 72 -29.97 -6.41 -11.20
CA ALA A 72 -30.08 -7.75 -10.66
C ALA A 72 -31.21 -7.78 -9.65
N ALA A 73 -31.53 -8.98 -9.17
CA ALA A 73 -32.60 -9.17 -8.21
C ALA A 73 -32.28 -10.36 -7.32
N GLN A 74 -32.06 -10.10 -6.03
CA GLN A 74 -31.84 -11.18 -5.08
C GLN A 74 -33.16 -11.85 -4.73
N ILE A 75 -33.13 -13.18 -4.59
CA ILE A 75 -34.31 -13.98 -4.30
C ILE A 75 -34.28 -14.35 -2.82
N GLY A 76 -35.23 -13.82 -2.05
CA GLY A 76 -35.37 -14.14 -0.64
C GLY A 76 -34.34 -13.49 0.25
N LEU A 77 -34.72 -13.19 1.50
CA LEU A 77 -33.77 -12.68 2.48
C LEU A 77 -32.67 -13.71 2.71
N PRO A 78 -32.98 -14.99 2.89
CA PRO A 78 -31.95 -16.02 2.67
C PRO A 78 -31.68 -16.11 1.18
N PHE A 79 -30.41 -15.92 0.80
CA PHE A 79 -30.06 -15.79 -0.60
C PHE A 79 -30.48 -17.02 -1.40
N GLY A 80 -31.15 -16.78 -2.52
CA GLY A 80 -31.63 -17.85 -3.36
C GLY A 80 -31.34 -17.64 -4.82
N GLY A 81 -30.30 -16.86 -5.12
CA GLY A 81 -29.89 -16.61 -6.49
C GLY A 81 -30.16 -15.18 -6.91
N PHE A 82 -29.54 -14.82 -8.03
CA PHE A 82 -29.73 -13.52 -8.66
C PHE A 82 -30.45 -13.70 -9.99
N LEU A 83 -31.46 -12.86 -10.23
CA LEU A 83 -32.02 -12.72 -11.56
C LEU A 83 -31.27 -11.63 -12.30
N THR A 84 -31.21 -11.76 -13.63
CA THR A 84 -30.46 -10.83 -14.45
C THR A 84 -31.35 -10.33 -15.58
N GLU A 85 -30.74 -9.58 -16.51
CA GLU A 85 -31.51 -9.01 -17.61
C GLU A 85 -32.09 -10.07 -18.53
N ASP A 86 -31.45 -11.25 -18.60
CA ASP A 86 -31.97 -12.33 -19.41
C ASP A 86 -33.32 -12.85 -18.90
N SER A 87 -33.57 -12.77 -17.59
CA SER A 87 -34.86 -13.15 -17.04
C SER A 87 -35.81 -11.98 -16.91
N LEU A 88 -35.39 -10.77 -17.28
CA LEU A 88 -36.26 -9.60 -17.19
C LEU A 88 -37.46 -9.72 -18.13
N ASP A 89 -37.23 -10.17 -19.36
CA ASP A 89 -38.30 -10.30 -20.33
C ASP A 89 -39.08 -11.61 -20.21
N LYS A 90 -38.60 -12.55 -19.42
CA LYS A 90 -39.25 -13.84 -19.26
C LYS A 90 -40.28 -13.79 -18.13
N GLU A 91 -41.27 -14.67 -18.21
CA GLU A 91 -42.30 -14.73 -17.18
C GLU A 91 -41.69 -15.12 -15.85
N PHE A 92 -42.22 -14.52 -14.77
CA PHE A 92 -41.71 -14.79 -13.43
C PHE A 92 -42.03 -16.24 -13.06
N ASP A 93 -40.99 -17.07 -12.97
CA ASP A 93 -41.17 -18.49 -12.69
C ASP A 93 -41.10 -18.69 -11.17
N PHE A 94 -42.17 -19.25 -10.60
CA PHE A 94 -42.16 -19.59 -9.19
C PHE A 94 -41.36 -20.87 -8.97
N GLY A 95 -41.25 -21.27 -7.70
CA GLY A 95 -40.40 -22.37 -7.31
C GLY A 95 -39.00 -21.98 -6.91
N ILE A 96 -38.59 -20.74 -7.23
CA ILE A 96 -37.31 -20.22 -6.77
C ILE A 96 -37.30 -20.04 -5.26
N PHE A 97 -38.48 -19.98 -4.64
CA PHE A 97 -38.59 -19.99 -3.19
C PHE A 97 -38.73 -21.43 -2.69
N TYR A 98 -37.64 -22.18 -2.85
CA TYR A 98 -37.69 -23.63 -2.66
C TYR A 98 -38.05 -24.00 -1.21
N GLU A 99 -37.16 -23.74 -0.26
CA GLU A 99 -37.45 -24.07 1.13
C GLU A 99 -36.76 -23.07 2.05
N ASN A 100 -37.44 -22.73 3.14
CA ASN A 100 -36.88 -21.88 4.21
C ASN A 100 -36.39 -20.55 3.65
N ILE A 101 -37.09 -20.04 2.65
CA ILE A 101 -36.75 -18.77 2.02
C ILE A 101 -38.04 -17.98 1.80
N ALA A 102 -38.02 -16.71 2.21
CA ALA A 102 -39.20 -15.87 2.09
C ALA A 102 -39.48 -15.54 0.64
N ARG A 103 -40.76 -15.48 0.28
CA ARG A 103 -41.18 -15.12 -1.07
C ARG A 103 -41.01 -13.61 -1.24
N THR A 104 -39.76 -13.19 -1.42
CA THR A 104 -39.45 -11.78 -1.57
C THR A 104 -38.28 -11.61 -2.53
N ILE A 105 -38.24 -10.44 -3.17
CA ILE A 105 -37.18 -10.09 -4.11
C ILE A 105 -36.64 -8.71 -3.76
N ILE A 106 -35.33 -8.57 -3.75
CA ILE A 106 -34.66 -7.29 -3.54
C ILE A 106 -34.12 -6.85 -4.89
N VAL A 107 -34.62 -5.73 -5.39
CA VAL A 107 -34.31 -5.27 -6.74
C VAL A 107 -33.06 -4.41 -6.73
N LEU A 108 -32.13 -4.72 -7.62
CA LEU A 108 -30.91 -3.93 -7.81
C LEU A 108 -30.98 -3.21 -9.15
N SER A 109 -30.66 -1.92 -9.14
CA SER A 109 -30.60 -1.12 -10.34
C SER A 109 -29.15 -0.79 -10.67
N GLN A 110 -28.94 -0.01 -11.72
CA GLN A 110 -27.59 0.41 -12.11
C GLN A 110 -26.96 1.35 -11.10
N GLU A 111 -27.68 1.73 -10.03
CA GLU A 111 -27.12 2.53 -8.95
C GLU A 111 -26.69 1.70 -7.76
N ASP A 112 -26.71 0.37 -7.88
CA ASP A 112 -26.32 -0.53 -6.79
C ASP A 112 -24.95 -1.12 -7.12
N CYS A 113 -23.99 -0.89 -6.23
CA CYS A 113 -22.72 -1.60 -6.33
C CYS A 113 -22.85 -2.99 -5.73
N ILE A 114 -22.37 -4.00 -6.45
CA ILE A 114 -22.48 -5.36 -5.96
C ILE A 114 -21.62 -5.56 -4.72
N ILE A 115 -20.47 -4.89 -4.63
CA ILE A 115 -19.62 -5.00 -3.45
C ILE A 115 -20.34 -4.44 -2.23
N GLN A 116 -20.94 -3.25 -2.36
CA GLN A 116 -21.69 -2.66 -1.27
C GLN A 116 -22.90 -3.51 -0.91
N PHE A 117 -23.55 -4.09 -1.92
CA PHE A 117 -24.71 -4.93 -1.69
C PHE A 117 -24.32 -6.17 -0.87
N GLU A 118 -23.20 -6.80 -1.22
CA GLU A 118 -22.78 -7.98 -0.47
C GLU A 118 -22.29 -7.61 0.92
N LYS A 119 -21.65 -6.45 1.06
CA LYS A 119 -21.25 -5.98 2.39
C LYS A 119 -22.48 -5.79 3.27
N PHE A 120 -23.53 -5.18 2.72
CA PHE A 120 -24.78 -5.00 3.46
C PHE A 120 -25.41 -6.34 3.79
N TYR A 121 -25.37 -7.30 2.86
CA TYR A 121 -25.93 -8.62 3.13
C TYR A 121 -25.18 -9.32 4.27
N ILE A 122 -23.86 -9.22 4.28
CA ILE A 122 -23.08 -9.84 5.36
C ILE A 122 -23.34 -9.14 6.68
N GLU A 123 -23.50 -7.82 6.65
CA GLU A 123 -23.87 -7.08 7.87
C GLU A 123 -25.23 -7.54 8.38
N TYR A 124 -26.18 -7.73 7.47
CA TYR A 124 -27.50 -8.23 7.86
C TYR A 124 -27.41 -9.63 8.47
N LEU A 125 -26.59 -10.49 7.87
CA LEU A 125 -26.41 -11.83 8.42
C LEU A 125 -25.81 -11.78 9.81
N LEU A 126 -24.79 -10.93 10.01
CA LEU A 126 -24.17 -10.81 11.33
C LEU A 126 -25.16 -10.25 12.35
N ALA A 127 -25.95 -9.26 11.95
CA ALA A 127 -26.97 -8.71 12.84
C ALA A 127 -28.04 -9.73 13.20
N LYS A 128 -28.32 -10.68 12.31
CA LYS A 128 -29.22 -11.77 12.68
C LYS A 128 -28.53 -12.75 13.63
N ILE A 129 -27.27 -13.11 13.35
CA ILE A 129 -26.55 -14.07 14.17
C ILE A 129 -26.37 -13.55 15.60
N LYS A 130 -26.26 -12.23 15.76
CA LYS A 130 -26.08 -11.68 17.09
C LYS A 130 -27.26 -11.98 18.01
N ASP A 131 -28.40 -12.36 17.45
CA ASP A 131 -29.57 -12.75 18.24
C ASP A 131 -29.98 -14.16 17.80
N GLY A 132 -31.15 -14.60 18.28
CA GLY A 132 -31.59 -15.96 18.04
C GLY A 132 -31.91 -16.29 16.59
N SER A 133 -32.27 -15.30 15.78
CA SER A 133 -32.57 -15.54 14.37
C SER A 133 -31.31 -15.96 13.62
N TYR A 134 -31.50 -16.85 12.65
CA TYR A 134 -30.39 -17.38 11.84
C TYR A 134 -29.30 -17.96 12.76
N LYS A 135 -29.72 -18.70 13.78
CA LYS A 135 -28.76 -19.25 14.74
C LYS A 135 -27.85 -20.29 14.09
N ASN A 136 -28.34 -20.97 13.05
CA ASN A 136 -27.51 -21.97 12.37
C ASN A 136 -26.38 -21.34 11.57
N TYR A 137 -26.40 -20.02 11.40
CA TYR A 137 -25.32 -19.33 10.67
C TYR A 137 -24.12 -19.03 11.53
N GLU A 138 -24.13 -19.41 12.82
CA GLU A 138 -23.00 -19.13 13.70
C GLU A 138 -21.75 -19.89 13.26
N VAL A 139 -21.92 -21.03 12.59
CA VAL A 139 -20.79 -21.82 12.14
C VAL A 139 -19.97 -21.10 11.08
N VAL A 140 -20.63 -20.33 10.19
CA VAL A 140 -19.94 -19.61 9.14
C VAL A 140 -19.65 -18.16 9.51
N LYS A 141 -19.73 -17.81 10.80
CA LYS A 141 -19.56 -16.42 11.21
C LYS A 141 -18.17 -15.91 10.85
N GLU A 142 -17.13 -16.70 11.16
CA GLU A 142 -15.77 -16.27 10.86
C GLU A 142 -15.52 -16.16 9.37
N ASP A 143 -16.04 -17.10 8.58
CA ASP A 143 -15.84 -17.06 7.14
C ASP A 143 -16.53 -15.86 6.51
N ILE A 144 -17.77 -15.58 6.93
CA ILE A 144 -18.46 -14.41 6.39
C ILE A 144 -17.82 -13.11 6.89
N THR A 145 -17.24 -13.13 8.10
CA THR A 145 -16.51 -11.95 8.57
C THR A 145 -15.27 -11.70 7.72
N GLU A 146 -14.55 -12.77 7.37
CA GLU A 146 -13.40 -12.61 6.49
C GLU A 146 -13.81 -12.15 5.09
N MET A 147 -14.94 -12.67 4.59
CA MET A 147 -15.46 -12.15 3.32
C MET A 147 -15.78 -10.66 3.43
N PHE A 148 -16.37 -10.24 4.55
CA PHE A 148 -16.69 -8.84 4.74
C PHE A 148 -15.43 -8.00 4.77
N ASN A 149 -14.38 -8.49 5.44
CA ASN A 149 -13.11 -7.76 5.48
C ASN A 149 -12.50 -7.63 4.09
N ILE A 150 -12.54 -8.71 3.30
CA ILE A 150 -12.01 -8.67 1.94
C ILE A 150 -12.80 -7.68 1.09
N LEU A 151 -14.13 -7.73 1.21
CA LEU A 151 -14.98 -6.81 0.43
C LEU A 151 -14.77 -5.36 0.87
N ASN A 152 -14.56 -5.14 2.16
CA ASN A 152 -14.26 -3.80 2.64
C ASN A 152 -12.94 -3.29 2.08
N ARG A 153 -11.94 -4.17 2.02
CA ARG A 153 -10.66 -3.80 1.40
C ARG A 153 -10.86 -3.50 -0.08
N ILE A 154 -11.72 -4.26 -0.77
CA ILE A 154 -12.01 -3.99 -2.17
C ILE A 154 -12.66 -2.61 -2.32
N SER A 155 -13.66 -2.34 -1.48
CA SER A 155 -14.38 -1.06 -1.56
C SER A 155 -13.50 0.11 -1.16
N LYS A 156 -12.46 -0.12 -0.38
CA LYS A 156 -11.51 0.93 0.00
C LYS A 156 -10.35 1.04 -0.96
N GLY A 157 -10.26 0.17 -1.96
CA GLY A 157 -9.16 0.23 -2.91
C GLY A 157 -7.84 -0.27 -2.39
N VAL A 158 -7.84 -1.10 -1.34
CA VAL A 158 -6.61 -1.60 -0.75
C VAL A 158 -6.58 -3.12 -0.83
N SER A 159 -7.15 -3.67 -1.89
CA SER A 159 -7.24 -5.11 -2.10
C SER A 159 -6.36 -5.53 -3.27
N ASN A 160 -6.46 -6.80 -3.64
CA ASN A 160 -5.67 -7.35 -4.74
C ASN A 160 -6.50 -8.39 -5.47
N MET A 161 -5.95 -8.86 -6.60
CA MET A 161 -6.62 -9.87 -7.40
C MET A 161 -6.74 -11.20 -6.66
N ARG A 162 -5.73 -11.56 -5.87
CA ARG A 162 -5.74 -12.83 -5.16
C ARG A 162 -6.82 -12.90 -4.10
N GLU A 163 -7.32 -11.74 -3.66
CA GLU A 163 -8.43 -11.75 -2.71
C GLU A 163 -9.70 -12.31 -3.35
N ILE A 164 -9.81 -12.24 -4.67
CA ILE A 164 -10.93 -12.90 -5.35
C ILE A 164 -10.83 -14.42 -5.22
N TYR A 165 -9.62 -14.95 -5.36
CA TYR A 165 -9.43 -16.39 -5.13
C TYR A 165 -9.73 -16.76 -3.68
N LEU A 166 -9.33 -15.90 -2.74
CA LEU A 166 -9.68 -16.12 -1.34
C LEU A 166 -11.20 -16.13 -1.14
N LEU A 167 -11.90 -15.21 -1.81
CA LEU A 167 -13.35 -15.17 -1.74
C LEU A 167 -13.97 -16.43 -2.35
N ARG A 168 -13.39 -16.93 -3.44
CA ARG A 168 -13.86 -18.18 -4.02
C ARG A 168 -13.76 -19.31 -3.01
N ASN A 169 -12.61 -19.42 -2.36
CA ASN A 169 -12.42 -20.47 -1.35
C ASN A 169 -13.40 -20.31 -0.19
N LEU A 170 -13.61 -19.08 0.25
CA LEU A 170 -14.53 -18.83 1.36
C LEU A 170 -15.96 -19.18 0.97
N ALA A 171 -16.37 -18.85 -0.26
CA ALA A 171 -17.70 -19.20 -0.73
C ALA A 171 -17.87 -20.71 -0.82
N VAL A 172 -16.84 -21.41 -1.28
CA VAL A 172 -16.89 -22.87 -1.32
C VAL A 172 -17.06 -23.43 0.08
N THR A 173 -16.30 -22.87 1.04
CA THR A 173 -16.39 -23.35 2.42
C THR A 173 -17.76 -23.11 3.01
N VAL A 174 -18.33 -21.92 2.82
CA VAL A 174 -19.61 -21.58 3.42
C VAL A 174 -20.75 -22.37 2.77
N LYS A 175 -20.69 -22.53 1.45
CA LYS A 175 -21.76 -23.25 0.75
C LYS A 175 -21.84 -24.71 1.21
N SER A 176 -20.68 -25.34 1.42
CA SER A 176 -20.67 -26.75 1.77
C SER A 176 -21.24 -26.98 3.17
N LYS A 177 -20.78 -26.21 4.16
CA LYS A 177 -21.17 -26.46 5.54
C LYS A 177 -22.52 -25.84 5.91
N MET A 178 -23.09 -25.00 5.05
CA MET A 178 -24.44 -24.50 5.24
C MET A 178 -25.49 -25.32 4.49
N ASN A 179 -25.06 -26.26 3.64
CA ASN A 179 -25.97 -27.08 2.84
C ASN A 179 -26.93 -26.21 2.03
N GLN A 180 -26.40 -25.13 1.47
CA GLN A 180 -27.19 -24.19 0.69
C GLN A 180 -26.94 -24.40 -0.80
N LYS A 181 -28.01 -24.36 -1.59
CA LYS A 181 -27.90 -24.53 -3.02
C LYS A 181 -27.55 -23.25 -3.76
N HIS A 182 -27.55 -22.11 -3.07
CA HIS A 182 -27.12 -20.84 -3.63
C HIS A 182 -26.28 -20.09 -2.61
N ASN A 183 -25.10 -19.64 -3.04
CA ASN A 183 -24.22 -18.83 -2.20
C ASN A 183 -24.01 -17.49 -2.89
N ILE A 184 -24.18 -16.41 -2.13
CA ILE A 184 -24.17 -15.07 -2.72
C ILE A 184 -22.77 -14.71 -3.22
N MET A 185 -21.73 -15.10 -2.49
CA MET A 185 -20.37 -14.82 -2.92
C MET A 185 -20.05 -15.56 -4.22
N GLU A 186 -20.44 -16.83 -4.30
CA GLU A 186 -20.17 -17.61 -5.51
C GLU A 186 -20.90 -17.04 -6.72
N GLU A 187 -22.17 -16.68 -6.55
CA GLU A 187 -22.94 -16.16 -7.67
C GLU A 187 -22.48 -14.77 -8.09
N ILE A 188 -22.07 -13.95 -7.12
CA ILE A 188 -21.55 -12.63 -7.45
C ILE A 188 -20.27 -12.76 -8.28
N ILE A 189 -19.37 -13.66 -7.88
CA ILE A 189 -18.16 -13.88 -8.66
C ILE A 189 -18.52 -14.34 -10.08
N ASP A 190 -19.54 -15.18 -10.20
CA ASP A 190 -19.93 -15.71 -11.49
C ASP A 190 -20.51 -14.61 -12.39
N LYS A 191 -21.31 -13.72 -11.83
CA LYS A 191 -22.12 -12.81 -12.64
C LYS A 191 -21.57 -11.40 -12.76
N PHE A 192 -21.00 -10.84 -11.70
CA PHE A 192 -20.49 -9.47 -11.71
C PHE A 192 -18.98 -9.44 -11.57
N TYR A 193 -18.30 -10.42 -12.19
CA TYR A 193 -16.85 -10.46 -12.13
C TYR A 193 -16.23 -9.23 -12.78
N GLU A 194 -16.87 -8.70 -13.83
CA GLU A 194 -16.38 -7.48 -14.45
C GLU A 194 -16.42 -6.31 -13.49
N GLU A 195 -17.51 -6.19 -12.72
CA GLU A 195 -17.60 -5.13 -11.73
C GLU A 195 -16.56 -5.29 -10.63
N ILE A 196 -16.36 -6.54 -10.17
CA ILE A 196 -15.35 -6.77 -9.12
C ILE A 196 -13.96 -6.44 -9.65
N GLU A 197 -13.66 -6.87 -10.88
CA GLU A 197 -12.36 -6.60 -11.47
C GLU A 197 -12.14 -5.10 -11.67
N GLU A 198 -13.19 -4.38 -12.09
CA GLU A 198 -13.08 -2.93 -12.19
C GLU A 198 -12.78 -2.31 -10.83
N HIS A 199 -13.49 -2.76 -9.80
CA HIS A 199 -13.26 -2.27 -8.44
C HIS A 199 -11.80 -2.46 -8.03
N ILE A 200 -11.25 -3.64 -8.30
CA ILE A 200 -9.91 -3.94 -7.80
C ILE A 200 -8.83 -3.30 -8.67
N GLU A 201 -8.83 -3.60 -9.98
CA GLU A 201 -7.77 -3.10 -10.84
C GLU A 201 -7.88 -1.61 -11.12
N GLU A 202 -9.08 -1.11 -11.43
CA GLU A 202 -9.22 0.28 -11.83
C GLU A 202 -9.47 1.21 -10.66
N LYS A 203 -9.66 0.68 -9.44
CA LYS A 203 -10.02 1.49 -8.28
C LYS A 203 -11.25 2.35 -8.57
N LYS A 204 -12.20 1.77 -9.30
CA LYS A 204 -13.35 2.51 -9.79
C LYS A 204 -14.63 1.77 -9.42
N CYS A 205 -15.57 2.50 -8.82
CA CYS A 205 -16.93 2.01 -8.57
C CYS A 205 -17.85 2.75 -9.55
N TYR A 206 -18.28 2.04 -10.59
CA TYR A 206 -19.04 2.70 -11.66
C TYR A 206 -20.39 3.18 -11.19
N THR A 207 -20.94 2.63 -10.10
CA THR A 207 -22.16 3.13 -9.50
C THR A 207 -21.91 4.22 -8.47
N SER A 208 -20.65 4.48 -8.13
CA SER A 208 -20.24 5.51 -7.17
C SER A 208 -20.79 5.26 -5.77
N GLN A 209 -21.16 4.02 -5.45
CA GLN A 209 -21.58 3.71 -4.10
C GLN A 209 -20.41 3.59 -3.15
N CYS A 210 -19.27 3.09 -3.62
CA CYS A 210 -18.05 3.06 -2.82
C CYS A 210 -17.46 4.45 -2.81
N ASN A 211 -17.64 5.17 -1.70
CA ASN A 211 -17.19 6.55 -1.62
C ASN A 211 -15.68 6.68 -1.70
N HIS A 212 -14.94 5.59 -1.51
CA HIS A 212 -13.49 5.64 -1.63
C HIS A 212 -13.00 5.37 -3.04
N LEU A 213 -13.88 4.97 -3.95
CA LEU A 213 -13.50 4.64 -5.32
C LEU A 213 -14.30 5.46 -6.33
N VAL A 214 -14.63 6.69 -5.98
CA VAL A 214 -15.49 7.52 -6.82
C VAL A 214 -14.66 8.18 -7.91
N LYS A 215 -15.11 8.03 -9.16
CA LYS A 215 -14.52 8.69 -10.31
C LYS A 215 -15.56 9.58 -10.96
N LEU A 216 -15.11 10.72 -11.49
CA LEU A 216 -16.03 11.64 -12.15
C LEU A 216 -16.54 11.02 -13.45
N THR A 217 -17.85 10.78 -13.51
CA THR A 217 -18.47 10.10 -14.64
C THR A 217 -19.55 10.99 -15.22
N ILE A 218 -19.55 11.13 -16.54
CA ILE A 218 -20.60 11.87 -17.24
C ILE A 218 -21.78 10.93 -17.43
N THR A 219 -22.96 11.35 -16.95
CA THR A 219 -24.15 10.51 -17.02
C THR A 219 -24.86 10.70 -18.35
N LYS A 220 -25.98 9.98 -18.51
CA LYS A 220 -26.67 9.94 -19.79
C LYS A 220 -27.40 11.24 -20.12
N LYS A 221 -27.64 12.11 -19.14
CA LYS A 221 -28.32 13.36 -19.39
C LYS A 221 -27.41 14.42 -20.00
N CYS A 222 -26.22 14.04 -20.48
CA CYS A 222 -25.34 14.97 -21.17
C CYS A 222 -25.98 15.43 -22.48
N ILE A 223 -25.87 16.73 -22.76
CA ILE A 223 -26.41 17.30 -23.99
C ILE A 223 -25.32 17.58 -25.02
N GLY A 224 -24.06 17.31 -24.65
CA GLY A 224 -22.96 17.52 -25.57
C GLY A 224 -22.69 18.96 -25.94
N CYS A 225 -22.78 19.88 -24.98
CA CYS A 225 -22.52 21.29 -25.27
C CYS A 225 -21.02 21.59 -25.35
N GLY A 226 -20.17 20.73 -24.80
CA GLY A 226 -18.74 20.93 -24.85
C GLY A 226 -18.17 21.85 -23.80
N ALA A 227 -19.00 22.36 -22.87
CA ALA A 227 -18.50 23.26 -21.85
C ALA A 227 -17.48 22.58 -20.95
N CYS A 228 -17.73 21.31 -20.59
CA CYS A 228 -16.78 20.58 -19.76
C CYS A 228 -15.45 20.39 -20.49
N LYS A 229 -15.51 20.06 -21.78
CA LYS A 229 -14.29 19.90 -22.56
C LYS A 229 -13.51 21.20 -22.64
N ARG A 230 -14.22 22.32 -22.83
CA ARG A 230 -13.54 23.61 -22.86
C ARG A 230 -12.92 23.96 -21.51
N ALA A 231 -13.61 23.63 -20.41
CA ALA A 231 -13.14 24.03 -19.10
C ALA A 231 -12.08 23.08 -18.54
N CYS A 232 -11.92 21.90 -19.14
CA CYS A 232 -10.97 20.92 -18.61
C CYS A 232 -9.54 21.40 -18.78
N PRO A 233 -8.73 21.46 -17.71
CA PRO A 233 -7.37 21.97 -17.88
C PRO A 233 -6.40 20.97 -18.48
N VAL A 234 -6.64 19.67 -18.30
CA VAL A 234 -5.71 18.65 -18.78
C VAL A 234 -6.23 17.93 -20.01
N ASP A 235 -7.28 18.46 -20.66
CA ASP A 235 -7.85 17.87 -21.88
C ASP A 235 -8.22 16.41 -21.65
N CYS A 236 -8.87 16.15 -20.52
CA CYS A 236 -9.20 14.80 -20.09
C CYS A 236 -10.53 14.31 -20.66
N ILE A 237 -11.29 15.18 -21.31
CA ILE A 237 -12.65 14.88 -21.74
C ILE A 237 -12.70 14.80 -23.25
N ASN A 238 -13.25 13.70 -23.76
CA ASN A 238 -13.46 13.54 -25.19
C ASN A 238 -14.95 13.48 -25.50
N GLY A 239 -15.30 13.97 -26.69
CA GLY A 239 -16.68 13.97 -27.11
C GLY A 239 -16.89 14.88 -28.30
N GLU A 240 -18.11 14.81 -28.85
CA GLU A 240 -18.49 15.58 -30.01
C GLU A 240 -19.75 16.37 -29.70
N LEU A 241 -20.07 17.30 -30.58
CA LEU A 241 -21.21 18.19 -30.37
C LEU A 241 -22.51 17.42 -30.35
N LYS A 242 -23.39 17.77 -29.40
CA LYS A 242 -24.74 17.27 -29.24
C LYS A 242 -24.81 15.80 -28.83
N LYS A 243 -23.69 15.17 -28.48
CA LYS A 243 -23.71 13.79 -28.01
C LYS A 243 -22.87 13.66 -26.75
N LYS A 244 -23.02 12.50 -26.10
CA LYS A 244 -22.46 12.30 -24.77
C LYS A 244 -20.95 12.38 -24.77
N HIS A 245 -20.40 13.03 -23.75
CA HIS A 245 -18.96 13.11 -23.55
C HIS A 245 -18.51 12.08 -22.53
N GLU A 246 -17.20 11.85 -22.48
CA GLU A 246 -16.63 10.87 -21.57
C GLU A 246 -15.38 11.44 -20.91
N ILE A 247 -15.23 11.16 -19.62
CA ILE A 247 -14.07 11.64 -18.86
C ILE A 247 -13.09 10.48 -18.68
N ASP A 248 -11.84 10.70 -19.04
CA ASP A 248 -10.77 9.74 -18.79
C ASP A 248 -10.34 9.82 -17.33
N TYR A 249 -10.97 9.02 -16.46
CA TYR A 249 -10.72 9.13 -15.03
C TYR A 249 -9.27 8.81 -14.67
N ASN A 250 -8.54 8.12 -15.53
CA ASN A 250 -7.13 7.85 -15.25
C ASN A 250 -6.31 9.14 -15.20
N ARG A 251 -6.55 10.07 -16.12
CA ARG A 251 -5.84 11.34 -16.13
C ARG A 251 -6.61 12.47 -15.44
N CYS A 252 -7.80 12.18 -14.90
CA CYS A 252 -8.58 13.21 -14.25
C CYS A 252 -7.92 13.68 -12.96
N THR A 253 -7.89 14.98 -12.76
CA THR A 253 -7.34 15.59 -11.54
C THR A 253 -8.40 15.85 -10.49
N HIS A 254 -9.67 15.61 -10.80
CA HIS A 254 -10.81 15.85 -9.90
C HIS A 254 -10.93 17.31 -9.49
N CYS A 255 -10.48 18.24 -10.33
CA CYS A 255 -10.58 19.66 -9.98
C CYS A 255 -12.02 20.14 -9.94
N GLY A 256 -12.91 19.48 -10.69
CA GLY A 256 -14.31 19.85 -10.66
C GLY A 256 -14.68 21.03 -11.51
N ALA A 257 -13.78 21.50 -12.38
CA ALA A 257 -14.12 22.60 -13.27
C ALA A 257 -15.22 22.19 -14.25
N CYS A 258 -15.18 20.96 -14.73
CA CYS A 258 -16.22 20.46 -15.62
C CYS A 258 -17.57 20.43 -14.92
N VAL A 259 -17.60 20.05 -13.64
CA VAL A 259 -18.84 20.02 -12.89
C VAL A 259 -19.44 21.42 -12.78
N SER A 260 -18.61 22.43 -12.53
CA SER A 260 -19.11 23.80 -12.48
C SER A 260 -19.57 24.27 -13.86
N ALA A 261 -18.88 23.86 -14.92
CA ALA A 261 -19.22 24.34 -16.25
C ALA A 261 -20.46 23.65 -16.80
N CYS A 262 -20.81 22.48 -16.25
CA CYS A 262 -21.90 21.70 -16.81
C CYS A 262 -23.24 22.39 -16.55
N PRO A 263 -24.03 22.67 -17.59
CA PRO A 263 -25.32 23.35 -17.36
C PRO A 263 -26.44 22.43 -16.93
N VAL A 264 -26.32 21.12 -17.15
CA VAL A 264 -27.41 20.18 -16.88
C VAL A 264 -27.07 19.21 -15.75
N ASP A 265 -25.97 19.46 -15.03
CA ASP A 265 -25.56 18.62 -13.90
C ASP A 265 -25.39 17.17 -14.31
N ALA A 266 -24.87 16.93 -15.51
CA ALA A 266 -24.68 15.57 -16.00
C ALA A 266 -23.41 14.92 -15.47
N ILE A 267 -22.52 15.69 -14.85
CA ILE A 267 -21.23 15.18 -14.38
C ILE A 267 -21.39 14.84 -12.90
N SER A 268 -21.36 13.55 -12.59
CA SER A 268 -21.53 13.08 -11.22
C SER A 268 -20.20 12.69 -10.61
N ALA A 269 -20.08 12.93 -9.31
CA ALA A 269 -18.88 12.55 -8.55
C ALA A 269 -19.31 11.90 -7.23
N GLY A 270 -20.30 11.01 -7.31
CA GLY A 270 -20.80 10.35 -6.12
C GLY A 270 -21.68 11.23 -5.28
N ASP A 271 -22.23 10.68 -4.21
CA ASP A 271 -23.10 11.45 -3.32
C ASP A 271 -23.17 10.71 -1.99
N ASN A 272 -22.64 11.31 -0.94
CA ASN A 272 -22.63 10.73 0.39
C ASN A 272 -23.80 11.21 1.25
N THR A 273 -24.84 11.77 0.62
CA THR A 273 -25.99 12.27 1.37
C THR A 273 -26.67 11.14 2.15
N MET A 274 -26.87 9.99 1.50
CA MET A 274 -27.51 8.88 2.19
C MET A 274 -26.66 8.40 3.35
N LEU A 275 -25.35 8.28 3.16
CA LEU A 275 -24.47 7.89 4.25
C LEU A 275 -24.55 8.87 5.41
N PHE A 276 -24.56 10.17 5.09
CA PHE A 276 -24.64 11.20 6.13
C PHE A 276 -25.95 11.09 6.90
N LEU A 277 -27.06 10.88 6.20
CA LEU A 277 -28.36 10.77 6.86
C LEU A 277 -28.42 9.55 7.76
N ARG A 278 -27.93 8.40 7.28
CA ARG A 278 -27.91 7.21 8.14
C ARG A 278 -27.01 7.42 9.35
N ASP A 279 -25.86 8.06 9.15
CA ASP A 279 -24.95 8.32 10.28
C ASP A 279 -25.61 9.22 11.30
N LEU A 280 -26.32 10.25 10.85
CA LEU A 280 -27.00 11.16 11.78
C LEU A 280 -28.13 10.45 12.51
N ALA A 281 -28.88 9.58 11.82
CA ALA A 281 -30.00 8.89 12.44
C ALA A 281 -29.57 7.70 13.29
N THR A 282 -28.32 7.26 13.20
CA THR A 282 -27.86 6.12 13.99
C THR A 282 -27.72 6.52 15.45
N PRO A 283 -28.39 5.85 16.38
CA PRO A 283 -28.23 6.17 17.81
C PRO A 283 -26.83 5.82 18.29
N ASN A 284 -26.37 6.57 19.30
CA ASN A 284 -25.06 6.41 19.94
C ASN A 284 -23.91 6.60 18.96
N LYS A 285 -24.15 7.21 17.81
CA LYS A 285 -23.10 7.46 16.82
C LYS A 285 -22.71 8.93 16.87
N VAL A 286 -21.48 9.21 17.28
CA VAL A 286 -20.99 10.58 17.38
C VAL A 286 -20.61 11.06 15.98
N VAL A 287 -21.30 12.10 15.52
CA VAL A 287 -21.05 12.68 14.20
C VAL A 287 -20.56 14.11 14.40
N ILE A 288 -19.39 14.42 13.87
CA ILE A 288 -18.80 15.75 13.92
C ILE A 288 -18.60 16.23 12.49
N THR A 289 -18.62 17.54 12.31
CA THR A 289 -18.46 18.15 11.00
C THR A 289 -17.41 19.25 11.06
N GLN A 290 -16.66 19.38 9.97
CA GLN A 290 -15.76 20.50 9.75
C GLN A 290 -16.19 21.22 8.48
N MET A 291 -16.23 22.54 8.55
CA MET A 291 -16.73 23.37 7.46
C MET A 291 -15.58 24.15 6.83
N ALA A 292 -15.45 24.03 5.51
CA ALA A 292 -14.42 24.76 4.80
C ALA A 292 -14.73 26.26 4.80
N PRO A 293 -13.70 27.10 4.70
CA PRO A 293 -13.95 28.56 4.67
C PRO A 293 -14.88 29.01 3.55
N ALA A 294 -14.76 28.41 2.37
CA ALA A 294 -15.52 28.88 1.20
C ALA A 294 -16.98 28.48 1.27
N VAL A 295 -17.35 27.51 2.11
CA VAL A 295 -18.74 27.06 2.18
C VAL A 295 -19.62 28.18 2.74
N ARG A 296 -19.15 28.87 3.77
CA ARG A 296 -19.98 29.84 4.47
C ARG A 296 -20.27 31.09 3.64
N VAL A 297 -19.52 31.34 2.57
CA VAL A 297 -19.72 32.53 1.75
C VAL A 297 -20.41 32.21 0.43
N ALA A 298 -20.82 30.97 0.22
CA ALA A 298 -21.49 30.58 -1.02
C ALA A 298 -22.81 29.87 -0.80
N ILE A 299 -23.00 29.24 0.36
CA ILE A 299 -24.21 28.46 0.60
C ILE A 299 -25.43 29.36 0.77
N GLY A 300 -25.22 30.64 1.11
CA GLY A 300 -26.33 31.55 1.30
C GLY A 300 -27.00 31.99 0.02
N GLU A 301 -26.31 31.85 -1.12
CA GLU A 301 -26.88 32.24 -2.39
C GLU A 301 -28.12 31.41 -2.73
N ALA A 302 -28.14 30.14 -2.33
CA ALA A 302 -29.32 29.31 -2.55
C ALA A 302 -30.45 29.63 -1.58
N PHE A 303 -30.14 30.24 -0.44
CA PHE A 303 -31.15 30.54 0.58
C PHE A 303 -31.50 32.02 0.62
N GLY A 304 -31.03 32.80 -0.34
CA GLY A 304 -31.47 34.18 -0.45
C GLY A 304 -30.50 35.21 0.10
N PHE A 305 -29.25 34.81 0.35
CA PHE A 305 -28.20 35.74 0.76
C PHE A 305 -27.36 36.14 -0.44
N GLU A 306 -26.84 37.37 -0.38
CA GLU A 306 -25.92 37.82 -1.42
C GLU A 306 -24.61 37.05 -1.31
N PRO A 307 -23.88 36.90 -2.41
CA PRO A 307 -22.57 36.24 -2.35
C PRO A 307 -21.63 36.98 -1.40
N GLY A 308 -20.86 36.21 -0.65
CA GLY A 308 -19.93 36.76 0.32
C GLY A 308 -20.50 36.96 1.72
N GLU A 309 -21.80 36.75 1.91
CA GLU A 309 -22.38 36.89 3.24
C GLU A 309 -21.99 35.69 4.10
N ASN A 310 -21.54 35.97 5.32
CA ASN A 310 -21.11 34.93 6.25
C ASN A 310 -22.32 34.38 6.97
N VAL A 311 -22.71 33.15 6.63
CA VAL A 311 -23.83 32.48 7.27
C VAL A 311 -23.38 31.23 8.02
N GLU A 312 -22.15 31.23 8.56
CA GLU A 312 -21.63 30.06 9.26
C GLU A 312 -22.48 29.76 10.50
N LYS A 313 -23.04 30.78 11.13
CA LYS A 313 -23.95 30.56 12.24
C LYS A 313 -25.19 29.79 11.80
N LYS A 314 -25.76 30.18 10.66
CA LYS A 314 -26.91 29.49 10.11
C LYS A 314 -26.56 28.05 9.73
N ILE A 315 -25.38 27.84 9.15
CA ILE A 315 -24.96 26.49 8.81
C ILE A 315 -24.81 25.63 10.05
N ALA A 316 -24.22 26.19 11.11
CA ALA A 316 -24.08 25.44 12.35
C ALA A 316 -25.44 25.08 12.94
N ALA A 317 -26.37 26.03 12.92
CA ALA A 317 -27.71 25.75 13.42
C ALA A 317 -28.39 24.66 12.61
N GLY A 318 -28.27 24.72 11.28
CA GLY A 318 -28.87 23.71 10.43
C GLY A 318 -28.28 22.33 10.66
N LEU A 319 -26.95 22.27 10.82
CA LEU A 319 -26.29 20.99 11.09
C LEU A 319 -26.74 20.42 12.43
N ARG A 320 -26.82 21.27 13.46
CA ARG A 320 -27.27 20.79 14.76
C ARG A 320 -28.71 20.31 14.70
N LYS A 321 -29.56 21.00 13.94
CA LYS A 321 -30.93 20.53 13.75
C LYS A 321 -30.96 19.19 13.02
N LEU A 322 -30.10 19.01 12.02
CA LEU A 322 -29.96 17.71 11.37
C LEU A 322 -29.49 16.63 12.32
N GLY A 323 -28.73 17.00 13.35
CA GLY A 323 -28.27 16.05 14.34
C GLY A 323 -26.77 15.95 14.52
N VAL A 324 -26.01 16.90 13.96
CA VAL A 324 -24.56 16.88 14.15
C VAL A 324 -24.23 17.21 15.60
N ASP A 325 -23.48 16.30 16.24
CA ASP A 325 -23.17 16.47 17.65
C ASP A 325 -22.20 17.61 17.89
N TYR A 326 -21.19 17.75 17.03
CA TYR A 326 -20.19 18.80 17.17
C TYR A 326 -19.97 19.47 15.82
N VAL A 327 -20.18 20.77 15.77
CA VAL A 327 -19.96 21.56 14.56
C VAL A 327 -18.64 22.30 14.72
N PHE A 328 -17.67 21.97 13.88
CA PHE A 328 -16.36 22.58 13.91
C PHE A 328 -16.09 23.33 12.61
N ASP A 329 -14.87 23.84 12.50
CA ASP A 329 -14.48 24.66 11.37
C ASP A 329 -13.14 24.17 10.83
N THR A 330 -13.02 24.07 9.51
CA THR A 330 -11.76 23.71 8.89
C THR A 330 -10.75 24.85 8.98
N SER A 331 -11.19 26.06 9.30
CA SER A 331 -10.26 27.16 9.46
C SER A 331 -9.34 26.96 10.67
N TRP A 332 -9.79 26.20 11.67
CA TRP A 332 -8.90 25.81 12.76
C TRP A 332 -7.76 24.95 12.24
N GLY A 333 -8.07 23.94 11.41
CA GLY A 333 -7.04 23.17 10.77
C GLY A 333 -6.18 24.01 9.85
N ALA A 334 -6.76 25.05 9.26
CA ALA A 334 -5.97 25.98 8.44
C ALA A 334 -4.95 26.73 9.28
N ASP A 335 -5.34 27.16 10.49
CA ASP A 335 -4.39 27.79 11.40
C ASP A 335 -3.28 26.82 11.78
N LEU A 336 -3.64 25.57 12.07
CA LEU A 336 -2.63 24.56 12.39
C LEU A 336 -1.70 24.33 11.20
N THR A 337 -2.26 24.26 9.99
CA THR A 337 -1.46 24.07 8.79
C THR A 337 -0.52 25.24 8.56
N ILE A 338 -0.96 26.46 8.84
CA ILE A 338 -0.08 27.62 8.73
C ILE A 338 1.03 27.52 9.77
N MET A 339 0.70 27.11 10.99
CA MET A 339 1.73 26.96 12.01
C MET A 339 2.82 25.99 11.57
N GLU A 340 2.43 24.89 10.90
CA GLU A 340 3.42 23.96 10.37
C GLU A 340 4.17 24.55 9.17
N GLU A 341 3.44 25.15 8.23
CA GLU A 341 4.02 25.51 6.95
C GLU A 341 4.94 26.72 7.06
N ALA A 342 4.60 27.69 7.92
CA ALA A 342 5.49 28.82 8.12
C ALA A 342 6.80 28.39 8.74
N ALA A 343 6.75 27.46 9.71
CA ALA A 343 7.98 26.93 10.28
C ALA A 343 8.80 26.18 9.23
N GLU A 344 8.13 25.39 8.39
CA GLU A 344 8.83 24.68 7.33
C GLU A 344 9.49 25.65 6.35
N LEU A 345 8.76 26.72 5.99
CA LEU A 345 9.29 27.73 5.08
C LEU A 345 10.48 28.44 5.70
N GLN A 346 10.40 28.76 6.99
CA GLN A 346 11.52 29.38 7.68
C GLN A 346 12.74 28.46 7.68
N GLU A 347 12.52 27.18 7.94
CA GLU A 347 13.63 26.22 7.94
C GLU A 347 14.27 26.12 6.57
N ARG A 348 13.46 26.06 5.51
CA ARG A 348 14.02 25.92 4.17
C ARG A 348 14.65 27.21 3.68
N LEU A 349 14.21 28.37 4.20
CA LEU A 349 14.86 29.63 3.87
C LEU A 349 16.20 29.76 4.58
N GLU A 350 16.26 29.33 5.85
CA GLU A 350 17.52 29.35 6.57
C GLU A 350 18.52 28.35 5.97
N ARG A 351 18.03 27.20 5.51
CA ARG A 351 18.89 26.23 4.84
C ARG A 351 19.21 26.62 3.40
N HIS A 352 18.70 27.76 2.93
CA HIS A 352 19.05 28.28 1.61
C HIS A 352 20.10 29.38 1.68
N LEU A 353 19.95 30.30 2.64
CA LEU A 353 20.91 31.39 2.79
C LEU A 353 22.20 30.90 3.44
N ALA A 354 22.11 30.38 4.66
CA ALA A 354 23.26 29.86 5.37
C ALA A 354 23.52 28.38 5.08
N GLY A 355 22.60 27.72 4.37
CA GLY A 355 22.77 26.32 4.04
C GLY A 355 23.46 26.08 2.72
N ASP A 356 22.94 25.16 1.92
CA ASP A 356 23.55 24.82 0.65
C ASP A 356 22.47 24.38 -0.33
N GLU A 357 22.91 23.75 -1.42
CA GLU A 357 22.01 23.40 -2.52
C GLU A 357 21.07 22.25 -2.20
N SER A 358 21.26 21.54 -1.08
CA SER A 358 20.38 20.43 -0.74
C SER A 358 18.96 20.88 -0.46
N VAL A 359 18.77 22.15 -0.10
CA VAL A 359 17.41 22.65 0.14
C VAL A 359 16.67 22.79 -1.19
N LYS A 360 15.35 22.83 -1.09
CA LYS A 360 14.48 22.92 -2.26
C LYS A 360 13.60 24.16 -2.15
N LEU A 361 13.70 25.04 -3.14
CA LEU A 361 12.85 26.22 -3.25
C LEU A 361 12.35 26.34 -4.69
N PRO A 362 11.15 26.90 -4.89
CA PRO A 362 10.21 27.41 -3.88
C PRO A 362 9.43 26.29 -3.22
N ILE A 363 8.93 26.52 -2.00
CA ILE A 363 8.01 25.57 -1.37
C ILE A 363 6.62 25.78 -1.94
N LEU A 364 5.94 24.68 -2.23
CA LEU A 364 4.61 24.72 -2.82
C LEU A 364 3.57 24.27 -1.81
N THR A 365 2.43 24.96 -1.80
CA THR A 365 1.34 24.57 -0.91
C THR A 365 0.79 23.21 -1.32
N SER A 366 0.50 22.38 -0.34
CA SER A 366 -0.04 21.05 -0.55
C SER A 366 -1.49 20.91 -0.11
N CYS A 367 -2.17 22.04 0.15
CA CYS A 367 -3.54 22.00 0.65
C CYS A 367 -4.56 21.61 -0.41
N CYS A 368 -4.24 21.82 -1.69
CA CYS A 368 -5.19 21.49 -2.76
C CYS A 368 -4.98 20.06 -3.21
N PRO A 369 -5.96 19.16 -2.98
CA PRO A 369 -5.78 17.76 -3.40
C PRO A 369 -5.78 17.57 -4.91
N SER A 370 -6.52 18.38 -5.65
CA SER A 370 -6.48 18.29 -7.11
C SER A 370 -5.09 18.62 -7.64
N TRP A 371 -4.45 19.65 -7.08
CA TRP A 371 -3.09 19.98 -7.47
C TRP A 371 -2.13 18.88 -7.07
N ILE A 372 -2.35 18.26 -5.91
CA ILE A 372 -1.51 17.14 -5.48
C ILE A 372 -1.66 15.97 -6.44
N LYS A 373 -2.90 15.67 -6.83
CA LYS A 373 -3.12 14.60 -7.80
C LYS A 373 -2.47 14.92 -9.14
N PHE A 374 -2.55 16.19 -9.57
CA PHE A 374 -1.94 16.61 -10.82
C PHE A 374 -0.43 16.42 -10.77
N ILE A 375 0.21 16.82 -9.67
CA ILE A 375 1.66 16.71 -9.57
C ILE A 375 2.10 15.27 -9.33
N GLU A 376 1.24 14.41 -8.78
CA GLU A 376 1.56 13.01 -8.65
C GLU A 376 1.40 12.25 -9.96
N GLN A 377 0.46 12.66 -10.82
CA GLN A 377 0.27 12.04 -12.12
C GLN A 377 1.28 12.55 -13.15
N ASN A 378 1.27 13.85 -13.42
CA ASN A 378 2.28 14.46 -14.26
C ASN A 378 3.36 15.09 -13.39
N TYR A 379 4.56 15.19 -13.95
CA TYR A 379 5.71 15.75 -13.23
C TYR A 379 5.97 14.99 -11.93
N GLY A 380 6.04 13.66 -12.01
CA GLY A 380 6.18 12.83 -10.83
C GLY A 380 7.52 12.92 -10.14
N ASP A 381 8.51 13.58 -10.75
CA ASP A 381 9.82 13.74 -10.13
C ASP A 381 9.88 14.94 -9.18
N MET A 382 8.80 15.69 -9.05
CA MET A 382 8.77 16.88 -8.21
C MET A 382 8.03 16.66 -6.90
N LEU A 383 7.84 15.40 -6.48
CA LEU A 383 7.04 15.10 -5.30
C LEU A 383 7.67 15.59 -4.00
N ASP A 384 8.97 15.87 -3.99
CA ASP A 384 9.64 16.36 -2.80
C ASP A 384 9.68 17.89 -2.72
N VAL A 385 9.16 18.58 -3.73
CA VAL A 385 9.12 20.05 -3.75
C VAL A 385 7.98 20.59 -2.90
N PRO A 386 6.74 20.10 -3.03
CA PRO A 386 5.67 20.66 -2.20
C PRO A 386 5.85 20.35 -0.72
N SER A 387 5.23 21.16 0.11
CA SER A 387 5.30 20.97 1.55
C SER A 387 4.73 19.61 1.94
N SER A 388 5.41 18.96 2.88
CA SER A 388 4.94 17.68 3.41
C SER A 388 3.74 17.83 4.32
N ALA A 389 3.37 19.06 4.69
CA ALA A 389 2.26 19.28 5.60
C ALA A 389 0.94 18.85 4.95
N LYS A 390 0.06 18.28 5.77
CA LYS A 390 -1.25 17.87 5.30
C LYS A 390 -2.11 19.10 5.04
N SER A 391 -3.19 18.88 4.29
CA SER A 391 -4.17 19.93 4.09
C SER A 391 -4.89 20.22 5.39
N PRO A 392 -5.50 21.39 5.53
CA PRO A 392 -6.24 21.69 6.76
C PRO A 392 -7.31 20.66 7.10
N MET A 393 -8.01 20.13 6.10
CA MET A 393 -9.04 19.14 6.37
C MET A 393 -8.45 17.89 7.01
N GLU A 394 -7.35 17.38 6.46
CA GLU A 394 -6.74 16.17 7.01
C GLU A 394 -6.05 16.44 8.35
N MET A 395 -5.44 17.62 8.52
CA MET A 395 -4.89 17.99 9.82
C MET A 395 -5.98 17.99 10.89
N PHE A 396 -7.10 18.64 10.59
CA PHE A 396 -8.22 18.66 11.52
C PHE A 396 -8.71 17.25 11.80
N ALA A 397 -8.84 16.44 10.75
CA ALA A 397 -9.38 15.09 10.92
C ALA A 397 -8.49 14.23 11.81
N ILE A 398 -7.18 14.25 11.55
CA ILE A 398 -6.28 13.43 12.34
C ILE A 398 -6.21 13.94 13.78
N VAL A 399 -6.24 15.27 13.98
CA VAL A 399 -6.25 15.77 15.34
C VAL A 399 -7.51 15.33 16.07
N ALA A 400 -8.66 15.45 15.41
CA ALA A 400 -9.92 15.07 16.04
C ALA A 400 -9.95 13.58 16.38
N LYS A 401 -9.40 12.74 15.50
CA LYS A 401 -9.43 11.30 15.75
C LYS A 401 -8.40 10.88 16.80
N GLU A 402 -7.24 11.52 16.84
CA GLU A 402 -6.16 11.01 17.67
C GLU A 402 -6.03 11.73 19.00
N ILE A 403 -6.61 12.91 19.16
CA ILE A 403 -6.44 13.72 20.36
C ILE A 403 -7.79 14.04 21.00
N TRP A 404 -8.68 14.70 20.27
CA TRP A 404 -9.97 15.12 20.82
C TRP A 404 -10.81 13.92 21.24
N ALA A 405 -11.01 12.98 20.32
CA ALA A 405 -11.80 11.79 20.64
C ALA A 405 -11.11 10.93 21.69
N LYS A 406 -9.78 10.82 21.62
CA LYS A 406 -9.05 10.01 22.58
C LYS A 406 -9.21 10.55 23.99
N GLU A 407 -9.13 11.88 24.15
CA GLU A 407 -9.25 12.49 25.46
C GLU A 407 -10.69 12.61 25.93
N LYS A 408 -11.68 12.52 25.03
CA LYS A 408 -13.07 12.40 25.49
C LYS A 408 -13.55 10.95 25.48
N GLY A 409 -12.63 9.99 25.31
CA GLY A 409 -12.96 8.60 25.52
C GLY A 409 -13.66 7.92 24.37
N LEU A 410 -13.42 8.35 23.14
CA LEU A 410 -14.00 7.75 21.95
C LEU A 410 -12.89 7.22 21.05
N SER A 411 -13.03 5.98 20.60
CA SER A 411 -12.10 5.42 19.63
C SER A 411 -12.36 6.03 18.26
N ARG A 412 -11.43 5.77 17.33
CA ARG A 412 -11.55 6.34 16.00
C ARG A 412 -12.76 5.78 15.26
N ASP A 413 -13.21 4.57 15.60
CA ASP A 413 -14.38 3.99 14.97
C ASP A 413 -15.68 4.51 15.55
N GLU A 414 -15.63 5.17 16.71
CA GLU A 414 -16.83 5.70 17.36
C GLU A 414 -17.13 7.14 16.97
N VAL A 415 -16.27 7.78 16.18
CA VAL A 415 -16.45 9.16 15.75
C VAL A 415 -16.56 9.17 14.23
N THR A 416 -17.64 9.75 13.72
CA THR A 416 -17.85 9.93 12.28
C THR A 416 -17.49 11.37 11.93
N SER A 417 -16.34 11.56 11.29
CA SER A 417 -15.84 12.87 10.93
C SER A 417 -16.25 13.18 9.49
N VAL A 418 -17.15 14.14 9.34
CA VAL A 418 -17.69 14.52 8.03
C VAL A 418 -17.12 15.87 7.66
N ALA A 419 -16.61 15.99 6.44
CA ALA A 419 -16.07 17.23 5.93
C ALA A 419 -17.06 17.86 4.95
N ILE A 420 -17.43 19.11 5.21
CA ILE A 420 -18.29 19.88 4.31
C ILE A 420 -17.38 20.77 3.47
N MET A 421 -17.22 20.42 2.21
CA MET A 421 -16.21 21.04 1.37
C MET A 421 -16.84 21.57 0.10
N PRO A 422 -16.25 22.62 -0.50
CA PRO A 422 -16.68 23.09 -1.81
C PRO A 422 -16.02 22.38 -2.98
N CYS A 423 -15.36 21.25 -2.73
CA CYS A 423 -14.42 20.65 -3.68
C CYS A 423 -14.79 19.22 -4.00
N ILE A 424 -14.66 18.86 -5.28
CA ILE A 424 -14.81 17.47 -5.68
C ILE A 424 -13.62 16.63 -5.22
N ALA A 425 -12.40 17.19 -5.36
CA ALA A 425 -11.19 16.43 -5.08
C ALA A 425 -11.00 16.15 -3.59
N LYS A 426 -11.76 16.83 -2.73
CA LYS A 426 -11.68 16.53 -1.30
C LYS A 426 -12.16 15.12 -1.00
N LYS A 427 -13.12 14.62 -1.79
CA LYS A 427 -13.54 13.23 -1.64
C LYS A 427 -12.38 12.28 -1.90
N TYR A 428 -11.62 12.53 -2.97
CA TYR A 428 -10.45 11.71 -3.27
C TYR A 428 -9.41 11.81 -2.16
N GLU A 429 -9.16 13.03 -1.67
CA GLU A 429 -8.19 13.21 -0.60
C GLU A 429 -8.60 12.45 0.65
N ALA A 430 -9.87 12.54 1.03
CA ALA A 430 -10.37 11.80 2.18
C ALA A 430 -10.29 10.30 1.95
N SER A 431 -10.40 9.87 0.70
CA SER A 431 -10.34 8.45 0.36
C SER A 431 -8.92 7.91 0.24
N ARG A 432 -7.91 8.78 0.22
CA ARG A 432 -6.53 8.31 0.15
C ARG A 432 -6.19 7.43 1.35
N ALA A 433 -5.47 6.34 1.08
CA ALA A 433 -5.26 5.30 2.09
C ALA A 433 -4.36 5.78 3.23
N GLU A 434 -3.36 6.61 2.93
CA GLU A 434 -2.43 7.05 3.96
C GLU A 434 -3.12 7.84 5.07
N PHE A 435 -4.29 8.40 4.80
CA PHE A 435 -5.08 9.08 5.83
C PHE A 435 -6.07 8.14 6.50
N SER A 436 -5.59 7.00 7.02
CA SER A 436 -6.47 6.03 7.64
C SER A 436 -5.66 5.15 8.58
N VAL A 437 -6.34 4.59 9.57
CA VAL A 437 -5.75 3.62 10.50
C VAL A 437 -6.72 2.46 10.66
N ASP A 438 -6.24 1.24 10.38
CA ASP A 438 -7.03 0.02 10.54
C ASP A 438 -8.37 0.13 9.81
N MET A 439 -8.31 0.59 8.56
CA MET A 439 -9.43 0.78 7.66
C MET A 439 -10.38 1.90 8.10
N ASN A 440 -10.04 2.64 9.15
CA ASN A 440 -10.84 3.79 9.59
C ASN A 440 -10.16 5.06 9.10
N TYR A 441 -10.82 5.76 8.18
CA TYR A 441 -10.24 6.94 7.55
C TYR A 441 -10.45 8.17 8.44
N ASP A 442 -9.49 9.10 8.38
CA ASP A 442 -9.56 10.29 9.22
C ASP A 442 -10.80 11.11 8.88
N VAL A 443 -11.05 11.32 7.59
CA VAL A 443 -12.33 11.85 7.13
C VAL A 443 -13.15 10.69 6.61
N ASP A 444 -14.29 10.43 7.25
CA ASP A 444 -15.12 9.31 6.84
C ASP A 444 -15.66 9.52 5.43
N TYR A 445 -16.17 10.72 5.13
CA TYR A 445 -16.62 11.06 3.78
C TYR A 445 -16.77 12.57 3.68
N VAL A 446 -16.90 13.05 2.46
CA VAL A 446 -16.99 14.48 2.16
C VAL A 446 -18.37 14.79 1.62
N ILE A 447 -19.00 15.84 2.15
CA ILE A 447 -20.27 16.35 1.66
C ILE A 447 -20.01 17.70 1.00
N THR A 448 -20.43 17.83 -0.25
CA THR A 448 -20.23 19.09 -0.97
C THR A 448 -21.26 20.13 -0.54
N THR A 449 -21.00 21.38 -0.96
CA THR A 449 -21.92 22.46 -0.66
C THR A 449 -23.27 22.23 -1.33
N ARG A 450 -23.27 21.73 -2.57
CA ARG A 450 -24.52 21.43 -3.26
C ARG A 450 -25.31 20.36 -2.51
N GLU A 451 -24.62 19.31 -2.05
CA GLU A 451 -25.30 18.24 -1.32
C GLU A 451 -25.88 18.75 -0.01
N LEU A 452 -25.14 19.62 0.70
CA LEU A 452 -25.65 20.20 1.92
C LEU A 452 -26.86 21.09 1.65
N ILE A 453 -26.84 21.83 0.54
CA ILE A 453 -28.00 22.64 0.16
C ILE A 453 -29.21 21.74 -0.07
N LYS A 454 -29.01 20.63 -0.79
CA LYS A 454 -30.10 19.70 -1.05
C LYS A 454 -30.62 19.10 0.26
N ILE A 455 -29.72 18.75 1.18
CA ILE A 455 -30.14 18.18 2.45
C ILE A 455 -30.98 19.20 3.25
N PHE A 456 -30.51 20.45 3.29
CA PHE A 456 -31.24 21.49 4.00
C PHE A 456 -32.62 21.71 3.38
N GLU A 457 -32.68 21.74 2.05
CA GLU A 457 -33.96 21.96 1.38
C GLU A 457 -34.93 20.79 1.62
N ASN A 458 -34.41 19.56 1.59
CA ASN A 458 -35.26 18.40 1.79
C ASN A 458 -35.67 18.23 3.26
N SER A 459 -34.91 18.80 4.18
CA SER A 459 -35.24 18.73 5.61
C SER A 459 -36.07 19.91 6.08
N GLY A 460 -36.40 20.84 5.18
CA GLY A 460 -37.17 22.01 5.58
C GLY A 460 -36.37 23.08 6.29
N ILE A 461 -35.05 22.97 6.29
CA ILE A 461 -34.20 23.95 6.95
C ILE A 461 -33.97 25.12 6.01
N ASN A 462 -34.30 26.33 6.46
CA ASN A 462 -34.10 27.55 5.69
C ASN A 462 -33.11 28.42 6.45
N LEU A 463 -31.92 28.62 5.87
CA LEU A 463 -30.88 29.38 6.55
C LEU A 463 -31.24 30.86 6.69
N LYS A 464 -32.18 31.35 5.88
CA LYS A 464 -32.56 32.76 5.98
C LYS A 464 -33.27 33.08 7.28
N GLU A 465 -34.13 32.18 7.77
CA GLU A 465 -34.92 32.43 8.96
C GLU A 465 -34.55 31.57 10.15
N ILE A 466 -33.59 30.65 10.02
CA ILE A 466 -33.19 29.85 11.17
C ILE A 466 -32.38 30.72 12.13
N GLU A 467 -32.46 30.38 13.42
CA GLU A 467 -31.78 31.16 14.44
C GLU A 467 -30.28 30.90 14.42
N ASP A 468 -29.53 31.81 15.06
CA ASP A 468 -28.08 31.69 15.07
C ASP A 468 -27.62 30.76 16.18
N GLU A 469 -26.56 30.00 15.90
CA GLU A 469 -25.95 29.10 16.87
C GLU A 469 -24.44 29.18 16.77
N GLU A 470 -23.78 29.09 17.92
CA GLU A 470 -22.33 29.22 17.98
C GLU A 470 -21.65 27.94 17.49
N ILE A 471 -20.47 28.11 16.90
CA ILE A 471 -19.63 26.98 16.55
C ILE A 471 -18.85 26.53 17.79
N ASP A 472 -18.70 25.21 17.95
CA ASP A 472 -17.93 24.69 19.06
C ASP A 472 -16.50 25.22 19.01
N THR A 473 -16.00 25.67 20.16
CA THR A 473 -14.77 26.47 20.15
C THR A 473 -13.52 25.60 20.26
N VAL A 474 -13.65 24.36 20.71
CA VAL A 474 -12.47 23.54 20.97
C VAL A 474 -11.72 23.23 19.67
N MET A 475 -12.44 23.06 18.57
CA MET A 475 -11.81 22.85 17.27
C MET A 475 -12.50 23.67 16.19
N GLY A 476 -13.15 24.76 16.58
CA GLY A 476 -13.84 25.62 15.64
C GLY A 476 -13.37 27.05 15.68
N GLU A 477 -12.71 27.42 16.78
CA GLU A 477 -12.12 28.75 16.88
C GLU A 477 -11.05 28.92 15.82
N TYR A 478 -11.05 30.08 15.15
CA TYR A 478 -10.15 30.33 14.04
C TYR A 478 -9.87 31.81 13.91
N THR A 479 -8.85 32.13 13.13
CA THR A 479 -8.41 33.50 12.92
C THR A 479 -8.67 33.94 11.48
N GLY A 480 -8.52 35.25 11.26
CA GLY A 480 -8.66 35.80 9.92
C GLY A 480 -7.63 35.28 8.94
N ALA A 481 -6.45 34.90 9.43
CA ALA A 481 -5.48 34.24 8.56
C ALA A 481 -5.97 32.88 8.12
N GLY A 482 -6.71 32.18 9.00
CA GLY A 482 -7.25 30.88 8.64
C GLY A 482 -8.49 30.96 7.77
N ILE A 483 -9.24 32.06 7.85
CA ILE A 483 -10.47 32.12 7.05
C ILE A 483 -10.18 32.51 5.61
N ILE A 484 -9.07 33.21 5.33
CA ILE A 484 -8.80 33.63 3.96
C ILE A 484 -8.32 32.49 3.09
N PHE A 485 -8.22 31.28 3.65
CA PHE A 485 -7.78 30.13 2.86
C PHE A 485 -8.69 29.89 1.66
N GLY A 486 -9.99 30.10 1.83
CA GLY A 486 -10.97 29.75 0.81
C GLY A 486 -10.84 30.49 -0.51
N ARG A 487 -10.09 31.59 -0.54
CA ARG A 487 -9.91 32.34 -1.77
C ARG A 487 -8.43 32.34 -2.17
N THR A 488 -8.18 32.59 -3.45
CA THR A 488 -6.83 32.52 -4.00
C THR A 488 -5.90 33.50 -3.31
N GLY A 489 -4.69 33.03 -2.99
CA GLY A 489 -3.70 33.82 -2.30
C GLY A 489 -3.80 33.81 -0.80
N GLY A 490 -4.90 33.32 -0.24
CA GLY A 490 -5.08 33.35 1.21
C GLY A 490 -4.12 32.47 1.97
N VAL A 491 -3.83 31.27 1.46
CA VAL A 491 -2.91 30.37 2.15
C VAL A 491 -1.53 31.00 2.26
N ILE A 492 -1.01 31.52 1.15
CA ILE A 492 0.31 32.14 1.17
C ILE A 492 0.29 33.44 1.96
N GLU A 493 -0.85 34.15 1.97
CA GLU A 493 -0.94 35.36 2.77
C GLU A 493 -0.86 35.04 4.26
N ALA A 494 -1.58 34.00 4.70
CA ALA A 494 -1.50 33.60 6.10
C ALA A 494 -0.11 33.10 6.46
N ALA A 495 0.51 32.33 5.57
CA ALA A 495 1.86 31.85 5.81
C ALA A 495 2.83 33.01 5.95
N THR A 496 2.71 34.01 5.07
CA THR A 496 3.54 35.21 5.17
C THR A 496 3.30 35.95 6.48
N ARG A 497 2.02 36.10 6.86
CA ARG A 497 1.68 36.78 8.10
C ARG A 497 2.37 36.14 9.28
N THR A 498 2.35 34.82 9.35
CA THR A 498 2.95 34.14 10.50
C THR A 498 4.48 34.13 10.42
N ALA A 499 5.02 34.02 9.20
CA ALA A 499 6.45 33.78 9.05
C ALA A 499 7.25 35.08 9.16
N LEU A 500 6.86 36.11 8.41
CA LEU A 500 7.65 37.33 8.35
C LEU A 500 7.73 38.02 9.70
N GLU A 501 6.63 37.99 10.47
CA GLU A 501 6.63 38.61 11.79
C GLU A 501 7.66 37.98 12.72
N LYS A 502 7.77 36.66 12.75
CA LYS A 502 8.80 35.99 13.53
C LYS A 502 10.20 36.14 12.94
N MET A 503 10.32 36.22 11.61
CA MET A 503 11.64 36.42 11.01
C MET A 503 12.20 37.80 11.33
N THR A 504 11.36 38.83 11.37
CA THR A 504 11.83 40.20 11.60
C THR A 504 11.75 40.64 13.05
N GLY A 505 10.89 40.04 13.86
CA GLY A 505 10.82 40.36 15.28
C GLY A 505 9.79 41.38 15.68
N GLU A 506 9.19 42.10 14.73
CA GLU A 506 8.20 43.12 15.04
C GLU A 506 6.90 42.84 14.29
N ARG A 507 5.80 43.34 14.85
CA ARG A 507 4.48 43.13 14.28
C ARG A 507 4.18 44.20 13.23
N PHE A 508 3.63 43.75 12.10
CA PHE A 508 3.27 44.68 11.04
C PHE A 508 2.03 45.48 11.42
N ASP A 509 2.04 46.77 11.04
CA ASP A 509 0.86 47.61 11.25
C ASP A 509 -0.26 47.19 10.30
N ASN A 510 0.06 46.97 9.03
CA ASN A 510 -0.91 46.51 8.04
C ASN A 510 -0.71 45.00 7.86
N ILE A 511 -1.65 44.21 8.39
CA ILE A 511 -1.53 42.77 8.33
C ILE A 511 -1.94 42.19 6.98
N GLU A 512 -2.63 42.97 6.15
CA GLU A 512 -3.04 42.52 4.83
C GLU A 512 -1.92 42.80 3.84
N PHE A 513 -1.51 41.77 3.10
CA PHE A 513 -0.43 41.87 2.13
C PHE A 513 -1.04 42.01 0.73
N GLU A 514 -1.01 43.22 0.19
CA GLU A 514 -1.43 43.43 -1.17
C GLU A 514 -0.40 42.84 -2.14
N GLY A 515 -0.84 42.62 -3.38
CA GLY A 515 -0.06 41.93 -4.37
C GLY A 515 -0.30 40.43 -4.38
N LEU A 516 -0.45 39.82 -3.22
CA LEU A 516 -0.90 38.43 -3.16
C LEU A 516 -2.36 38.29 -3.57
N ARG A 517 -3.14 39.35 -3.36
CA ARG A 517 -4.54 39.36 -3.76
C ARG A 517 -4.65 39.76 -5.23
N GLY A 518 -5.88 39.73 -5.75
CA GLY A 518 -6.12 39.98 -7.15
C GLY A 518 -6.76 38.78 -7.83
N TRP A 519 -6.85 38.86 -9.16
CA TRP A 519 -7.51 37.83 -9.93
C TRP A 519 -6.70 37.40 -11.15
N ASP A 520 -5.43 37.77 -11.25
CA ASP A 520 -4.62 37.33 -12.37
C ASP A 520 -4.38 35.82 -12.28
N GLY A 521 -4.17 35.19 -13.44
CA GLY A 521 -3.91 33.77 -13.47
C GLY A 521 -2.68 33.39 -12.66
N PHE A 522 -1.60 34.15 -12.83
CA PHE A 522 -0.40 34.00 -12.00
C PHE A 522 0.02 35.38 -11.51
N ARG A 523 0.19 35.51 -10.19
CA ARG A 523 0.53 36.77 -9.57
C ARG A 523 1.88 36.65 -8.87
N VAL A 524 2.74 37.63 -9.11
CA VAL A 524 4.08 37.67 -8.53
C VAL A 524 4.15 38.83 -7.55
N CYS A 525 4.56 38.55 -6.32
CA CYS A 525 4.68 39.57 -5.29
C CYS A 525 6.08 39.53 -4.70
N GLU A 526 6.66 40.69 -4.50
CA GLU A 526 7.99 40.83 -3.90
C GLU A 526 7.84 41.58 -2.59
N LEU A 527 8.34 40.99 -1.50
CA LEU A 527 8.22 41.56 -0.17
C LEU A 527 9.58 42.03 0.32
N GLU A 528 9.62 43.28 0.80
CA GLU A 528 10.85 43.90 1.25
C GLU A 528 10.89 44.10 2.76
N ALA A 529 10.06 43.39 3.51
CA ALA A 529 10.02 43.56 4.96
C ALA A 529 11.30 43.01 5.58
N GLY A 530 11.92 43.82 6.45
CA GLY A 530 13.12 43.39 7.11
C GLY A 530 14.31 43.30 6.17
N ASP A 531 15.31 42.53 6.59
CA ASP A 531 16.52 42.31 5.81
C ASP A 531 16.44 41.09 4.92
N ILE A 532 15.26 40.49 4.77
CA ILE A 532 15.05 39.33 3.92
C ILE A 532 13.99 39.66 2.89
N LYS A 533 14.21 39.20 1.66
CA LYS A 533 13.30 39.46 0.54
C LYS A 533 12.68 38.16 0.10
N LEU A 534 11.35 38.13 0.01
CA LEU A 534 10.61 36.96 -0.42
C LEU A 534 9.89 37.25 -1.73
N ARG A 535 10.13 36.40 -2.72
CA ARG A 535 9.43 36.47 -4.00
C ARG A 535 8.37 35.37 -4.01
N ILE A 536 7.11 35.76 -4.10
CA ILE A 536 5.98 34.86 -3.90
C ILE A 536 5.13 34.82 -5.16
N GLY A 537 4.75 33.62 -5.58
CA GLY A 537 3.85 33.43 -6.68
C GLY A 537 2.54 32.79 -6.25
N VAL A 538 1.47 33.11 -6.98
CA VAL A 538 0.15 32.52 -6.76
C VAL A 538 -0.41 32.09 -8.10
N ALA A 539 -0.96 30.88 -8.14
CA ALA A 539 -1.53 30.33 -9.37
C ALA A 539 -3.02 30.04 -9.17
N HIS A 540 -3.82 30.42 -10.17
CA HIS A 540 -5.27 30.23 -10.08
C HIS A 540 -5.68 28.82 -10.46
N GLY A 541 -5.40 28.41 -11.70
CA GLY A 541 -5.84 27.13 -12.20
C GLY A 541 -4.70 26.17 -12.46
N LEU A 542 -5.07 24.94 -12.83
CA LEU A 542 -4.07 23.91 -13.11
C LEU A 542 -3.25 24.23 -14.35
N ARG A 543 -3.81 24.94 -15.32
CA ARG A 543 -3.00 25.39 -16.46
C ARG A 543 -1.91 26.34 -16.00
N GLU A 544 -2.25 27.28 -15.12
CA GLU A 544 -1.24 28.18 -14.55
C GLU A 544 -0.22 27.39 -13.72
N ALA A 545 -0.68 26.37 -12.99
CA ALA A 545 0.25 25.54 -12.23
C ALA A 545 1.24 24.82 -13.13
N ALA A 546 0.76 24.28 -14.26
CA ALA A 546 1.65 23.62 -15.20
C ALA A 546 2.63 24.61 -15.82
N LYS A 547 2.15 25.80 -16.17
CA LYS A 547 3.03 26.81 -16.73
C LYS A 547 4.12 27.21 -15.74
N MET A 548 3.76 27.38 -14.46
CA MET A 548 4.77 27.79 -13.50
C MET A 548 5.71 26.65 -13.15
N LEU A 549 5.24 25.40 -13.24
CA LEU A 549 6.16 24.26 -13.11
C LEU A 549 7.16 24.25 -14.27
N ASP A 550 6.70 24.55 -15.48
CA ASP A 550 7.60 24.63 -16.62
C ASP A 550 8.62 25.75 -16.43
N LYS A 551 8.17 26.91 -15.93
CA LYS A 551 9.11 28.00 -15.65
C LYS A 551 10.10 27.62 -14.57
N ILE A 552 9.65 26.89 -13.55
CA ILE A 552 10.55 26.45 -12.48
C ILE A 552 11.62 25.52 -13.05
N ARG A 553 11.21 24.58 -13.89
CA ARG A 553 12.17 23.66 -14.49
C ARG A 553 13.15 24.40 -15.40
N SER A 554 12.65 25.35 -16.18
CA SER A 554 13.52 26.11 -17.09
C SER A 554 14.53 26.93 -16.30
N GLY A 555 14.09 27.56 -15.21
CA GLY A 555 14.93 28.44 -14.43
C GLY A 555 14.93 29.89 -14.85
N GLU A 556 14.03 30.28 -15.78
CA GLU A 556 14.00 31.65 -16.25
C GLU A 556 13.62 32.62 -15.14
N GLU A 557 12.81 32.17 -14.18
CA GLU A 557 12.42 33.00 -13.06
C GLU A 557 12.48 32.16 -11.79
N PHE A 558 12.69 32.84 -10.66
CA PHE A 558 12.87 32.20 -9.37
C PHE A 558 11.78 32.66 -8.41
N PHE A 559 11.42 31.77 -7.48
CA PHE A 559 10.44 32.07 -6.44
C PHE A 559 10.89 31.45 -5.13
N HIS A 560 10.38 32.01 -4.03
CA HIS A 560 10.70 31.51 -2.70
C HIS A 560 9.59 30.61 -2.16
N ALA A 561 8.34 30.93 -2.47
CA ALA A 561 7.19 30.13 -2.09
C ALA A 561 6.04 30.43 -3.04
N ILE A 562 5.36 29.38 -3.48
CA ILE A 562 4.26 29.52 -4.43
C ILE A 562 3.05 28.79 -3.89
N GLU A 563 1.90 29.47 -3.89
CA GLU A 563 0.62 28.86 -3.54
C GLU A 563 -0.11 28.45 -4.80
N ILE A 564 -0.58 27.21 -4.83
CA ILE A 564 -1.22 26.65 -6.01
C ILE A 564 -2.65 26.29 -5.68
N MET A 565 -3.58 26.75 -6.51
CA MET A 565 -4.97 26.36 -6.46
C MET A 565 -5.35 25.70 -7.78
N ALA A 566 -6.34 24.81 -7.73
CA ALA A 566 -6.82 24.16 -8.94
C ALA A 566 -8.01 24.87 -9.55
N CYS A 567 -8.78 25.59 -8.75
CA CYS A 567 -9.97 26.28 -9.21
C CYS A 567 -9.70 27.77 -9.34
N VAL A 568 -10.32 28.39 -10.34
CA VAL A 568 -10.17 29.83 -10.53
C VAL A 568 -10.79 30.55 -9.35
N GLY A 569 -10.00 31.42 -8.71
CA GLY A 569 -10.45 32.14 -7.54
C GLY A 569 -10.25 31.43 -6.22
N GLY A 570 -9.77 30.19 -6.24
CA GLY A 570 -9.61 29.44 -5.01
C GLY A 570 -10.78 28.51 -4.76
N CYS A 571 -10.95 28.15 -3.49
CA CYS A 571 -12.00 27.21 -3.11
C CYS A 571 -13.39 27.80 -3.25
N ILE A 572 -13.51 29.12 -3.30
CA ILE A 572 -14.82 29.73 -3.52
C ILE A 572 -15.36 29.39 -4.90
N GLY A 573 -14.48 29.07 -5.84
CA GLY A 573 -14.89 28.63 -7.16
C GLY A 573 -14.82 27.12 -7.32
N GLY A 574 -14.87 26.40 -6.20
CA GLY A 574 -14.72 24.96 -6.25
C GLY A 574 -15.88 24.28 -6.95
N GLY A 575 -15.63 23.04 -7.40
CA GLY A 575 -16.63 22.29 -8.13
C GLY A 575 -17.86 21.94 -7.34
N GLY A 576 -17.73 21.78 -6.03
CA GLY A 576 -18.85 21.48 -5.17
C GLY A 576 -19.68 22.67 -4.77
N GLN A 577 -19.29 23.88 -5.17
CA GLN A 577 -20.04 25.08 -4.85
C GLN A 577 -21.31 25.16 -5.70
N PRO A 578 -22.35 25.83 -5.20
CA PRO A 578 -23.53 26.06 -6.03
C PRO A 578 -23.18 26.92 -7.23
N LYS A 579 -23.90 26.70 -8.34
CA LYS A 579 -23.66 27.47 -9.55
C LYS A 579 -23.93 28.94 -9.30
N THR A 580 -23.03 29.79 -9.81
CA THR A 580 -23.14 31.22 -9.61
C THR A 580 -24.25 31.80 -10.48
N LYS A 581 -24.69 33.01 -10.10
CA LYS A 581 -25.72 33.74 -10.83
C LYS A 581 -25.15 35.04 -11.35
N GLY A 582 -25.51 35.39 -12.58
CA GLY A 582 -24.94 36.57 -13.21
C GLY A 582 -23.54 36.29 -13.71
N ASN A 583 -22.67 37.30 -13.58
CA ASN A 583 -21.28 37.14 -13.97
C ASN A 583 -20.57 36.24 -12.96
N LYS A 584 -19.99 35.14 -13.47
CA LYS A 584 -19.31 34.19 -12.59
C LYS A 584 -18.12 34.83 -11.91
N GLN A 585 -17.35 35.64 -12.66
CA GLN A 585 -16.22 36.34 -12.07
C GLN A 585 -16.66 37.28 -10.96
N ALA A 586 -17.75 38.02 -11.19
CA ALA A 586 -18.26 38.93 -10.16
C ALA A 586 -18.70 38.16 -8.92
N ALA A 587 -19.40 37.03 -9.11
CA ALA A 587 -19.86 36.25 -7.96
C ALA A 587 -18.67 35.68 -7.17
N LEU A 588 -17.66 35.16 -7.87
CA LEU A 588 -16.49 34.62 -7.19
C LEU A 588 -15.73 35.72 -6.45
N GLN A 589 -15.62 36.91 -7.06
CA GLN A 589 -14.98 38.02 -6.38
C GLN A 589 -15.78 38.46 -5.16
N LYS A 590 -17.11 38.38 -5.24
CA LYS A 590 -17.93 38.69 -4.07
C LYS A 590 -17.69 37.69 -2.95
N ARG A 591 -17.56 36.40 -3.29
CA ARG A 591 -17.25 35.39 -2.28
C ARG A 591 -15.88 35.66 -1.63
N ALA A 592 -14.89 36.00 -2.46
CA ALA A 592 -13.56 36.31 -1.95
C ALA A 592 -13.59 37.53 -1.03
N GLU A 593 -14.35 38.56 -1.43
CA GLU A 593 -14.48 39.75 -0.60
C GLU A 593 -15.20 39.44 0.70
N GLY A 594 -16.16 38.52 0.67
CA GLY A 594 -16.79 38.09 1.91
C GLY A 594 -15.81 37.42 2.86
N LEU A 595 -14.94 36.56 2.32
CA LEU A 595 -13.89 35.98 3.14
C LEU A 595 -12.96 37.06 3.70
N ASN A 596 -12.62 38.05 2.88
CA ASN A 596 -11.76 39.14 3.35
C ASN A 596 -12.44 39.95 4.46
N ASN A 597 -13.75 40.18 4.33
CA ASN A 597 -14.48 40.88 5.39
C ASN A 597 -14.50 40.08 6.67
N ILE A 598 -14.67 38.76 6.57
CA ILE A 598 -14.61 37.91 7.76
C ILE A 598 -13.23 38.03 8.41
N ASP A 599 -12.18 38.04 7.60
CA ASP A 599 -10.82 38.22 8.12
C ASP A 599 -10.68 39.56 8.83
N ARG A 600 -11.23 40.62 8.24
CA ARG A 600 -11.10 41.95 8.81
C ARG A 600 -11.91 42.09 10.10
N SER A 601 -12.98 41.32 10.24
CA SER A 601 -13.84 41.39 11.41
C SER A 601 -13.29 40.63 12.61
N LYS A 602 -12.23 39.83 12.42
CA LYS A 602 -11.68 39.01 13.50
C LYS A 602 -10.62 39.78 14.28
N THR A 603 -10.70 39.70 15.60
CA THR A 603 -9.68 40.34 16.44
C THR A 603 -8.31 39.71 16.22
N LEU A 604 -8.26 38.38 16.17
CA LEU A 604 -7.02 37.67 15.90
C LEU A 604 -6.91 37.43 14.40
N ARG A 605 -5.85 37.95 13.79
CA ARG A 605 -5.63 37.83 12.36
C ARG A 605 -4.36 37.07 12.01
N ARG A 606 -3.75 36.40 12.98
CA ARG A 606 -2.55 35.59 12.76
C ARG A 606 -2.81 34.19 13.27
N SER A 607 -2.37 33.19 12.50
CA SER A 607 -2.66 31.80 12.85
C SER A 607 -1.98 31.40 14.14
N ASN A 608 -0.76 31.90 14.38
CA ASN A 608 -0.03 31.56 15.60
C ASN A 608 -0.70 32.10 16.85
N GLU A 609 -1.66 33.01 16.73
CA GLU A 609 -2.38 33.53 17.89
C GLU A 609 -3.58 32.67 18.27
N ASN A 610 -3.89 31.63 17.50
CA ASN A 610 -5.04 30.77 17.77
C ASN A 610 -4.85 30.05 19.10
N PRO A 611 -5.67 30.35 20.11
CA PRO A 611 -5.49 29.71 21.42
C PRO A 611 -5.63 28.20 21.39
N GLU A 612 -6.57 27.66 20.59
CA GLU A 612 -6.77 26.22 20.58
C GLU A 612 -5.61 25.51 19.89
N VAL A 613 -5.11 26.07 18.79
CA VAL A 613 -3.95 25.49 18.12
C VAL A 613 -2.72 25.55 19.02
N LEU A 614 -2.55 26.68 19.72
CA LEU A 614 -1.44 26.81 20.65
C LEU A 614 -1.56 25.78 21.78
N ALA A 615 -2.78 25.57 22.28
CA ALA A 615 -2.99 24.56 23.32
C ALA A 615 -2.66 23.17 22.81
N ILE A 616 -3.06 22.85 21.58
CA ILE A 616 -2.69 21.56 20.99
C ILE A 616 -1.18 21.41 20.95
N TYR A 617 -0.47 22.46 20.53
CA TYR A 617 0.98 22.38 20.47
C TYR A 617 1.63 22.23 21.84
N GLU A 618 1.10 22.91 22.86
CA GLU A 618 1.79 22.85 24.16
C GLU A 618 1.43 21.60 24.94
N LYS A 619 0.26 21.01 24.70
CA LYS A 619 -0.18 19.85 25.45
C LYS A 619 0.12 18.53 24.76
N TYR A 620 -0.04 18.45 23.44
CA TYR A 620 -0.04 17.16 22.75
C TYR A 620 1.19 17.01 21.87
N LEU A 621 1.42 17.93 20.95
CA LEU A 621 2.69 18.02 20.25
C LEU A 621 3.67 18.79 21.13
N ASP A 622 4.79 19.20 20.55
CA ASP A 622 5.75 20.05 21.25
C ASP A 622 5.89 21.41 20.60
N HIS A 623 6.08 21.44 19.29
CA HIS A 623 6.25 22.66 18.52
C HIS A 623 6.10 22.31 17.05
N PRO A 624 5.95 23.30 16.18
CA PRO A 624 5.95 23.01 14.74
C PRO A 624 7.25 22.32 14.33
N LEU A 625 7.13 21.35 13.42
CA LEU A 625 8.22 20.55 12.89
C LEU A 625 8.89 19.66 13.94
N SER A 626 8.21 19.38 15.05
CA SER A 626 8.73 18.39 16.00
C SER A 626 8.47 16.98 15.47
N ASN A 627 8.96 15.98 16.22
CA ASN A 627 8.76 14.59 15.81
C ASN A 627 7.28 14.24 15.78
N LYS A 628 6.57 14.51 16.87
CA LYS A 628 5.13 14.20 16.91
C LYS A 628 4.36 15.03 15.89
N ALA A 629 4.74 16.30 15.71
CA ALA A 629 4.09 17.13 14.71
C ALA A 629 4.27 16.55 13.32
N HIS A 630 5.48 16.10 12.99
CA HIS A 630 5.69 15.46 11.69
C HIS A 630 4.85 14.20 11.56
N GLU A 631 4.89 13.34 12.58
CA GLU A 631 4.18 12.07 12.53
C GLU A 631 2.68 12.25 12.30
N LEU A 632 2.09 13.24 12.95
CA LEU A 632 0.65 13.43 12.81
C LEU A 632 0.28 14.28 11.60
N LEU A 633 0.90 15.45 11.46
CA LEU A 633 0.45 16.47 10.52
C LEU A 633 1.18 16.46 9.19
N HIS A 634 2.11 15.52 8.97
CA HIS A 634 2.83 15.47 7.71
C HIS A 634 2.60 14.12 7.03
N THR A 635 2.61 14.14 5.70
CA THR A 635 2.32 12.96 4.90
C THR A 635 3.35 12.88 3.77
N VAL A 636 3.19 11.88 2.92
CA VAL A 636 4.08 11.65 1.78
C VAL A 636 3.24 11.47 0.52
N TYR A 637 3.87 11.66 -0.61
CA TYR A 637 3.23 11.52 -1.91
C TYR A 637 3.81 10.33 -2.67
N PHE A 638 3.02 9.82 -3.62
CA PHE A 638 3.38 8.64 -4.37
C PHE A 638 3.30 8.94 -5.85
N PRO A 639 4.30 8.55 -6.64
CA PRO A 639 4.22 8.77 -8.10
C PRO A 639 3.14 7.91 -8.72
N ARG A 640 2.55 8.44 -9.79
CA ARG A 640 1.60 7.68 -10.61
C ARG A 640 2.10 7.58 -12.04
N SER B 15 14.59 -15.39 21.39
CA SER B 15 15.32 -16.47 22.05
C SER B 15 16.41 -15.90 22.96
N VAL B 16 16.81 -14.65 22.70
CA VAL B 16 17.85 -14.02 23.50
C VAL B 16 17.34 -13.73 24.91
N PHE B 17 16.03 -13.63 25.09
CA PHE B 17 15.44 -13.35 26.39
C PHE B 17 15.18 -14.61 27.22
N SER B 18 15.45 -15.79 26.68
CA SER B 18 15.24 -17.05 27.39
C SER B 18 16.55 -17.79 27.66
N VAL B 19 17.67 -17.06 27.67
CA VAL B 19 18.96 -17.70 27.87
C VAL B 19 19.11 -18.21 29.31
N PHE B 20 18.73 -17.40 30.29
CA PHE B 20 18.88 -17.74 31.69
C PHE B 20 17.53 -18.01 32.32
N SER B 21 17.49 -19.02 33.19
CA SER B 21 16.26 -19.36 33.90
C SER B 21 16.02 -18.40 35.05
N GLU B 22 14.76 -18.35 35.51
CA GLU B 22 14.40 -17.46 36.59
C GLU B 22 15.09 -17.83 37.90
N GLU B 23 15.27 -19.12 38.17
CA GLU B 23 15.95 -19.53 39.39
C GLU B 23 17.40 -19.05 39.42
N GLU B 24 18.12 -19.25 38.32
CA GLU B 24 19.51 -18.80 38.26
C GLU B 24 19.64 -17.29 38.10
N LEU B 25 18.58 -16.61 37.68
CA LEU B 25 18.59 -15.15 37.72
C LEU B 25 18.35 -14.61 39.13
N LYS B 26 17.44 -15.23 39.88
CA LYS B 26 17.15 -14.79 41.24
C LYS B 26 18.20 -15.23 42.24
N GLU B 27 19.01 -16.24 41.90
CA GLU B 27 20.11 -16.61 42.77
C GLU B 27 21.16 -15.51 42.85
N LEU B 28 21.13 -14.54 41.93
CA LEU B 28 22.02 -13.39 41.93
C LEU B 28 21.41 -12.17 42.60
N SER B 29 20.53 -12.37 43.60
CA SER B 29 19.91 -11.23 44.26
C SER B 29 20.94 -10.35 44.96
N ASN B 30 21.96 -10.94 45.56
CA ASN B 30 23.03 -10.20 46.20
C ASN B 30 24.34 -10.96 46.00
N GLY B 31 25.44 -10.21 46.04
CA GLY B 31 26.74 -10.80 45.84
C GLY B 31 27.48 -10.25 44.63
N ARG B 32 26.90 -9.25 43.97
CA ARG B 32 27.47 -8.51 42.85
C ARG B 32 27.56 -9.35 41.57
N LYS B 33 27.18 -10.62 41.60
CA LYS B 33 27.18 -11.44 40.39
C LYS B 33 26.02 -11.06 39.49
N ILE B 34 26.30 -10.93 38.19
CA ILE B 34 25.32 -10.53 37.20
C ILE B 34 25.34 -11.53 36.05
N ALA B 35 24.19 -11.68 35.39
CA ALA B 35 24.10 -12.53 34.21
C ALA B 35 24.17 -11.66 32.95
N ILE B 36 24.91 -12.14 31.95
CA ILE B 36 25.13 -11.38 30.73
C ILE B 36 24.88 -12.28 29.53
N CYS B 37 24.09 -11.78 28.58
CA CYS B 37 23.81 -12.49 27.34
C CYS B 37 23.69 -11.46 26.21
N GLY B 38 23.21 -11.90 25.06
CA GLY B 38 23.05 -11.02 23.92
C GLY B 38 24.08 -11.26 22.85
N LYS B 39 24.93 -10.26 22.60
CA LYS B 39 25.97 -10.34 21.58
C LYS B 39 27.35 -10.60 22.17
N VAL B 40 27.41 -11.03 23.42
CA VAL B 40 28.69 -11.34 24.05
C VAL B 40 29.18 -12.68 23.53
N ASN B 41 30.50 -12.81 23.39
CA ASN B 41 31.08 -14.05 22.87
C ASN B 41 30.80 -15.23 23.78
N ASN B 42 30.88 -15.01 25.10
CA ASN B 42 30.70 -16.06 26.10
C ASN B 42 29.62 -15.63 27.09
N PRO B 43 28.35 -15.80 26.74
CA PRO B 43 27.27 -15.47 27.67
C PRO B 43 27.36 -16.34 28.93
N GLY B 44 27.04 -15.73 30.06
CA GLY B 44 27.08 -16.44 31.31
C GLY B 44 26.98 -15.49 32.49
N ILE B 45 27.24 -16.03 33.67
CA ILE B 45 27.18 -15.29 34.93
C ILE B 45 28.60 -15.07 35.43
N ILE B 46 28.99 -13.81 35.59
CA ILE B 46 30.33 -13.45 36.06
C ILE B 46 30.20 -12.43 37.18
N GLU B 47 31.25 -12.32 37.98
CA GLU B 47 31.32 -11.36 39.08
C GLU B 47 32.10 -10.14 38.62
N VAL B 48 31.43 -9.00 38.54
CA VAL B 48 32.11 -7.77 38.15
C VAL B 48 33.01 -7.30 39.29
N PRO B 49 34.26 -6.94 39.01
CA PRO B 49 35.15 -6.46 40.08
C PRO B 49 34.76 -5.09 40.57
N GLU B 50 35.50 -4.61 41.57
CA GLU B 50 35.20 -3.31 42.18
C GLU B 50 35.32 -2.18 41.16
N GLY B 51 36.53 -1.98 40.62
CA GLY B 51 36.72 -0.98 39.60
C GLY B 51 36.58 -1.55 38.20
N ALA B 52 35.40 -1.38 37.61
CA ALA B 52 35.12 -1.96 36.30
C ALA B 52 34.02 -1.16 35.62
N THR B 53 34.20 -0.91 34.32
CA THR B 53 33.20 -0.22 33.52
C THR B 53 32.42 -1.23 32.68
N LEU B 54 31.46 -0.71 31.91
CA LEU B 54 30.67 -1.56 31.04
C LEU B 54 31.55 -2.21 29.96
N ASN B 55 32.49 -1.45 29.40
CA ASN B 55 33.41 -2.01 28.41
C ASN B 55 34.28 -3.09 29.02
N GLU B 56 34.73 -2.89 30.26
CA GLU B 56 35.50 -3.93 30.94
C GLU B 56 34.67 -5.17 31.19
N ILE B 57 33.38 -5.00 31.49
CA ILE B 57 32.48 -6.15 31.63
C ILE B 57 32.38 -6.90 30.31
N ILE B 58 32.20 -6.17 29.21
CA ILE B 58 32.11 -6.81 27.90
C ILE B 58 33.39 -7.57 27.58
N GLN B 59 34.55 -6.97 27.89
CA GLN B 59 35.82 -7.65 27.69
C GLN B 59 35.91 -8.91 28.55
N LEU B 60 35.41 -8.84 29.79
CA LEU B 60 35.36 -10.02 30.63
C LEU B 60 34.48 -11.10 30.02
N CYS B 61 33.48 -10.70 29.24
CA CYS B 61 32.63 -11.64 28.52
C CYS B 61 33.25 -12.11 27.20
N GLY B 62 34.43 -11.60 26.85
CA GLY B 62 35.06 -11.96 25.60
C GLY B 62 34.74 -11.06 24.43
N GLY B 63 34.20 -9.88 24.67
CA GLY B 63 33.88 -8.96 23.59
C GLY B 63 32.54 -9.31 22.94
N LEU B 64 32.40 -8.86 21.69
CA LEU B 64 31.19 -9.08 20.92
C LEU B 64 31.49 -10.03 19.76
N ILE B 65 30.41 -10.52 19.13
CA ILE B 65 30.47 -11.66 18.22
C ILE B 65 31.45 -11.44 17.08
N ASN B 66 31.36 -10.28 16.42
CA ASN B 66 32.19 -10.02 15.24
C ASN B 66 32.88 -8.67 15.34
N LYS B 67 33.38 -8.34 16.54
CA LYS B 67 34.05 -7.05 16.81
C LYS B 67 33.17 -5.86 16.47
N SER B 68 31.85 -6.06 16.49
CA SER B 68 30.93 -4.97 16.21
C SER B 68 30.95 -3.97 17.36
N ASN B 69 30.63 -2.71 17.05
CA ASN B 69 30.57 -1.68 18.08
C ASN B 69 29.37 -1.90 18.99
N PHE B 70 29.49 -1.43 20.23
CA PHE B 70 28.42 -1.56 21.21
C PHE B 70 27.30 -0.59 20.86
N LYS B 71 26.06 -1.09 20.88
CA LYS B 71 24.88 -0.29 20.54
C LYS B 71 24.05 0.08 21.75
N ALA B 72 23.60 -0.91 22.52
CA ALA B 72 22.75 -0.66 23.68
C ALA B 72 22.81 -1.88 24.58
N ALA B 73 22.19 -1.74 25.75
CA ALA B 73 22.17 -2.80 26.74
C ALA B 73 20.89 -2.72 27.56
N GLN B 74 20.02 -3.72 27.42
CA GLN B 74 18.81 -3.78 28.23
C GLN B 74 19.14 -4.24 29.64
N ILE B 75 18.47 -3.65 30.62
CA ILE B 75 18.69 -3.96 32.02
C ILE B 75 17.55 -4.84 32.51
N GLY B 76 17.89 -6.09 32.85
CA GLY B 76 16.93 -7.03 33.39
C GLY B 76 15.96 -7.60 32.38
N LEU B 77 15.52 -8.85 32.60
CA LEU B 77 14.49 -9.45 31.75
C LEU B 77 13.21 -8.63 31.83
N PRO B 78 12.76 -8.23 33.02
CA PRO B 78 11.82 -7.10 33.08
C PRO B 78 12.58 -5.82 32.75
N PHE B 79 12.10 -5.12 31.73
CA PHE B 79 12.84 -3.99 31.17
C PHE B 79 13.11 -2.94 32.26
N GLY B 80 14.36 -2.49 32.34
CA GLY B 80 14.76 -1.51 33.32
C GLY B 80 15.61 -0.41 32.75
N GLY B 81 15.47 -0.16 31.45
CA GLY B 81 16.20 0.90 30.78
C GLY B 81 17.24 0.36 29.83
N PHE B 82 17.74 1.28 28.99
CA PHE B 82 18.82 0.99 28.05
C PHE B 82 20.06 1.76 28.44
N LEU B 83 21.21 1.08 28.44
CA LEU B 83 22.48 1.77 28.50
C LEU B 83 22.95 2.07 27.08
N THR B 84 23.70 3.16 26.94
CA THR B 84 24.16 3.61 25.62
C THR B 84 25.66 3.81 25.67
N GLU B 85 26.20 4.37 24.58
CA GLU B 85 27.65 4.57 24.47
C GLU B 85 28.16 5.57 25.51
N ASP B 86 27.30 6.49 25.95
CA ASP B 86 27.70 7.44 26.98
C ASP B 86 28.01 6.77 28.31
N SER B 87 27.36 5.65 28.61
CA SER B 87 27.66 4.89 29.82
C SER B 87 28.67 3.78 29.59
N LEU B 88 29.15 3.61 28.36
CA LEU B 88 30.13 2.57 28.07
C LEU B 88 31.45 2.83 28.78
N ASP B 89 31.92 4.08 28.80
CA ASP B 89 33.18 4.42 29.44
C ASP B 89 33.04 4.69 30.93
N LYS B 90 31.82 4.78 31.44
CA LYS B 90 31.60 5.07 32.85
C LYS B 90 31.54 3.76 33.64
N GLU B 91 31.85 3.86 34.94
CA GLU B 91 31.81 2.70 35.80
C GLU B 91 30.40 2.15 35.90
N PHE B 92 30.28 0.83 35.97
CA PHE B 92 28.98 0.17 36.05
C PHE B 92 28.33 0.52 37.38
N ASP B 93 27.27 1.32 37.34
CA ASP B 93 26.60 1.76 38.57
C ASP B 93 25.49 0.77 38.91
N PHE B 94 25.56 0.18 40.10
CA PHE B 94 24.50 -0.69 40.56
C PHE B 94 23.30 0.15 41.03
N GLY B 95 22.25 -0.55 41.45
CA GLY B 95 21.00 0.08 41.78
C GLY B 95 20.02 0.17 40.63
N ILE B 96 20.48 -0.06 39.40
CA ILE B 96 19.58 -0.13 38.26
C ILE B 96 18.68 -1.34 38.33
N PHE B 97 19.04 -2.32 39.16
CA PHE B 97 18.17 -3.46 39.46
C PHE B 97 17.33 -3.15 40.70
N TYR B 98 16.43 -2.18 40.53
CA TYR B 98 15.72 -1.59 41.67
C TYR B 98 14.86 -2.63 42.40
N GLU B 99 13.79 -3.09 41.77
CA GLU B 99 12.93 -4.08 42.41
C GLU B 99 12.31 -4.99 41.36
N ASN B 100 12.18 -6.28 41.72
CA ASN B 100 11.49 -7.28 40.89
C ASN B 100 12.10 -7.34 39.50
N ILE B 101 13.41 -7.16 39.42
CA ILE B 101 14.14 -7.20 38.16
C ILE B 101 15.42 -7.99 38.37
N ALA B 102 15.68 -8.94 37.47
CA ALA B 102 16.86 -9.79 37.59
C ALA B 102 18.12 -8.99 37.30
N ARG B 103 19.19 -9.29 38.04
CA ARG B 103 20.48 -8.64 37.83
C ARG B 103 21.12 -9.23 36.57
N THR B 104 20.62 -8.79 35.42
CA THR B 104 21.10 -9.28 34.15
C THR B 104 21.07 -8.16 33.11
N ILE B 105 21.94 -8.27 32.12
CA ILE B 105 22.03 -7.31 31.03
C ILE B 105 22.04 -8.07 29.70
N ILE B 106 21.25 -7.58 28.74
CA ILE B 106 21.23 -8.12 27.39
C ILE B 106 21.95 -7.12 26.50
N VAL B 107 23.07 -7.54 25.91
CA VAL B 107 23.94 -6.65 25.17
C VAL B 107 23.50 -6.57 23.72
N LEU B 108 23.35 -5.36 23.20
CA LEU B 108 23.03 -5.11 21.81
C LEU B 108 24.24 -4.51 21.11
N SER B 109 24.57 -5.06 19.94
CA SER B 109 25.66 -4.55 19.11
C SER B 109 25.08 -3.87 17.89
N GLN B 110 25.97 -3.40 17.00
CA GLN B 110 25.54 -2.77 15.76
C GLN B 110 24.88 -3.75 14.79
N GLU B 111 24.80 -5.03 15.14
CA GLU B 111 24.09 -6.02 14.35
C GLU B 111 22.68 -6.30 14.87
N ASP B 112 22.21 -5.53 15.85
CA ASP B 112 20.89 -5.70 16.44
C ASP B 112 19.98 -4.59 15.95
N CYS B 113 18.89 -4.95 15.29
CA CYS B 113 17.86 -4.00 14.97
C CYS B 113 16.97 -3.77 16.19
N ILE B 114 16.71 -2.51 16.51
CA ILE B 114 15.88 -2.22 17.67
C ILE B 114 14.44 -2.67 17.46
N ILE B 115 13.95 -2.61 16.23
CA ILE B 115 12.60 -3.08 15.94
C ILE B 115 12.49 -4.58 16.17
N GLN B 116 13.45 -5.34 15.66
CA GLN B 116 13.46 -6.78 15.86
C GLN B 116 13.64 -7.11 17.34
N PHE B 117 14.48 -6.34 18.04
CA PHE B 117 14.70 -6.55 19.46
C PHE B 117 13.42 -6.36 20.25
N GLU B 118 12.66 -5.31 19.94
CA GLU B 118 11.41 -5.07 20.66
C GLU B 118 10.34 -6.09 20.28
N LYS B 119 10.34 -6.54 19.02
CA LYS B 119 9.43 -7.60 18.62
C LYS B 119 9.71 -8.88 19.40
N PHE B 120 11.00 -9.22 19.55
CA PHE B 120 11.37 -10.38 20.34
C PHE B 120 11.01 -10.20 21.80
N TYR B 121 11.17 -8.99 22.35
CA TYR B 121 10.80 -8.75 23.73
C TYR B 121 9.29 -8.92 23.95
N ILE B 122 8.49 -8.43 23.01
CA ILE B 122 7.04 -8.58 23.13
C ILE B 122 6.65 -10.04 22.98
N GLU B 123 7.31 -10.78 22.09
CA GLU B 123 7.07 -12.21 21.97
C GLU B 123 7.41 -12.93 23.27
N TYR B 124 8.52 -12.55 23.90
CA TYR B 124 8.90 -13.13 25.19
C TYR B 124 7.85 -12.83 26.26
N LEU B 125 7.36 -11.59 26.28
CA LEU B 125 6.33 -11.23 27.25
C LEU B 125 5.07 -12.04 27.03
N LEU B 126 4.66 -12.20 25.77
CA LEU B 126 3.45 -12.99 25.48
C LEU B 126 3.64 -14.45 25.85
N ALA B 127 4.83 -15.01 25.57
CA ALA B 127 5.13 -16.38 25.96
C ALA B 127 5.14 -16.56 27.47
N LYS B 128 5.50 -15.52 28.23
CA LYS B 128 5.37 -15.61 29.68
C LYS B 128 3.91 -15.53 30.10
N ILE B 129 3.16 -14.60 29.51
CA ILE B 129 1.75 -14.41 29.89
C ILE B 129 0.93 -15.67 29.60
N LYS B 130 1.31 -16.43 28.57
CA LYS B 130 0.56 -17.64 28.25
C LYS B 130 0.59 -18.66 29.37
N ASP B 131 1.52 -18.52 30.32
CA ASP B 131 1.58 -19.39 31.48
C ASP B 131 1.53 -18.52 32.73
N GLY B 132 1.77 -19.13 33.89
CA GLY B 132 1.65 -18.43 35.16
C GLY B 132 2.64 -17.31 35.39
N SER B 133 3.82 -17.38 34.76
CA SER B 133 4.82 -16.33 34.92
C SER B 133 4.34 -15.03 34.31
N TYR B 134 4.71 -13.92 34.93
CA TYR B 134 4.30 -12.57 34.49
C TYR B 134 2.77 -12.49 34.35
N LYS B 135 2.07 -13.06 35.33
CA LYS B 135 0.62 -13.09 35.27
C LYS B 135 0.02 -11.68 35.35
N ASN B 136 0.72 -10.75 36.02
CA ASN B 136 0.21 -9.39 36.13
C ASN B 136 0.29 -8.63 34.80
N TYR B 137 0.95 -9.20 33.80
CA TYR B 137 1.03 -8.57 32.48
C TYR B 137 -0.17 -8.86 31.61
N GLU B 138 -1.15 -9.62 32.09
CA GLU B 138 -2.32 -9.95 31.28
C GLU B 138 -3.14 -8.71 30.96
N VAL B 139 -3.09 -7.69 31.83
CA VAL B 139 -3.85 -6.47 31.61
C VAL B 139 -3.36 -5.71 30.38
N VAL B 140 -2.07 -5.72 30.10
CA VAL B 140 -1.50 -5.02 28.95
C VAL B 140 -1.33 -5.93 27.75
N LYS B 141 -1.97 -7.11 27.74
CA LYS B 141 -1.76 -8.05 26.65
C LYS B 141 -2.20 -7.48 25.31
N GLU B 142 -3.39 -6.86 25.27
CA GLU B 142 -3.88 -6.29 24.02
C GLU B 142 -3.02 -5.13 23.55
N ASP B 143 -2.57 -4.27 24.47
CA ASP B 143 -1.75 -3.13 24.08
C ASP B 143 -0.39 -3.59 23.54
N ILE B 144 0.24 -4.56 24.21
CA ILE B 144 1.52 -5.04 23.70
C ILE B 144 1.33 -5.82 22.40
N THR B 145 0.18 -6.47 22.21
CA THR B 145 -0.10 -7.12 20.94
C THR B 145 -0.24 -6.11 19.82
N GLU B 146 -0.91 -4.98 20.09
CA GLU B 146 -1.00 -3.93 19.08
C GLU B 146 0.36 -3.30 18.81
N MET B 147 1.18 -3.13 19.83
CA MET B 147 2.56 -2.68 19.59
C MET B 147 3.31 -3.66 18.71
N PHE B 148 3.14 -4.96 18.96
CA PHE B 148 3.80 -5.96 18.14
C PHE B 148 3.33 -5.89 16.70
N ASN B 149 2.03 -5.70 16.50
CA ASN B 149 1.51 -5.57 15.14
C ASN B 149 2.08 -4.35 14.44
N ILE B 150 2.15 -3.21 15.14
CA ILE B 150 2.72 -2.00 14.55
C ILE B 150 4.19 -2.21 14.20
N LEU B 151 4.94 -2.84 15.11
CA LEU B 151 6.36 -3.09 14.87
C LEU B 151 6.56 -4.07 13.72
N ASN B 152 5.68 -5.06 13.60
CA ASN B 152 5.73 -5.99 12.49
C ASN B 152 5.48 -5.28 11.18
N ARG B 153 4.51 -4.36 11.16
CA ARG B 153 4.27 -3.56 9.97
C ARG B 153 5.47 -2.69 9.63
N ILE B 154 6.14 -2.15 10.66
CA ILE B 154 7.35 -1.37 10.44
C ILE B 154 8.44 -2.24 9.82
N SER B 155 8.65 -3.42 10.38
CA SER B 155 9.69 -4.32 9.89
C SER B 155 9.37 -4.86 8.50
N LYS B 156 8.09 -4.89 8.12
CA LYS B 156 7.70 -5.31 6.79
C LYS B 156 7.61 -4.16 5.79
N GLY B 157 7.85 -2.93 6.24
CA GLY B 157 7.79 -1.80 5.34
C GLY B 157 6.41 -1.38 4.92
N VAL B 158 5.38 -1.72 5.71
CA VAL B 158 4.00 -1.39 5.37
C VAL B 158 3.40 -0.53 6.48
N SER B 159 4.23 0.30 7.10
CA SER B 159 3.81 1.17 8.19
C SER B 159 3.83 2.63 7.75
N ASN B 160 3.60 3.52 8.71
CA ASN B 160 3.58 4.95 8.44
C ASN B 160 4.14 5.69 9.64
N MET B 161 4.33 7.00 9.46
CA MET B 161 4.86 7.85 10.53
C MET B 161 3.90 7.93 11.70
N ARG B 162 2.59 7.95 11.44
CA ARG B 162 1.59 8.08 12.50
C ARG B 162 1.57 6.87 13.42
N GLU B 163 2.09 5.73 12.95
CA GLU B 163 2.17 4.57 13.81
C GLU B 163 3.15 4.79 14.96
N ILE B 164 4.13 5.71 14.78
CA ILE B 164 4.99 6.07 15.89
C ILE B 164 4.20 6.81 16.97
N TYR B 165 3.29 7.70 16.57
CA TYR B 165 2.43 8.35 17.55
C TYR B 165 1.53 7.34 18.25
N LEU B 166 1.03 6.36 17.48
CA LEU B 166 0.24 5.28 18.10
C LEU B 166 1.08 4.51 19.11
N LEU B 167 2.35 4.24 18.78
CA LEU B 167 3.23 3.54 19.71
C LEU B 167 3.49 4.39 20.95
N ARG B 168 3.63 5.71 20.78
CA ARG B 168 3.77 6.60 21.93
C ARG B 168 2.58 6.48 22.86
N ASN B 169 1.37 6.52 22.30
CA ASN B 169 0.17 6.40 23.12
C ASN B 169 0.10 5.04 23.81
N LEU B 170 0.46 3.98 23.09
CA LEU B 170 0.43 2.65 23.68
C LEU B 170 1.45 2.51 24.81
N ALA B 171 2.63 3.10 24.63
CA ALA B 171 3.65 3.07 25.69
C ALA B 171 3.18 3.84 26.91
N VAL B 172 2.53 4.98 26.69
CA VAL B 172 1.98 5.74 27.81
C VAL B 172 0.93 4.91 28.54
N THR B 173 0.07 4.23 27.79
CA THR B 173 -0.97 3.41 28.40
C THR B 173 -0.38 2.27 29.22
N VAL B 174 0.60 1.56 28.66
CA VAL B 174 1.17 0.40 29.34
C VAL B 174 1.97 0.82 30.56
N LYS B 175 2.73 1.91 30.45
CA LYS B 175 3.55 2.35 31.57
C LYS B 175 2.70 2.73 32.77
N SER B 176 1.56 3.38 32.53
CA SER B 176 0.73 3.85 33.63
C SER B 176 0.09 2.70 34.38
N LYS B 177 -0.51 1.76 33.65
CA LYS B 177 -1.27 0.70 34.31
C LYS B 177 -0.39 -0.46 34.78
N MET B 178 0.89 -0.50 34.39
CA MET B 178 1.82 -1.47 34.94
C MET B 178 2.63 -0.91 36.10
N ASN B 179 2.52 0.38 36.39
CA ASN B 179 3.27 1.02 37.47
C ASN B 179 4.77 0.77 37.32
N GLN B 180 5.25 0.85 36.09
CA GLN B 180 6.66 0.60 35.78
C GLN B 180 7.38 1.93 35.55
N LYS B 181 8.59 2.05 36.09
CA LYS B 181 9.36 3.26 35.93
C LYS B 181 10.17 3.29 34.64
N HIS B 182 10.20 2.18 33.90
CA HIS B 182 10.82 2.13 32.58
C HIS B 182 9.94 1.33 31.63
N ASN B 183 9.66 1.91 30.47
CA ASN B 183 8.90 1.23 29.42
C ASN B 183 9.77 1.14 28.18
N ILE B 184 9.84 -0.07 27.59
CA ILE B 184 10.78 -0.31 26.50
C ILE B 184 10.36 0.47 25.26
N MET B 185 9.07 0.56 24.98
CA MET B 185 8.60 1.31 23.82
C MET B 185 8.92 2.79 23.96
N GLU B 186 8.70 3.35 25.16
CA GLU B 186 8.98 4.76 25.38
C GLU B 186 10.46 5.06 25.24
N GLU B 187 11.31 4.22 25.82
CA GLU B 187 12.75 4.47 25.77
C GLU B 187 13.31 4.25 24.37
N ILE B 188 12.77 3.27 23.63
CA ILE B 188 13.21 3.05 22.26
C ILE B 188 12.88 4.27 21.40
N ILE B 189 11.67 4.82 21.55
CA ILE B 189 11.31 6.03 20.81
C ILE B 189 12.27 7.16 21.16
N ASP B 190 12.63 7.26 22.44
CA ASP B 190 13.51 8.35 22.89
C ASP B 190 14.92 8.20 22.31
N LYS B 191 15.44 6.98 22.25
CA LYS B 191 16.86 6.78 21.98
C LYS B 191 17.18 6.36 20.55
N PHE B 192 16.37 5.52 19.91
CA PHE B 192 16.62 5.04 18.56
C PHE B 192 15.58 5.55 17.58
N TYR B 193 15.15 6.79 17.78
CA TYR B 193 14.17 7.39 16.87
C TYR B 193 14.72 7.49 15.46
N GLU B 194 16.02 7.74 15.33
CA GLU B 194 16.63 7.78 14.01
C GLU B 194 16.52 6.42 13.30
N GLU B 195 16.76 5.34 14.03
CA GLU B 195 16.62 4.01 13.45
C GLU B 195 15.18 3.72 13.07
N ILE B 196 14.23 4.09 13.93
CA ILE B 196 12.82 3.87 13.62
C ILE B 196 12.40 4.67 12.39
N GLU B 197 12.84 5.93 12.32
CA GLU B 197 12.52 6.78 11.19
C GLU B 197 13.14 6.24 9.90
N GLU B 198 14.37 5.73 9.98
CA GLU B 198 14.97 5.11 8.81
C GLU B 198 14.16 3.91 8.36
N HIS B 199 13.76 3.06 9.31
CA HIS B 199 12.93 1.90 9.00
C HIS B 199 11.67 2.31 8.27
N ILE B 200 10.99 3.36 8.75
CA ILE B 200 9.69 3.70 8.18
C ILE B 200 9.84 4.47 6.87
N GLU B 201 10.56 5.59 6.89
CA GLU B 201 10.66 6.43 5.70
C GLU B 201 11.54 5.82 4.62
N GLU B 202 12.71 5.29 4.97
CA GLU B 202 13.65 4.80 3.97
C GLU B 202 13.43 3.34 3.61
N LYS B 203 12.55 2.63 4.32
CA LYS B 203 12.35 1.18 4.13
C LYS B 203 13.67 0.44 4.25
N LYS B 204 14.52 0.90 5.18
CA LYS B 204 15.88 0.38 5.31
C LYS B 204 16.14 -0.05 6.73
N CYS B 205 16.65 -1.26 6.89
CA CYS B 205 17.14 -1.76 8.18
C CYS B 205 18.66 -1.79 8.08
N TYR B 206 19.32 -0.84 8.73
CA TYR B 206 20.77 -0.69 8.57
C TYR B 206 21.54 -1.87 9.16
N THR B 207 20.94 -2.61 10.08
CA THR B 207 21.54 -3.84 10.60
C THR B 207 21.17 -5.07 9.78
N SER B 208 20.26 -4.92 8.82
CA SER B 208 19.81 -6.00 7.94
C SER B 208 19.15 -7.15 8.69
N GLN B 209 18.65 -6.90 9.91
CA GLN B 209 17.91 -7.92 10.62
C GLN B 209 16.49 -8.08 10.09
N CYS B 210 15.87 -6.98 9.66
CA CYS B 210 14.56 -7.05 9.01
C CYS B 210 14.77 -7.54 7.58
N ASN B 211 14.46 -8.82 7.35
CA ASN B 211 14.71 -9.40 6.03
C ASN B 211 13.86 -8.78 4.94
N HIS B 212 12.80 -8.04 5.30
CA HIS B 212 11.99 -7.37 4.31
C HIS B 212 12.47 -5.97 3.97
N LEU B 213 13.46 -5.46 4.70
CA LEU B 213 13.97 -4.10 4.50
C LEU B 213 15.48 -4.11 4.25
N VAL B 214 15.97 -5.15 3.59
CA VAL B 214 17.40 -5.32 3.41
C VAL B 214 17.86 -4.48 2.21
N LYS B 215 18.90 -3.68 2.42
CA LYS B 215 19.54 -2.91 1.37
C LYS B 215 21.01 -3.33 1.28
N LEU B 216 21.54 -3.34 0.06
CA LEU B 216 22.95 -3.70 -0.12
C LEU B 216 23.84 -2.62 0.47
N THR B 217 24.62 -3.00 1.48
CA THR B 217 25.45 -2.07 2.23
C THR B 217 26.89 -2.55 2.18
N ILE B 218 27.81 -1.64 1.87
CA ILE B 218 29.24 -1.95 1.89
C ILE B 218 29.72 -1.81 3.33
N THR B 219 30.33 -2.87 3.86
CA THR B 219 30.78 -2.89 5.24
C THR B 219 32.18 -2.29 5.36
N LYS B 220 32.69 -2.27 6.59
CA LYS B 220 33.94 -1.58 6.87
C LYS B 220 35.16 -2.32 6.33
N LYS B 221 35.03 -3.61 5.99
CA LYS B 221 36.17 -4.35 5.45
C LYS B 221 36.42 -4.06 3.98
N CYS B 222 35.82 -3.01 3.43
CA CYS B 222 36.11 -2.60 2.06
C CYS B 222 37.55 -2.14 1.93
N ILE B 223 38.21 -2.56 0.85
CA ILE B 223 39.59 -2.17 0.59
C ILE B 223 39.66 -1.08 -0.49
N GLY B 224 38.53 -0.69 -1.06
CA GLY B 224 38.51 0.35 -2.07
C GLY B 224 39.18 -0.01 -3.37
N CYS B 225 39.01 -1.24 -3.84
CA CYS B 225 39.62 -1.63 -5.11
C CYS B 225 38.85 -1.11 -6.32
N GLY B 226 37.59 -0.72 -6.14
CA GLY B 226 36.80 -0.18 -7.22
C GLY B 226 36.14 -1.21 -8.13
N ALA B 227 36.29 -2.50 -7.83
CA ALA B 227 35.67 -3.52 -8.67
C ALA B 227 34.16 -3.42 -8.68
N CYS B 228 33.55 -3.14 -7.52
CA CYS B 228 32.11 -2.97 -7.47
C CYS B 228 31.66 -1.78 -8.29
N LYS B 229 32.39 -0.67 -8.21
CA LYS B 229 32.06 0.51 -9.00
C LYS B 229 32.16 0.22 -10.49
N ARG B 230 33.20 -0.51 -10.90
CA ARG B 230 33.34 -0.87 -12.31
C ARG B 230 32.20 -1.80 -12.75
N ALA B 231 31.79 -2.73 -11.90
CA ALA B 231 30.81 -3.73 -12.30
C ALA B 231 29.38 -3.20 -12.19
N CYS B 232 29.17 -2.08 -11.51
CA CYS B 232 27.82 -1.58 -11.32
C CYS B 232 27.22 -1.09 -12.63
N PRO B 233 26.04 -1.58 -13.02
CA PRO B 233 25.49 -1.15 -14.33
C PRO B 233 24.86 0.22 -14.29
N VAL B 234 24.33 0.66 -13.15
CA VAL B 234 23.63 1.94 -13.06
C VAL B 234 24.47 3.01 -12.37
N ASP B 235 25.77 2.78 -12.19
CA ASP B 235 26.67 3.76 -11.57
C ASP B 235 26.14 4.18 -10.20
N CYS B 236 25.71 3.20 -9.41
CA CYS B 236 25.09 3.45 -8.12
C CYS B 236 26.09 3.56 -6.99
N ILE B 237 27.36 3.28 -7.24
CA ILE B 237 28.37 3.18 -6.20
C ILE B 237 29.35 4.33 -6.34
N ASN B 238 29.57 5.05 -5.24
CA ASN B 238 30.56 6.13 -5.19
C ASN B 238 31.69 5.75 -4.25
N GLY B 239 32.89 6.23 -4.56
CA GLY B 239 34.04 5.97 -3.72
C GLY B 239 35.32 6.29 -4.45
N GLU B 240 36.42 6.23 -3.69
CA GLU B 240 37.74 6.54 -4.21
C GLU B 240 38.66 5.37 -3.92
N LEU B 241 39.84 5.40 -4.55
CA LEU B 241 40.80 4.31 -4.44
C LEU B 241 41.29 4.16 -3.00
N LYS B 242 41.38 2.90 -2.56
CA LYS B 242 41.92 2.47 -1.27
C LYS B 242 41.08 2.89 -0.08
N LYS B 243 39.88 3.43 -0.28
CA LYS B 243 39.01 3.79 0.83
C LYS B 243 37.60 3.26 0.58
N LYS B 244 36.78 3.32 1.63
CA LYS B 244 35.49 2.67 1.64
C LYS B 244 34.56 3.26 0.58
N HIS B 245 33.82 2.39 -0.09
CA HIS B 245 32.81 2.80 -1.06
C HIS B 245 31.42 2.76 -0.43
N GLU B 246 30.46 3.39 -1.10
CA GLU B 246 29.10 3.47 -0.61
C GLU B 246 28.13 3.21 -1.73
N ILE B 247 27.08 2.46 -1.44
CA ILE B 247 26.05 2.13 -2.42
C ILE B 247 24.82 2.99 -2.17
N ASP B 248 24.35 3.67 -3.20
CA ASP B 248 23.11 4.43 -3.14
C ASP B 248 21.93 3.49 -3.26
N TYR B 249 21.42 2.99 -2.12
CA TYR B 249 20.38 1.97 -2.14
C TYR B 249 19.10 2.47 -2.79
N ASN B 250 18.90 3.79 -2.88
CA ASN B 250 17.71 4.31 -3.55
C ASN B 250 17.70 3.95 -5.03
N ARG B 251 18.84 4.05 -5.71
CA ARG B 251 18.93 3.70 -7.12
C ARG B 251 19.44 2.28 -7.36
N CYS B 252 19.72 1.53 -6.29
CA CYS B 252 20.23 0.17 -6.45
C CYS B 252 19.16 -0.75 -7.04
N THR B 253 19.57 -1.57 -8.00
CA THR B 253 18.67 -2.56 -8.61
C THR B 253 18.78 -3.93 -7.96
N HIS B 254 19.70 -4.11 -7.01
CA HIS B 254 19.93 -5.37 -6.31
C HIS B 254 20.36 -6.48 -7.25
N CYS B 255 21.01 -6.15 -8.36
CA CYS B 255 21.43 -7.18 -9.31
C CYS B 255 22.53 -8.06 -8.72
N GLY B 256 23.30 -7.55 -7.77
CA GLY B 256 24.32 -8.34 -7.13
C GLY B 256 25.62 -8.48 -7.90
N ALA B 257 25.80 -7.70 -8.97
CA ALA B 257 27.06 -7.74 -9.71
C ALA B 257 28.22 -7.27 -8.84
N CYS B 258 27.98 -6.25 -8.02
CA CYS B 258 29.01 -5.77 -7.11
C CYS B 258 29.41 -6.83 -6.10
N VAL B 259 28.44 -7.60 -5.61
CA VAL B 259 28.73 -8.67 -4.66
C VAL B 259 29.63 -9.72 -5.30
N SER B 260 29.35 -10.09 -6.55
CA SER B 260 30.21 -11.04 -7.25
C SER B 260 31.59 -10.46 -7.50
N ALA B 261 31.67 -9.17 -7.82
CA ALA B 261 32.96 -8.56 -8.15
C ALA B 261 33.81 -8.32 -6.91
N CYS B 262 33.19 -8.26 -5.73
CA CYS B 262 33.91 -7.90 -4.52
C CYS B 262 34.88 -9.01 -4.13
N PRO B 263 36.17 -8.72 -3.98
CA PRO B 263 37.13 -9.78 -3.63
C PRO B 263 37.17 -10.10 -2.15
N VAL B 264 36.70 -9.20 -1.28
CA VAL B 264 36.82 -9.37 0.17
C VAL B 264 35.47 -9.58 0.84
N ASP B 265 34.40 -9.77 0.06
CA ASP B 265 33.06 -10.01 0.58
C ASP B 265 32.60 -8.88 1.51
N ALA B 266 32.94 -7.65 1.15
CA ALA B 266 32.58 -6.49 1.97
C ALA B 266 31.15 -6.02 1.71
N ILE B 267 30.50 -6.51 0.66
CA ILE B 267 29.17 -6.05 0.28
C ILE B 267 28.17 -7.05 0.85
N SER B 268 27.41 -6.60 1.85
CA SER B 268 26.44 -7.45 2.51
C SER B 268 25.02 -7.14 2.03
N ALA B 269 24.20 -8.18 1.98
CA ALA B 269 22.80 -8.06 1.60
C ALA B 269 21.94 -8.87 2.56
N GLY B 270 22.25 -8.78 3.85
CA GLY B 270 21.52 -9.52 4.85
C GLY B 270 21.90 -10.98 4.89
N ASP B 271 21.33 -11.73 5.83
CA ASP B 271 21.62 -13.15 5.96
C ASP B 271 20.49 -13.79 6.75
N ASN B 272 19.73 -14.66 6.11
CA ASN B 272 18.62 -15.35 6.76
C ASN B 272 19.00 -16.73 7.28
N THR B 273 20.30 -16.98 7.45
CA THR B 273 20.75 -18.28 7.93
C THR B 273 20.21 -18.57 9.34
N MET B 274 20.27 -17.58 10.23
CA MET B 274 19.76 -17.76 11.58
C MET B 274 18.27 -18.04 11.56
N LEU B 275 17.51 -17.29 10.77
CA LEU B 275 16.08 -17.52 10.65
C LEU B 275 15.79 -18.93 10.15
N PHE B 276 16.55 -19.37 9.14
CA PHE B 276 16.35 -20.71 8.59
C PHE B 276 16.64 -21.78 9.63
N LEU B 277 17.72 -21.61 10.40
CA LEU B 277 18.07 -22.60 11.43
C LEU B 277 17.01 -22.66 12.52
N ARG B 278 16.52 -21.50 12.98
CA ARG B 278 15.45 -21.51 13.98
C ARG B 278 14.18 -22.14 13.43
N ASP B 279 13.85 -21.85 12.17
CA ASP B 279 12.66 -22.44 11.57
C ASP B 279 12.79 -23.95 11.48
N LEU B 280 13.96 -24.44 11.10
CA LEU B 280 14.18 -25.88 11.01
C LEU B 280 14.12 -26.54 12.39
N ALA B 281 14.68 -25.89 13.40
CA ALA B 281 14.70 -26.46 14.74
C ALA B 281 13.37 -26.31 15.49
N THR B 282 12.46 -25.49 14.99
CA THR B 282 11.19 -25.29 15.66
C THR B 282 10.29 -26.53 15.50
N PRO B 283 9.85 -27.16 16.58
CA PRO B 283 8.95 -28.31 16.45
C PRO B 283 7.60 -27.91 15.87
N ASN B 284 6.97 -28.86 15.17
CA ASN B 284 5.66 -28.69 14.54
C ASN B 284 5.64 -27.58 13.50
N LYS B 285 6.80 -27.15 13.02
CA LYS B 285 6.88 -26.09 12.01
C LYS B 285 7.21 -26.73 10.67
N VAL B 286 6.28 -26.67 9.72
CA VAL B 286 6.48 -27.25 8.39
C VAL B 286 7.35 -26.29 7.58
N VAL B 287 8.52 -26.77 7.18
CA VAL B 287 9.47 -25.99 6.38
C VAL B 287 9.63 -26.67 5.03
N ILE B 288 9.36 -25.94 3.97
CA ILE B 288 9.51 -26.43 2.60
C ILE B 288 10.50 -25.53 1.88
N THR B 289 11.19 -26.09 0.89
CA THR B 289 12.19 -25.35 0.13
C THR B 289 11.95 -25.52 -1.35
N GLN B 290 12.23 -24.47 -2.10
CA GLN B 290 12.28 -24.51 -3.55
C GLN B 290 13.67 -24.11 -4.01
N MET B 291 14.21 -24.87 -4.96
CA MET B 291 15.58 -24.69 -5.42
C MET B 291 15.58 -24.14 -6.83
N ALA B 292 16.31 -23.05 -7.04
CA ALA B 292 16.43 -22.46 -8.36
C ALA B 292 17.25 -23.37 -9.27
N PRO B 293 17.02 -23.30 -10.59
CA PRO B 293 17.81 -24.14 -11.51
C PRO B 293 19.31 -23.92 -11.42
N ALA B 294 19.75 -22.68 -11.23
CA ALA B 294 21.18 -22.37 -11.26
C ALA B 294 21.91 -22.83 -10.00
N VAL B 295 21.18 -23.10 -8.91
CA VAL B 295 21.84 -23.51 -7.68
C VAL B 295 22.50 -24.87 -7.84
N ARG B 296 21.83 -25.81 -8.51
CA ARG B 296 22.30 -27.18 -8.59
C ARG B 296 23.55 -27.33 -9.45
N VAL B 297 23.86 -26.34 -10.29
CA VAL B 297 25.03 -26.44 -11.17
C VAL B 297 26.19 -25.57 -10.70
N ALA B 298 26.07 -24.95 -9.53
CA ALA B 298 27.12 -24.10 -8.99
C ALA B 298 27.53 -24.46 -7.57
N ILE B 299 26.64 -25.07 -6.80
CA ILE B 299 26.92 -25.36 -5.40
C ILE B 299 27.96 -26.45 -5.26
N GLY B 300 28.15 -27.29 -6.29
CA GLY B 300 29.10 -28.37 -6.22
C GLY B 300 30.55 -27.91 -6.32
N GLU B 301 30.78 -26.70 -6.82
CA GLU B 301 32.15 -26.20 -6.94
C GLU B 301 32.80 -26.04 -5.58
N ALA B 302 32.02 -25.68 -4.56
CA ALA B 302 32.55 -25.58 -3.20
C ALA B 302 32.78 -26.94 -2.56
N PHE B 303 32.11 -27.99 -3.04
CA PHE B 303 32.21 -29.32 -2.46
C PHE B 303 33.04 -30.27 -3.32
N GLY B 304 33.68 -29.76 -4.36
CA GLY B 304 34.61 -30.58 -5.12
C GLY B 304 34.06 -31.12 -6.43
N PHE B 305 32.95 -30.57 -6.91
CA PHE B 305 32.40 -30.93 -8.21
C PHE B 305 32.82 -29.88 -9.24
N GLU B 306 32.96 -30.33 -10.48
CA GLU B 306 33.24 -29.42 -11.57
C GLU B 306 32.02 -28.55 -11.84
N PRO B 307 32.21 -27.34 -12.37
CA PRO B 307 31.06 -26.50 -12.72
C PRO B 307 30.16 -27.19 -13.74
N GLY B 308 28.85 -27.03 -13.54
CA GLY B 308 27.87 -27.65 -14.41
C GLY B 308 27.41 -29.03 -13.98
N GLU B 309 28.02 -29.61 -12.95
CA GLU B 309 27.59 -30.92 -12.47
C GLU B 309 26.27 -30.78 -11.70
N ASN B 310 25.32 -31.65 -12.01
CA ASN B 310 24.00 -31.62 -11.37
C ASN B 310 24.07 -32.38 -10.06
N VAL B 311 24.02 -31.64 -8.96
CA VAL B 311 24.03 -32.25 -7.63
C VAL B 311 22.74 -31.97 -6.87
N GLU B 312 21.62 -31.85 -7.60
CA GLU B 312 20.34 -31.56 -6.95
C GLU B 312 19.94 -32.68 -5.98
N LYS B 313 20.32 -33.92 -6.29
CA LYS B 313 20.08 -35.02 -5.36
C LYS B 313 20.83 -34.80 -4.05
N LYS B 314 22.10 -34.40 -4.15
CA LYS B 314 22.90 -34.10 -2.96
C LYS B 314 22.31 -32.93 -2.17
N ILE B 315 21.85 -31.90 -2.88
CA ILE B 315 21.24 -30.75 -2.20
C ILE B 315 19.98 -31.18 -1.46
N ALA B 316 19.15 -32.01 -2.10
CA ALA B 316 17.94 -32.49 -1.44
C ALA B 316 18.27 -33.31 -0.21
N ALA B 317 19.28 -34.18 -0.31
CA ALA B 317 19.69 -34.98 0.85
C ALA B 317 20.19 -34.08 1.98
N GLY B 318 21.00 -33.08 1.64
CA GLY B 318 21.50 -32.18 2.66
C GLY B 318 20.40 -31.38 3.34
N LEU B 319 19.43 -30.90 2.55
CA LEU B 319 18.31 -30.18 3.12
C LEU B 319 17.47 -31.06 4.03
N ARG B 320 17.22 -32.31 3.61
CA ARG B 320 16.45 -33.21 4.46
C ARG B 320 17.20 -33.53 5.74
N LYS B 321 18.52 -33.67 5.67
CA LYS B 321 19.31 -33.86 6.88
C LYS B 321 19.24 -32.64 7.79
N LEU B 322 19.28 -31.44 7.20
CA LEU B 322 19.08 -30.22 7.98
C LEU B 322 17.70 -30.17 8.63
N GLY B 323 16.70 -30.81 8.02
CA GLY B 323 15.37 -30.87 8.58
C GLY B 323 14.27 -30.32 7.70
N VAL B 324 14.54 -30.08 6.42
CA VAL B 324 13.49 -29.60 5.52
C VAL B 324 12.48 -30.70 5.30
N ASP B 325 11.21 -30.40 5.57
CA ASP B 325 10.16 -31.42 5.46
C ASP B 325 9.87 -31.77 4.01
N TYR B 326 9.84 -30.78 3.13
CA TYR B 326 9.57 -31.02 1.72
C TYR B 326 10.57 -30.26 0.87
N VAL B 327 11.29 -30.99 0.03
CA VAL B 327 12.27 -30.40 -0.89
C VAL B 327 11.63 -30.35 -2.27
N PHE B 328 11.42 -29.15 -2.78
CA PHE B 328 10.83 -28.94 -4.08
C PHE B 328 11.82 -28.25 -5.02
N ASP B 329 11.33 -27.91 -6.21
CA ASP B 329 12.16 -27.32 -7.24
C ASP B 329 11.45 -26.11 -7.83
N THR B 330 12.19 -25.02 -8.03
CA THR B 330 11.65 -23.85 -8.68
C THR B 330 11.43 -24.08 -10.17
N SER B 331 12.00 -25.14 -10.74
CA SER B 331 11.76 -25.44 -12.15
C SER B 331 10.32 -25.85 -12.40
N TRP B 332 9.64 -26.38 -11.38
CA TRP B 332 8.20 -26.62 -11.50
C TRP B 332 7.45 -25.30 -11.69
N GLY B 333 7.77 -24.30 -10.86
CA GLY B 333 7.20 -22.99 -11.05
C GLY B 333 7.61 -22.37 -12.38
N ALA B 334 8.79 -22.72 -12.87
CA ALA B 334 9.21 -22.26 -14.19
C ALA B 334 8.34 -22.86 -15.28
N ASP B 335 7.98 -24.14 -15.16
CA ASP B 335 7.05 -24.74 -16.12
C ASP B 335 5.68 -24.06 -16.05
N LEU B 336 5.20 -23.78 -14.84
CA LEU B 336 3.94 -23.06 -14.70
C LEU B 336 4.02 -21.67 -15.32
N THR B 337 5.13 -20.97 -15.09
CA THR B 337 5.33 -19.64 -15.64
C THR B 337 5.36 -19.68 -17.16
N ILE B 338 5.98 -20.71 -17.73
CA ILE B 338 5.97 -20.85 -19.19
C ILE B 338 4.56 -21.11 -19.69
N MET B 339 3.80 -21.94 -18.97
CA MET B 339 2.42 -22.20 -19.37
C MET B 339 1.61 -20.91 -19.42
N GLU B 340 1.84 -20.01 -18.46
CA GLU B 340 1.15 -18.72 -18.49
C GLU B 340 1.70 -17.82 -19.59
N GLU B 341 3.03 -17.73 -19.71
CA GLU B 341 3.65 -16.72 -20.57
C GLU B 341 3.49 -17.04 -22.04
N ALA B 342 3.56 -18.32 -22.40
CA ALA B 342 3.34 -18.69 -23.79
C ALA B 342 1.92 -18.38 -24.23
N ALA B 343 0.94 -18.64 -23.37
CA ALA B 343 -0.44 -18.27 -23.67
C ALA B 343 -0.58 -16.76 -23.81
N GLU B 344 0.05 -16.00 -22.90
CA GLU B 344 -0.01 -14.55 -23.00
C GLU B 344 0.62 -14.05 -24.30
N LEU B 345 1.76 -14.64 -24.68
CA LEU B 345 2.44 -14.26 -25.91
C LEU B 345 1.58 -14.59 -27.13
N GLN B 346 0.93 -15.76 -27.11
CA GLN B 346 0.03 -16.12 -28.21
C GLN B 346 -1.13 -15.14 -28.31
N GLU B 347 -1.69 -14.75 -27.16
CA GLU B 347 -2.81 -13.79 -27.17
C GLU B 347 -2.36 -12.45 -27.73
N ARG B 348 -1.18 -11.97 -27.31
CA ARG B 348 -0.73 -10.66 -27.78
C ARG B 348 -0.27 -10.71 -29.22
N LEU B 349 0.15 -11.88 -29.72
CA LEU B 349 0.48 -12.01 -31.13
C LEU B 349 -0.78 -12.03 -31.99
N GLU B 350 -1.81 -12.74 -31.52
CA GLU B 350 -3.08 -12.75 -32.25
C GLU B 350 -3.73 -11.38 -32.24
N ARG B 351 -3.61 -10.64 -31.13
CA ARG B 351 -4.12 -9.28 -31.07
C ARG B 351 -3.23 -8.28 -31.79
N HIS B 352 -2.12 -8.73 -32.38
CA HIS B 352 -1.27 -7.87 -33.20
C HIS B 352 -1.52 -8.05 -34.68
N LEU B 353 -1.67 -9.31 -35.13
CA LEU B 353 -1.92 -9.58 -36.53
C LEU B 353 -3.36 -9.27 -36.91
N ALA B 354 -4.31 -9.95 -36.28
CA ALA B 354 -5.72 -9.72 -36.53
C ALA B 354 -6.31 -8.63 -35.63
N GLY B 355 -5.55 -8.14 -34.66
CA GLY B 355 -6.04 -7.11 -33.77
C GLY B 355 -5.71 -5.71 -34.25
N ASP B 356 -5.25 -4.85 -33.34
CA ASP B 356 -4.96 -3.46 -33.68
C ASP B 356 -3.81 -2.97 -32.80
N GLU B 357 -3.65 -1.64 -32.78
CA GLU B 357 -2.52 -1.02 -32.10
C GLU B 357 -2.61 -1.06 -30.59
N SER B 358 -3.76 -1.44 -30.02
CA SER B 358 -3.89 -1.48 -28.57
C SER B 358 -2.97 -2.53 -27.94
N VAL B 359 -2.56 -3.54 -28.70
CA VAL B 359 -1.64 -4.55 -28.16
C VAL B 359 -0.25 -3.94 -27.98
N LYS B 360 0.55 -4.59 -27.15
CA LYS B 360 1.89 -4.12 -26.82
C LYS B 360 2.90 -5.22 -27.16
N LEU B 361 3.85 -4.89 -28.03
CA LEU B 361 4.95 -5.77 -28.36
C LEU B 361 6.25 -4.98 -28.36
N PRO B 362 7.38 -5.62 -28.03
CA PRO B 362 7.54 -7.02 -27.65
C PRO B 362 7.13 -7.28 -26.20
N ILE B 363 6.76 -8.51 -25.86
CA ILE B 363 6.53 -8.87 -24.47
C ILE B 363 7.87 -9.13 -23.81
N LEU B 364 8.03 -8.64 -22.58
CA LEU B 364 9.28 -8.78 -21.84
C LEU B 364 9.09 -9.73 -20.67
N THR B 365 10.09 -10.58 -20.45
CA THR B 365 10.05 -11.49 -19.32
C THR B 365 10.10 -10.71 -18.01
N SER B 366 9.28 -11.14 -17.05
CA SER B 366 9.21 -10.51 -15.74
C SER B 366 9.79 -11.39 -14.64
N CYS B 367 10.53 -12.45 -14.98
CA CYS B 367 11.05 -13.36 -13.99
C CYS B 367 12.22 -12.80 -13.20
N CYS B 368 12.95 -11.83 -13.76
CA CYS B 368 14.09 -11.27 -13.07
C CYS B 368 13.66 -10.09 -12.19
N PRO B 369 13.76 -10.21 -10.87
CA PRO B 369 13.33 -9.10 -10.00
C PRO B 369 14.23 -7.88 -10.08
N SER B 370 15.52 -8.06 -10.33
CA SER B 370 16.40 -6.90 -10.50
C SER B 370 16.01 -6.09 -11.74
N TRP B 371 15.67 -6.77 -12.83
CA TRP B 371 15.19 -6.09 -14.02
C TRP B 371 13.85 -5.40 -13.77
N ILE B 372 12.98 -6.06 -12.99
CA ILE B 372 11.71 -5.44 -12.63
C ILE B 372 11.93 -4.17 -11.80
N LYS B 373 12.84 -4.24 -10.84
CA LYS B 373 13.16 -3.06 -10.04
C LYS B 373 13.76 -1.96 -10.92
N PHE B 374 14.61 -2.34 -11.86
CA PHE B 374 15.21 -1.36 -12.77
C PHE B 374 14.15 -0.66 -13.61
N ILE B 375 13.20 -1.43 -14.15
CA ILE B 375 12.17 -0.83 -14.99
C ILE B 375 11.11 -0.08 -14.16
N GLU B 376 10.96 -0.42 -12.89
CA GLU B 376 10.07 0.35 -12.02
C GLU B 376 10.70 1.66 -11.56
N GLN B 377 12.04 1.69 -11.38
CA GLN B 377 12.74 2.91 -11.00
C GLN B 377 12.97 3.83 -12.19
N ASN B 378 13.72 3.36 -13.19
CA ASN B 378 13.87 4.10 -14.43
C ASN B 378 12.89 3.57 -15.47
N TYR B 379 12.52 4.44 -16.40
CA TYR B 379 11.56 4.10 -17.46
C TYR B 379 10.24 3.62 -16.86
N GLY B 380 9.69 4.40 -15.93
CA GLY B 380 8.48 4.02 -15.23
C GLY B 380 7.22 4.01 -16.06
N ASP B 381 7.27 4.53 -17.29
CA ASP B 381 6.11 4.54 -18.16
C ASP B 381 5.95 3.25 -18.94
N MET B 382 6.86 2.30 -18.79
CA MET B 382 6.85 1.04 -19.52
C MET B 382 6.37 -0.14 -18.68
N LEU B 383 5.69 0.13 -17.56
CA LEU B 383 5.31 -0.93 -16.63
C LEU B 383 4.26 -1.88 -17.20
N ASP B 384 3.55 -1.49 -18.26
CA ASP B 384 2.56 -2.35 -18.88
C ASP B 384 3.12 -3.17 -20.03
N VAL B 385 4.40 -3.01 -20.37
CA VAL B 385 5.04 -3.77 -21.43
C VAL B 385 5.45 -5.16 -20.97
N PRO B 386 6.12 -5.34 -19.82
CA PRO B 386 6.50 -6.70 -19.41
C PRO B 386 5.29 -7.54 -19.07
N SER B 387 5.49 -8.87 -19.14
CA SER B 387 4.43 -9.81 -18.82
C SER B 387 3.96 -9.63 -17.39
N SER B 388 2.65 -9.71 -17.19
CA SER B 388 2.08 -9.63 -15.86
C SER B 388 2.30 -10.91 -15.05
N ALA B 389 2.81 -11.96 -15.67
CA ALA B 389 3.03 -13.22 -14.98
C ALA B 389 4.09 -13.07 -13.90
N LYS B 390 3.88 -13.74 -12.78
CA LYS B 390 4.85 -13.73 -11.70
C LYS B 390 6.09 -14.54 -12.08
N SER B 391 7.17 -14.32 -11.34
CA SER B 391 8.36 -15.12 -11.52
C SER B 391 8.09 -16.55 -11.07
N PRO B 392 8.88 -17.52 -11.54
CA PRO B 392 8.68 -18.90 -11.08
C PRO B 392 8.70 -19.07 -9.57
N MET B 393 9.57 -18.34 -8.87
CA MET B 393 9.63 -18.46 -7.41
C MET B 393 8.32 -18.05 -6.78
N GLU B 394 7.77 -16.91 -7.19
CA GLU B 394 6.51 -16.44 -6.62
C GLU B 394 5.32 -17.28 -7.05
N MET B 395 5.32 -17.77 -8.29
CA MET B 395 4.28 -18.69 -8.73
C MET B 395 4.28 -19.94 -7.86
N PHE B 396 5.45 -20.54 -7.66
CA PHE B 396 5.57 -21.70 -6.81
C PHE B 396 5.10 -21.40 -5.40
N ALA B 397 5.52 -20.25 -4.86
CA ALA B 397 5.20 -19.89 -3.49
C ALA B 397 3.70 -19.74 -3.30
N ILE B 398 3.04 -19.01 -4.20
CA ILE B 398 1.61 -18.80 -4.04
C ILE B 398 0.85 -20.10 -4.25
N VAL B 399 1.29 -20.95 -5.18
CA VAL B 399 0.63 -22.23 -5.36
C VAL B 399 0.78 -23.08 -4.10
N ALA B 400 1.98 -23.13 -3.53
CA ALA B 400 2.21 -23.93 -2.34
C ALA B 400 1.39 -23.42 -1.16
N LYS B 401 1.26 -22.10 -1.02
CA LYS B 401 0.51 -21.55 0.11
C LYS B 401 -1.00 -21.69 -0.08
N GLU B 402 -1.51 -21.57 -1.31
CA GLU B 402 -2.94 -21.46 -1.51
C GLU B 402 -3.59 -22.78 -1.92
N ILE B 403 -2.82 -23.75 -2.40
CA ILE B 403 -3.36 -24.99 -2.94
C ILE B 403 -2.80 -26.20 -2.19
N TRP B 404 -1.48 -26.36 -2.22
CA TRP B 404 -0.84 -27.54 -1.61
C TRP B 404 -1.08 -27.58 -0.11
N ALA B 405 -0.76 -26.50 0.58
CA ALA B 405 -0.96 -26.45 2.03
C ALA B 405 -2.44 -26.49 2.38
N LYS B 406 -3.28 -25.82 1.59
CA LYS B 406 -4.71 -25.82 1.87
C LYS B 406 -5.29 -27.23 1.78
N GLU B 407 -4.89 -27.99 0.76
CA GLU B 407 -5.41 -29.34 0.59
C GLU B 407 -4.74 -30.36 1.50
N LYS B 408 -3.58 -30.06 2.08
CA LYS B 408 -3.04 -30.90 3.14
C LYS B 408 -3.35 -30.35 4.53
N GLY B 409 -4.21 -29.35 4.62
CA GLY B 409 -4.73 -28.92 5.91
C GLY B 409 -3.82 -28.00 6.69
N LEU B 410 -3.00 -27.21 6.02
CA LEU B 410 -2.11 -26.25 6.67
C LEU B 410 -2.45 -24.85 6.21
N SER B 411 -2.59 -23.93 7.15
CA SER B 411 -2.79 -22.54 6.81
C SER B 411 -1.48 -21.92 6.32
N ARG B 412 -1.57 -20.71 5.77
CA ARG B 412 -0.39 -20.06 5.22
C ARG B 412 0.63 -19.73 6.31
N ASP B 413 0.17 -19.54 7.54
CA ASP B 413 1.08 -19.26 8.65
C ASP B 413 1.75 -20.52 9.20
N GLU B 414 1.24 -21.70 8.85
CA GLU B 414 1.81 -22.96 9.33
C GLU B 414 2.85 -23.55 8.39
N VAL B 415 3.09 -22.92 7.24
CA VAL B 415 4.06 -23.39 6.26
C VAL B 415 5.12 -22.31 6.09
N THR B 416 6.39 -22.69 6.28
CA THR B 416 7.52 -21.79 6.06
C THR B 416 8.13 -22.12 4.70
N SER B 417 7.89 -21.26 3.73
CA SER B 417 8.35 -21.47 2.36
C SER B 417 9.68 -20.73 2.18
N VAL B 418 10.76 -21.48 2.03
CA VAL B 418 12.11 -20.94 1.89
C VAL B 418 12.56 -21.13 0.45
N ALA B 419 13.07 -20.06 -0.15
CA ALA B 419 13.58 -20.10 -1.51
C ALA B 419 15.10 -20.11 -1.49
N ILE B 420 15.70 -21.09 -2.13
CA ILE B 420 17.14 -21.19 -2.29
C ILE B 420 17.48 -20.64 -3.67
N MET B 421 18.06 -19.45 -3.70
CA MET B 421 18.23 -18.73 -4.95
C MET B 421 19.68 -18.32 -5.13
N PRO B 422 20.12 -18.16 -6.38
CA PRO B 422 21.45 -17.61 -6.65
C PRO B 422 21.48 -16.09 -6.73
N CYS B 423 20.44 -15.41 -6.28
CA CYS B 423 20.20 -14.02 -6.60
C CYS B 423 20.04 -13.19 -5.34
N ILE B 424 20.65 -11.99 -5.34
CA ILE B 424 20.42 -11.03 -4.27
C ILE B 424 19.01 -10.45 -4.36
N ALA B 425 18.57 -10.11 -5.58
CA ALA B 425 17.29 -9.43 -5.76
C ALA B 425 16.09 -10.31 -5.44
N LYS B 426 16.30 -11.63 -5.33
CA LYS B 426 15.19 -12.50 -4.93
C LYS B 426 14.71 -12.20 -3.52
N LYS B 427 15.62 -11.75 -2.65
CA LYS B 427 15.21 -11.32 -1.32
C LYS B 427 14.23 -10.14 -1.41
N TYR B 428 14.55 -9.16 -2.25
CA TYR B 428 13.67 -8.02 -2.45
C TYR B 428 12.33 -8.46 -3.03
N GLU B 429 12.37 -9.35 -4.02
CA GLU B 429 11.12 -9.83 -4.62
C GLU B 429 10.25 -10.55 -3.60
N ALA B 430 10.86 -11.41 -2.78
CA ALA B 430 10.11 -12.09 -1.74
C ALA B 430 9.58 -11.11 -0.70
N SER B 431 10.29 -10.00 -0.50
CA SER B 431 9.88 -8.99 0.47
C SER B 431 8.81 -8.04 -0.07
N ARG B 432 8.57 -8.03 -1.38
CA ARG B 432 7.54 -7.16 -1.93
C ARG B 432 6.17 -7.45 -1.31
N ALA B 433 5.42 -6.39 -1.01
CA ALA B 433 4.20 -6.52 -0.22
C ALA B 433 3.09 -7.23 -0.98
N GLU B 434 3.01 -7.02 -2.30
CA GLU B 434 1.93 -7.63 -3.07
C GLU B 434 1.97 -9.16 -3.04
N PHE B 435 3.13 -9.74 -2.74
CA PHE B 435 3.25 -11.18 -2.57
C PHE B 435 3.05 -11.62 -1.13
N SER B 436 1.93 -11.22 -0.52
CA SER B 436 1.67 -11.54 0.87
C SER B 436 0.18 -11.44 1.15
N VAL B 437 -0.26 -12.18 2.17
CA VAL B 437 -1.64 -12.13 2.65
C VAL B 437 -1.62 -12.04 4.16
N ASP B 438 -2.25 -11.00 4.71
CA ASP B 438 -2.38 -10.82 6.15
C ASP B 438 -1.01 -10.89 6.83
N MET B 439 -0.04 -10.18 6.26
CA MET B 439 1.33 -10.08 6.71
C MET B 439 2.11 -11.38 6.56
N ASN B 440 1.54 -12.41 5.95
CA ASN B 440 2.24 -13.66 5.67
C ASN B 440 2.67 -13.67 4.21
N TYR B 441 3.97 -13.63 3.98
CA TYR B 441 4.50 -13.53 2.63
C TYR B 441 4.59 -14.91 1.99
N ASP B 442 4.40 -14.95 0.67
CA ASP B 442 4.40 -16.22 -0.05
C ASP B 442 5.74 -16.91 0.08
N VAL B 443 6.84 -16.17 -0.09
CA VAL B 443 8.17 -16.63 0.26
C VAL B 443 8.54 -15.98 1.58
N ASP B 444 8.74 -16.81 2.61
CA ASP B 444 9.07 -16.27 3.92
C ASP B 444 10.41 -15.56 3.90
N TYR B 445 11.42 -16.17 3.28
CA TYR B 445 12.73 -15.53 3.11
C TYR B 445 13.53 -16.30 2.08
N VAL B 446 14.61 -15.68 1.62
CA VAL B 446 15.46 -16.24 0.57
C VAL B 446 16.82 -16.58 1.15
N ILE B 447 17.31 -17.78 0.85
CA ILE B 447 18.65 -18.21 1.22
C ILE B 447 19.48 -18.31 -0.05
N THR B 448 20.62 -17.63 -0.07
CA THR B 448 21.47 -17.65 -1.24
C THR B 448 22.29 -18.95 -1.30
N THR B 449 22.91 -19.17 -2.45
CA THR B 449 23.77 -20.35 -2.61
C THR B 449 24.96 -20.30 -1.66
N ARG B 450 25.55 -19.11 -1.49
CA ARG B 450 26.67 -18.96 -0.55
C ARG B 450 26.24 -19.30 0.87
N GLU B 451 25.06 -18.81 1.27
CA GLU B 451 24.57 -19.08 2.62
C GLU B 451 24.29 -20.56 2.82
N LEU B 452 23.73 -21.22 1.80
CA LEU B 452 23.51 -22.66 1.90
C LEU B 452 24.83 -23.43 1.97
N ILE B 453 25.84 -22.97 1.23
CA ILE B 453 27.16 -23.59 1.33
C ILE B 453 27.70 -23.46 2.74
N LYS B 454 27.59 -22.27 3.33
CA LYS B 454 28.05 -22.06 4.70
C LYS B 454 27.29 -22.94 5.68
N ILE B 455 25.97 -23.07 5.50
CA ILE B 455 25.17 -23.90 6.39
C ILE B 455 25.61 -25.35 6.29
N PHE B 456 25.81 -25.84 5.06
CA PHE B 456 26.25 -27.23 4.87
C PHE B 456 27.61 -27.45 5.51
N GLU B 457 28.54 -26.51 5.33
CA GLU B 457 29.88 -26.65 5.89
C GLU B 457 29.84 -26.64 7.41
N ASN B 458 29.02 -25.76 8.00
CA ASN B 458 28.93 -25.67 9.45
C ASN B 458 28.17 -26.84 10.06
N SER B 459 27.32 -27.51 9.29
CA SER B 459 26.59 -28.67 9.78
C SER B 459 27.31 -29.98 9.50
N GLY B 460 28.49 -29.94 8.89
CA GLY B 460 29.21 -31.15 8.58
C GLY B 460 28.69 -31.91 7.37
N ILE B 461 27.80 -31.30 6.59
CA ILE B 461 27.24 -31.95 5.41
C ILE B 461 28.21 -31.75 4.25
N ASN B 462 28.62 -32.85 3.63
CA ASN B 462 29.51 -32.82 2.47
C ASN B 462 28.76 -33.43 1.29
N LEU B 463 28.46 -32.60 0.29
CA LEU B 463 27.68 -33.06 -0.86
C LEU B 463 28.44 -34.08 -1.69
N LYS B 464 29.76 -34.14 -1.58
CA LYS B 464 30.54 -35.09 -2.36
C LYS B 464 30.27 -36.52 -1.94
N GLU B 465 30.12 -36.78 -0.65
CA GLU B 465 29.96 -38.13 -0.13
C GLU B 465 28.59 -38.42 0.44
N ILE B 466 27.68 -37.44 0.49
CA ILE B 466 26.34 -37.71 0.99
C ILE B 466 25.57 -38.55 -0.02
N GLU B 467 24.64 -39.36 0.47
CA GLU B 467 23.88 -40.24 -0.39
C GLU B 467 22.83 -39.46 -1.18
N ASP B 468 22.33 -40.09 -2.23
CA ASP B 468 21.33 -39.44 -3.09
C ASP B 468 19.94 -39.59 -2.52
N GLU B 469 19.13 -38.54 -2.68
CA GLU B 469 17.74 -38.55 -2.26
C GLU B 469 16.88 -37.88 -3.32
N GLU B 470 15.68 -38.41 -3.51
CA GLU B 470 14.77 -37.91 -4.53
C GLU B 470 14.12 -36.61 -4.09
N ILE B 471 13.82 -35.76 -5.08
CA ILE B 471 13.04 -34.56 -4.84
C ILE B 471 11.56 -34.92 -4.81
N ASP B 472 10.81 -34.30 -3.91
CA ASP B 472 9.37 -34.52 -3.85
C ASP B 472 8.72 -34.16 -5.18
N THR B 473 7.85 -35.04 -5.66
CA THR B 473 7.40 -34.94 -7.06
C THR B 473 6.18 -34.04 -7.21
N VAL B 474 5.45 -33.79 -6.11
CA VAL B 474 4.18 -33.06 -6.24
C VAL B 474 4.43 -31.63 -6.70
N MET B 475 5.52 -31.01 -6.28
CA MET B 475 5.88 -29.67 -6.71
C MET B 475 7.37 -29.58 -7.04
N GLY B 476 7.98 -30.71 -7.39
CA GLY B 476 9.39 -30.73 -7.71
C GLY B 476 9.66 -31.32 -9.09
N GLU B 477 8.68 -32.05 -9.62
CA GLU B 477 8.80 -32.57 -10.98
C GLU B 477 8.88 -31.42 -11.97
N TYR B 478 9.81 -31.53 -12.93
CA TYR B 478 10.06 -30.44 -13.87
C TYR B 478 10.58 -31.00 -15.17
N THR B 479 10.57 -30.15 -16.20
CA THR B 479 11.01 -30.52 -17.53
C THR B 479 12.29 -29.78 -17.91
N GLY B 480 12.89 -30.24 -19.01
CA GLY B 480 14.08 -29.58 -19.54
C GLY B 480 13.85 -28.15 -19.97
N ALA B 481 12.62 -27.82 -20.38
CA ALA B 481 12.29 -26.43 -20.66
C ALA B 481 12.32 -25.60 -19.38
N GLY B 482 11.92 -26.20 -18.26
CA GLY B 482 11.96 -25.49 -16.99
C GLY B 482 13.33 -25.41 -16.37
N ILE B 483 14.22 -26.34 -16.69
CA ILE B 483 15.54 -26.30 -16.07
C ILE B 483 16.47 -25.30 -16.76
N ILE B 484 16.23 -24.99 -18.05
CA ILE B 484 17.12 -24.08 -18.75
C ILE B 484 16.91 -22.63 -18.34
N PHE B 485 15.98 -22.38 -17.41
CA PHE B 485 15.72 -21.01 -16.96
C PHE B 485 16.98 -20.38 -16.38
N GLY B 486 17.79 -21.15 -15.67
CA GLY B 486 18.92 -20.62 -14.92
C GLY B 486 20.00 -19.98 -15.77
N ARG B 487 20.01 -20.19 -17.07
CA ARG B 487 21.01 -19.60 -17.95
C ARG B 487 20.32 -18.68 -18.96
N THR B 488 21.10 -17.75 -19.51
CA THR B 488 20.57 -16.74 -20.41
C THR B 488 19.94 -17.37 -21.64
N GLY B 489 18.78 -16.85 -22.02
CA GLY B 489 18.04 -17.36 -23.15
C GLY B 489 17.12 -18.53 -22.85
N GLY B 490 17.24 -19.14 -21.69
CA GLY B 490 16.43 -20.31 -21.38
C GLY B 490 14.96 -20.02 -21.22
N VAL B 491 14.60 -18.89 -20.60
CA VAL B 491 13.20 -18.56 -20.41
C VAL B 491 12.50 -18.40 -21.76
N ILE B 492 13.12 -17.62 -22.66
CA ILE B 492 12.52 -17.40 -23.97
C ILE B 492 12.58 -18.67 -24.81
N GLU B 493 13.60 -19.52 -24.60
CA GLU B 493 13.64 -20.79 -25.32
C GLU B 493 12.48 -21.70 -24.91
N ALA B 494 12.21 -21.79 -23.61
CA ALA B 494 11.09 -22.59 -23.14
C ALA B 494 9.76 -22.03 -23.61
N ALA B 495 9.63 -20.69 -23.57
CA ALA B 495 8.40 -20.06 -24.05
C ALA B 495 8.19 -20.36 -25.54
N THR B 496 9.26 -20.28 -26.33
CA THR B 496 9.17 -20.62 -27.74
C THR B 496 8.79 -22.08 -27.93
N ARG B 497 9.41 -22.97 -27.17
CA ARG B 497 9.11 -24.40 -27.27
C ARG B 497 7.63 -24.66 -27.06
N THR B 498 7.05 -24.03 -26.05
CA THR B 498 5.64 -24.28 -25.74
C THR B 498 4.72 -23.57 -26.74
N ALA B 499 5.11 -22.38 -27.20
CA ALA B 499 4.20 -21.55 -27.97
C ALA B 499 4.17 -21.97 -29.45
N LEU B 500 5.35 -22.10 -30.07
CA LEU B 500 5.38 -22.37 -31.51
C LEU B 500 4.75 -23.71 -31.86
N GLU B 501 4.94 -24.72 -31.02
CA GLU B 501 4.34 -26.02 -31.28
C GLU B 501 2.82 -25.97 -31.33
N LYS B 502 2.18 -25.23 -30.42
CA LYS B 502 0.74 -25.05 -30.46
C LYS B 502 0.29 -24.10 -31.57
N MET B 503 1.12 -23.10 -31.92
CA MET B 503 0.75 -22.20 -33.01
C MET B 503 0.76 -22.92 -34.36
N THR B 504 1.70 -23.83 -34.57
CA THR B 504 1.84 -24.52 -35.86
C THR B 504 1.13 -25.85 -35.92
N GLY B 505 0.89 -26.52 -34.79
CA GLY B 505 0.15 -27.76 -34.76
C GLY B 505 0.97 -29.02 -34.81
N GLU B 506 2.28 -28.94 -35.08
CA GLU B 506 3.14 -30.11 -35.16
C GLU B 506 4.33 -29.96 -34.23
N ARG B 507 4.87 -31.10 -33.80
CA ARG B 507 5.99 -31.12 -32.86
C ARG B 507 7.31 -31.02 -33.62
N PHE B 508 8.20 -30.17 -33.11
CA PHE B 508 9.51 -30.01 -33.74
C PHE B 508 10.39 -31.23 -33.48
N ASP B 509 11.17 -31.61 -34.49
CA ASP B 509 12.14 -32.69 -34.32
C ASP B 509 13.29 -32.24 -33.42
N ASN B 510 13.82 -31.04 -33.66
CA ASN B 510 14.88 -30.47 -32.84
C ASN B 510 14.24 -29.48 -31.88
N ILE B 511 14.16 -29.86 -30.60
CA ILE B 511 13.51 -29.01 -29.60
C ILE B 511 14.41 -27.88 -29.13
N GLU B 512 15.71 -27.95 -29.38
CA GLU B 512 16.64 -26.91 -28.98
C GLU B 512 16.69 -25.84 -30.06
N PHE B 513 16.48 -24.59 -29.67
CA PHE B 513 16.46 -23.47 -30.61
C PHE B 513 17.80 -22.75 -30.51
N GLU B 514 18.64 -22.96 -31.53
CA GLU B 514 19.90 -22.23 -31.62
C GLU B 514 19.62 -20.78 -31.99
N GLY B 515 20.61 -19.92 -31.74
CA GLY B 515 20.46 -18.50 -31.88
C GLY B 515 20.01 -17.81 -30.61
N LEU B 516 19.08 -18.42 -29.87
CA LEU B 516 18.74 -17.93 -28.54
C LEU B 516 19.88 -18.18 -27.56
N ARG B 517 20.69 -19.21 -27.79
CA ARG B 517 21.84 -19.49 -26.96
C ARG B 517 23.03 -18.65 -27.41
N GLY B 518 24.13 -18.77 -26.68
CA GLY B 518 25.29 -17.95 -26.91
C GLY B 518 25.63 -17.10 -25.71
N TRP B 519 26.60 -16.19 -25.92
CA TRP B 519 27.09 -15.35 -24.83
C TRP B 519 27.18 -13.87 -25.22
N ASP B 520 26.59 -13.47 -26.34
CA ASP B 520 26.62 -12.06 -26.71
C ASP B 520 25.78 -11.24 -25.73
N GLY B 521 26.14 -9.97 -25.58
CA GLY B 521 25.38 -9.10 -24.69
C GLY B 521 23.93 -8.99 -25.08
N PHE B 522 23.66 -8.81 -26.37
CA PHE B 522 22.31 -8.84 -26.91
C PHE B 522 22.30 -9.75 -28.13
N ARG B 523 21.40 -10.72 -28.14
CA ARG B 523 21.29 -11.70 -29.20
C ARG B 523 19.95 -11.59 -29.89
N VAL B 524 19.96 -11.56 -31.21
CA VAL B 524 18.75 -11.45 -32.02
C VAL B 524 18.56 -12.75 -32.78
N CYS B 525 17.39 -13.36 -32.65
CA CYS B 525 17.06 -14.60 -33.34
C CYS B 525 15.77 -14.43 -34.11
N GLU B 526 15.76 -14.94 -35.34
CA GLU B 526 14.59 -14.90 -36.21
C GLU B 526 14.15 -16.33 -36.48
N LEU B 527 12.87 -16.62 -36.20
CA LEU B 527 12.33 -17.96 -36.32
C LEU B 527 11.35 -18.01 -37.49
N GLU B 528 11.53 -18.99 -38.37
CA GLU B 528 10.72 -19.13 -39.57
C GLU B 528 9.81 -20.34 -39.51
N ALA B 529 9.55 -20.88 -38.32
CA ALA B 529 8.71 -22.06 -38.20
C ALA B 529 7.25 -21.71 -38.53
N GLY B 530 6.63 -22.52 -39.40
CA GLY B 530 5.26 -22.29 -39.76
C GLY B 530 5.09 -21.04 -40.62
N ASP B 531 3.85 -20.53 -40.62
CA ASP B 531 3.49 -19.33 -41.37
C ASP B 531 3.62 -18.06 -40.54
N ILE B 532 4.21 -18.14 -39.35
CA ILE B 532 4.41 -16.99 -38.48
C ILE B 532 5.89 -16.83 -38.20
N LYS B 533 6.36 -15.59 -38.17
CA LYS B 533 7.77 -15.28 -37.97
C LYS B 533 7.91 -14.53 -36.65
N LEU B 534 8.79 -15.02 -35.78
CA LEU B 534 9.04 -14.39 -34.49
C LEU B 534 10.48 -13.87 -34.45
N ARG B 535 10.61 -12.59 -34.12
CA ARG B 535 11.92 -11.97 -33.91
C ARG B 535 12.13 -11.82 -32.41
N ILE B 536 13.16 -12.50 -31.90
CA ILE B 536 13.36 -12.65 -30.46
C ILE B 536 14.71 -12.05 -30.08
N GLY B 537 14.70 -11.28 -28.99
CA GLY B 537 15.92 -10.72 -28.43
C GLY B 537 16.20 -11.28 -27.04
N VAL B 538 17.49 -11.34 -26.70
CA VAL B 538 17.93 -11.76 -25.36
C VAL B 538 18.98 -10.77 -24.88
N ALA B 539 18.85 -10.33 -23.63
CA ALA B 539 19.78 -9.38 -23.04
C ALA B 539 20.47 -10.00 -21.83
N HIS B 540 21.78 -9.78 -21.74
CA HIS B 540 22.58 -10.37 -20.65
C HIS B 540 22.49 -9.52 -19.38
N GLY B 541 22.93 -8.27 -19.46
CA GLY B 541 23.00 -7.41 -18.30
C GLY B 541 22.04 -6.25 -18.35
N LEU B 542 22.01 -5.48 -17.25
CA LEU B 542 21.12 -4.33 -17.18
C LEU B 542 21.53 -3.23 -18.14
N ARG B 543 22.83 -3.10 -18.45
CA ARG B 543 23.23 -2.15 -19.48
C ARG B 543 22.64 -2.53 -20.84
N GLU B 544 22.68 -3.82 -21.18
CA GLU B 544 22.04 -4.28 -22.41
C GLU B 544 20.53 -4.06 -22.37
N ALA B 545 19.92 -4.27 -21.20
CA ALA B 545 18.49 -4.02 -21.05
C ALA B 545 18.16 -2.56 -21.31
N ALA B 546 18.96 -1.64 -20.76
CA ALA B 546 18.73 -0.22 -20.99
C ALA B 546 18.91 0.14 -22.46
N LYS B 547 19.95 -0.42 -23.09
CA LYS B 547 20.18 -0.16 -24.51
C LYS B 547 19.01 -0.64 -25.36
N MET B 548 18.48 -1.83 -25.06
CA MET B 548 17.40 -2.35 -25.87
C MET B 548 16.09 -1.62 -25.57
N LEU B 549 15.91 -1.10 -24.35
CA LEU B 549 14.79 -0.22 -24.08
C LEU B 549 14.89 1.06 -24.90
N ASP B 550 16.10 1.62 -25.01
CA ASP B 550 16.29 2.81 -25.83
C ASP B 550 15.99 2.52 -27.30
N LYS B 551 16.44 1.36 -27.79
CA LYS B 551 16.12 0.98 -29.17
C LYS B 551 14.62 0.78 -29.36
N ILE B 552 13.94 0.21 -28.36
CA ILE B 552 12.49 0.02 -28.46
C ILE B 552 11.79 1.37 -28.55
N ARG B 553 12.20 2.32 -27.71
CA ARG B 553 11.60 3.65 -27.75
C ARG B 553 11.87 4.35 -29.08
N SER B 554 13.10 4.24 -29.58
CA SER B 554 13.45 4.87 -30.84
C SER B 554 12.65 4.28 -32.00
N GLY B 555 12.48 2.96 -32.00
CA GLY B 555 11.81 2.28 -33.09
C GLY B 555 12.70 1.85 -34.23
N GLU B 556 14.03 1.95 -34.08
CA GLU B 556 14.94 1.58 -35.16
C GLU B 556 14.86 0.10 -35.47
N GLU B 557 14.56 -0.73 -34.45
CA GLU B 557 14.43 -2.16 -34.64
C GLU B 557 13.21 -2.65 -33.87
N PHE B 558 12.64 -3.75 -34.34
CA PHE B 558 11.42 -4.31 -33.78
C PHE B 558 11.68 -5.72 -33.26
N PHE B 559 10.93 -6.10 -32.23
CA PHE B 559 11.00 -7.44 -31.66
C PHE B 559 9.61 -7.91 -31.29
N HIS B 560 9.46 -9.23 -31.21
CA HIS B 560 8.18 -9.83 -30.83
C HIS B 560 8.16 -10.23 -29.36
N ALA B 561 9.29 -10.69 -28.84
CA ALA B 561 9.43 -11.05 -27.43
C ALA B 561 10.90 -10.97 -27.06
N ILE B 562 11.18 -10.39 -25.91
CA ILE B 562 12.56 -10.21 -25.44
C ILE B 562 12.67 -10.75 -24.02
N GLU B 563 13.68 -11.58 -23.79
CA GLU B 563 14.00 -12.07 -22.45
C GLU B 563 15.12 -11.21 -21.87
N ILE B 564 14.92 -10.74 -20.64
CA ILE B 564 15.86 -9.83 -19.98
C ILE B 564 16.40 -10.50 -18.73
N MET B 565 17.72 -10.50 -18.61
CA MET B 565 18.41 -10.92 -17.40
C MET B 565 19.23 -9.76 -16.87
N ALA B 566 19.44 -9.75 -15.56
CA ALA B 566 20.26 -8.71 -14.95
C ALA B 566 21.72 -9.13 -14.79
N CYS B 567 21.99 -10.42 -14.70
CA CYS B 567 23.33 -10.94 -14.52
C CYS B 567 23.87 -11.50 -15.83
N VAL B 568 25.17 -11.34 -16.05
CA VAL B 568 25.81 -11.88 -17.24
C VAL B 568 25.73 -13.39 -17.19
N GLY B 569 25.19 -13.99 -18.25
CA GLY B 569 25.01 -15.42 -18.33
C GLY B 569 23.73 -15.95 -17.71
N GLY B 570 22.91 -15.10 -17.11
CA GLY B 570 21.70 -15.56 -16.47
C GLY B 570 21.89 -15.75 -14.98
N CYS B 571 21.02 -16.58 -14.41
CA CYS B 571 21.04 -16.81 -12.96
C CYS B 571 22.27 -17.60 -12.52
N ILE B 572 22.94 -18.30 -13.44
CA ILE B 572 24.17 -19.00 -13.08
C ILE B 572 25.25 -18.02 -12.69
N GLY B 573 25.18 -16.78 -13.16
CA GLY B 573 26.10 -15.74 -12.77
C GLY B 573 25.54 -14.82 -11.71
N GLY B 574 24.54 -15.30 -10.98
CA GLY B 574 23.86 -14.45 -10.01
C GLY B 574 24.77 -14.06 -8.85
N GLY B 575 24.39 -12.99 -8.16
CA GLY B 575 25.18 -12.46 -7.07
C GLY B 575 25.30 -13.39 -5.88
N GLY B 576 24.29 -14.23 -5.65
CA GLY B 576 24.32 -15.19 -4.56
C GLY B 576 25.11 -16.45 -4.84
N GLN B 577 25.62 -16.62 -6.06
CA GLN B 577 26.39 -17.78 -6.43
C GLN B 577 27.78 -17.73 -5.79
N PRO B 578 28.39 -18.88 -5.54
CA PRO B 578 29.78 -18.88 -5.07
C PRO B 578 30.70 -18.28 -6.13
N LYS B 579 31.78 -17.65 -5.66
CA LYS B 579 32.74 -17.04 -6.57
C LYS B 579 33.36 -18.11 -7.47
N THR B 580 33.48 -17.79 -8.75
CA THR B 580 34.02 -18.72 -9.72
C THR B 580 35.54 -18.84 -9.56
N LYS B 581 36.08 -19.92 -10.12
CA LYS B 581 37.50 -20.20 -10.10
C LYS B 581 38.03 -20.25 -11.52
N GLY B 582 39.21 -19.67 -11.73
CA GLY B 582 39.75 -19.57 -13.08
C GLY B 582 39.06 -18.46 -13.87
N ASN B 583 38.85 -18.72 -15.15
CA ASN B 583 38.16 -17.76 -15.99
C ASN B 583 36.67 -17.73 -15.64
N LYS B 584 36.17 -16.56 -15.27
CA LYS B 584 34.77 -16.43 -14.87
C LYS B 584 33.84 -16.77 -16.03
N GLN B 585 34.19 -16.32 -17.23
CA GLN B 585 33.37 -16.64 -18.40
C GLN B 585 33.33 -18.14 -18.64
N ALA B 586 34.47 -18.81 -18.52
CA ALA B 586 34.51 -20.25 -18.71
C ALA B 586 33.68 -20.98 -17.66
N ALA B 587 33.76 -20.54 -16.39
CA ALA B 587 32.98 -21.18 -15.35
C ALA B 587 31.48 -20.98 -15.56
N LEU B 588 31.08 -19.77 -15.94
CA LEU B 588 29.67 -19.50 -16.20
C LEU B 588 29.16 -20.30 -17.39
N GLN B 589 29.98 -20.41 -18.44
CA GLN B 589 29.60 -21.23 -19.59
C GLN B 589 29.50 -22.70 -19.20
N LYS B 590 30.36 -23.17 -18.31
CA LYS B 590 30.26 -24.53 -17.81
C LYS B 590 28.96 -24.76 -17.06
N ARG B 591 28.56 -23.77 -16.24
CA ARG B 591 27.28 -23.88 -15.53
C ARG B 591 26.11 -23.93 -16.52
N ALA B 592 26.16 -23.07 -17.54
CA ALA B 592 25.10 -23.05 -18.56
C ALA B 592 25.05 -24.38 -19.31
N GLU B 593 26.22 -24.94 -19.64
CA GLU B 593 26.25 -26.23 -20.32
C GLU B 593 25.75 -27.34 -19.41
N GLY B 594 25.98 -27.24 -18.11
CA GLY B 594 25.40 -28.21 -17.19
C GLY B 594 23.89 -28.15 -17.19
N LEU B 595 23.32 -26.94 -17.20
CA LEU B 595 21.87 -26.82 -17.32
C LEU B 595 21.38 -27.41 -18.64
N ASN B 596 22.11 -27.15 -19.72
CA ASN B 596 21.71 -27.71 -21.02
C ASN B 596 21.76 -29.24 -21.01
N ASN B 597 22.77 -29.82 -20.36
CA ASN B 597 22.85 -31.27 -20.25
C ASN B 597 21.69 -31.83 -19.44
N ILE B 598 21.32 -31.14 -18.36
CA ILE B 598 20.14 -31.56 -17.58
C ILE B 598 18.90 -31.53 -18.47
N ASP B 599 18.76 -30.48 -19.28
CA ASP B 599 17.64 -30.40 -20.21
C ASP B 599 17.65 -31.56 -21.20
N ARG B 600 18.83 -31.90 -21.73
CA ARG B 600 18.93 -32.96 -22.71
C ARG B 600 18.67 -34.34 -22.09
N SER B 601 18.93 -34.49 -20.80
CA SER B 601 18.74 -35.76 -20.12
C SER B 601 17.30 -36.03 -19.73
N LYS B 602 16.42 -35.03 -19.85
CA LYS B 602 15.02 -35.18 -19.43
C LYS B 602 14.18 -35.72 -20.57
N THR B 603 13.32 -36.69 -20.26
CA THR B 603 12.40 -37.23 -21.26
C THR B 603 11.42 -36.16 -21.72
N LEU B 604 10.86 -35.41 -20.78
CA LEU B 604 9.94 -34.32 -21.09
C LEU B 604 10.75 -33.02 -21.21
N ARG B 605 10.69 -32.40 -22.38
CA ARG B 605 11.43 -31.18 -22.65
C ARG B 605 10.53 -29.99 -22.95
N ARG B 606 9.23 -30.11 -22.71
CA ARG B 606 8.27 -29.03 -22.92
C ARG B 606 7.52 -28.79 -21.63
N SER B 607 7.32 -27.51 -21.29
CA SER B 607 6.70 -27.17 -20.01
C SER B 607 5.25 -27.65 -19.95
N ASN B 608 4.54 -27.58 -21.07
CA ASN B 608 3.15 -27.99 -21.12
C ASN B 608 2.98 -29.49 -20.89
N GLU B 609 4.06 -30.28 -20.96
CA GLU B 609 3.96 -31.71 -20.70
C GLU B 609 4.12 -32.06 -19.23
N ASN B 610 4.38 -31.07 -18.38
CA ASN B 610 4.58 -31.31 -16.95
C ASN B 610 3.30 -31.84 -16.33
N PRO B 611 3.29 -33.10 -15.86
CA PRO B 611 2.05 -33.66 -15.31
C PRO B 611 1.53 -32.92 -14.10
N GLU B 612 2.41 -32.45 -13.20
CA GLU B 612 1.94 -31.77 -12.00
C GLU B 612 1.36 -30.40 -12.32
N VAL B 613 1.99 -29.66 -13.24
CA VAL B 613 1.44 -28.37 -13.66
C VAL B 613 0.11 -28.57 -14.36
N LEU B 614 0.02 -29.60 -15.22
CA LEU B 614 -1.24 -29.89 -15.88
C LEU B 614 -2.32 -30.25 -14.87
N ALA B 615 -1.97 -31.03 -13.84
CA ALA B 615 -2.93 -31.37 -12.79
C ALA B 615 -3.39 -30.14 -12.05
N ILE B 616 -2.47 -29.21 -11.75
CA ILE B 616 -2.86 -27.96 -11.11
C ILE B 616 -3.86 -27.21 -11.99
N TYR B 617 -3.60 -27.14 -13.30
CA TYR B 617 -4.51 -26.44 -14.19
C TYR B 617 -5.88 -27.12 -14.28
N GLU B 618 -5.93 -28.46 -14.29
CA GLU B 618 -7.22 -29.11 -14.50
C GLU B 618 -8.03 -29.19 -13.21
N LYS B 619 -7.37 -29.19 -12.06
CA LYS B 619 -8.08 -29.33 -10.78
C LYS B 619 -8.37 -28.01 -10.11
N TYR B 620 -7.44 -27.05 -10.14
CA TYR B 620 -7.54 -25.88 -9.28
C TYR B 620 -7.81 -24.62 -10.10
N LEU B 621 -6.97 -24.31 -11.08
CA LEU B 621 -7.30 -23.31 -12.07
C LEU B 621 -8.17 -23.95 -13.15
N ASP B 622 -8.32 -23.27 -14.28
CA ASP B 622 -9.02 -23.83 -15.42
C ASP B 622 -8.12 -23.99 -16.63
N HIS B 623 -7.37 -22.95 -16.97
CA HIS B 623 -6.47 -22.93 -18.11
C HIS B 623 -5.57 -21.71 -17.97
N PRO B 624 -4.50 -21.64 -18.74
CA PRO B 624 -3.69 -20.41 -18.75
C PRO B 624 -4.53 -19.21 -19.14
N LEU B 625 -4.28 -18.09 -18.49
CA LEU B 625 -4.97 -16.81 -18.68
C LEU B 625 -6.44 -16.85 -18.28
N SER B 626 -6.85 -17.82 -17.46
CA SER B 626 -8.20 -17.80 -16.92
C SER B 626 -8.30 -16.78 -15.79
N ASN B 627 -9.50 -16.63 -15.24
CA ASN B 627 -9.69 -15.68 -14.15
C ASN B 627 -8.88 -16.08 -12.92
N LYS B 628 -9.02 -17.34 -12.49
CA LYS B 628 -8.28 -17.82 -11.33
C LYS B 628 -6.78 -17.80 -11.59
N ALA B 629 -6.37 -18.17 -12.82
CA ALA B 629 -4.96 -18.13 -13.17
C ALA B 629 -4.41 -16.72 -13.06
N HIS B 630 -5.15 -15.73 -13.56
CA HIS B 630 -4.72 -14.34 -13.42
C HIS B 630 -4.62 -13.96 -11.96
N GLU B 631 -5.67 -14.24 -11.18
CA GLU B 631 -5.72 -13.84 -9.78
C GLU B 631 -4.55 -14.40 -8.99
N LEU B 632 -4.17 -15.65 -9.24
CA LEU B 632 -3.09 -16.24 -8.47
C LEU B 632 -1.72 -15.93 -9.05
N LEU B 633 -1.52 -16.18 -10.35
CA LEU B 633 -0.20 -16.20 -10.95
C LEU B 633 0.18 -14.88 -11.62
N HIS B 634 -0.65 -13.85 -11.57
CA HIS B 634 -0.31 -12.58 -12.18
C HIS B 634 -0.30 -11.47 -11.14
N THR B 635 0.57 -10.49 -11.36
CA THR B 635 0.78 -9.40 -10.42
C THR B 635 0.82 -8.09 -11.19
N VAL B 636 1.06 -7.00 -10.47
CA VAL B 636 1.14 -5.67 -11.05
C VAL B 636 2.41 -4.99 -10.57
N TYR B 637 2.83 -3.96 -11.30
CA TYR B 637 4.02 -3.20 -10.98
C TYR B 637 3.65 -1.78 -10.58
N PHE B 638 4.55 -1.14 -9.83
CA PHE B 638 4.31 0.19 -9.30
C PHE B 638 5.46 1.11 -9.71
N PRO B 639 5.17 2.32 -10.18
CA PRO B 639 6.25 3.26 -10.51
C PRO B 639 6.98 3.72 -9.27
N ARG B 640 8.28 3.99 -9.43
CA ARG B 640 9.09 4.59 -8.39
C ARG B 640 9.65 5.93 -8.85
ZN ZN C . -18.33 -0.19 -5.56
FE1 SF4 D . -8.25 22.81 -4.90
FE2 SF4 D . -10.04 24.43 -3.24
FE3 SF4 D . -10.81 21.78 -3.96
FE4 SF4 D . -10.64 23.84 -6.14
S1 SF4 D . -11.74 23.68 -4.37
S2 SF4 D . -9.88 21.86 -5.89
S3 SF4 D . -9.02 24.78 -5.09
S4 SF4 D . -9.06 22.52 -2.97
FE1 SF4 E . -10.94 17.71 -16.46
FE2 SF4 E . -13.48 17.74 -14.87
FE3 SF4 E . -11.03 18.80 -13.79
FE4 SF4 E . -11.27 15.86 -14.30
S1 SF4 E . -12.32 17.25 -13.11
S2 SF4 E . -9.77 17.33 -14.72
S3 SF4 E . -12.43 16.26 -16.05
S4 SF4 E . -12.13 19.25 -15.57
FE1 SF4 F . -22.10 20.03 -21.61
FE2 SF4 F . -22.36 17.09 -21.36
FE3 SF4 F . -22.38 18.75 -19.01
FE4 SF4 F . -19.87 18.48 -20.73
S1 SF4 F . -21.06 17.16 -19.64
S2 SF4 F . -20.91 20.10 -19.85
S3 SF4 F . -21.07 18.38 -22.50
S4 SF4 F . -23.59 18.76 -20.81
FE1 402 G . -10.35 24.76 0.58
FE2 402 G . -8.89 24.20 2.57
S1 402 G . -8.97 26.29 1.57
S2 402 G . -8.54 23.35 0.47
O3 402 G . -11.97 22.50 -0.42
N4 402 G . -12.54 26.63 1.54
O5 402 G . -11.26 23.13 3.20
N6 402 G . -8.18 21.34 3.40
O7 402 G . -8.99 25.44 5.24
C3 402 G . -11.29 23.38 0.11
C4 402 G . -11.68 25.88 1.16
C5 402 G . -10.55 24.01 2.83
C6 402 G . -8.45 22.43 3.19
C7 402 G . -8.95 25.00 4.15
C2 402 G . -7.10 24.25 -0.35
N1 402 G . -6.51 25.38 0.43
C1 402 G . -7.40 26.55 0.62
ZN ZN H . 15.16 -3.44 11.19
FE1 SF4 I . 17.98 -11.63 -12.39
FE2 SF4 I . 18.71 -14.46 -12.19
FE3 SF4 I . 18.57 -12.86 -9.81
FE4 SF4 I . 20.73 -12.24 -11.80
S1 SF4 I . 20.22 -13.94 -10.70
S2 SF4 I . 19.25 -11.08 -10.78
S3 SF4 I . 19.42 -12.82 -13.40
S4 SF4 I . 17.13 -13.26 -11.36
FE1 SF4 J . 25.06 -1.49 -8.61
FE2 SF4 J . 25.65 -3.76 -6.74
FE3 SF4 J . 23.83 -4.09 -8.96
FE4 SF4 J . 23.08 -2.28 -6.69
S1 SF4 J . 23.57 -4.33 -6.86
S2 SF4 J . 23.02 -2.11 -8.82
S3 SF4 J . 25.12 -1.68 -6.50
S4 SF4 J . 25.88 -3.45 -8.85
FE1 SF4 K . 36.45 -3.54 -3.88
FE2 SF4 K . 35.22 -2.32 -1.50
FE3 SF4 K . 34.40 -4.94 -2.35
FE4 SF4 K . 33.82 -2.45 -4.05
S1 SF4 K . 33.31 -3.09 -2.11
S2 SF4 K . 34.58 -4.39 -4.43
S3 SF4 K . 35.69 -1.59 -3.46
S4 SF4 K . 36.34 -4.11 -1.85
FE1 402 L . 16.58 -17.62 -11.64
FE2 402 L . 14.12 -18.19 -11.88
S1 402 L . 15.71 -18.56 -13.53
S2 402 L . 14.92 -16.04 -11.79
O3 402 L . 17.31 -16.37 -9.06
N4 402 L . 18.13 -20.22 -11.47
O5 402 L . 14.77 -19.09 -9.43
N6 402 L . 11.94 -17.03 -10.06
O7 402 L . 12.98 -20.87 -12.33
C3 402 L . 16.90 -16.92 -10.07
C4 402 L . 17.51 -19.17 -11.53
C5 402 L . 14.94 -18.98 -10.61
C6 402 L . 12.71 -17.55 -10.73
C7 402 L . 13.48 -19.80 -12.19
C2 402 L . 14.91 -15.28 -13.52
N1 402 L . 14.50 -16.20 -14.62
C1 402 L . 15.43 -17.32 -14.89
#